data_7EYK
# 
_entry.id   7EYK 
# 
_audit_conform.dict_name       mmcif_pdbx.dic 
_audit_conform.dict_version    5.397 
_audit_conform.dict_location   http://mmcif.pdb.org/dictionaries/ascii/mmcif_pdbx.dic 
# 
loop_
_database_2.database_id 
_database_2.database_code 
_database_2.pdbx_database_accession 
_database_2.pdbx_DOI 
PDB   7EYK         pdb_00007eyk 10.2210/pdb7eyk/pdb 
WWPDB D_1300022523 ?            ?                   
# 
loop_
_pdbx_audit_revision_history.ordinal 
_pdbx_audit_revision_history.data_content_type 
_pdbx_audit_revision_history.major_revision 
_pdbx_audit_revision_history.minor_revision 
_pdbx_audit_revision_history.revision_date 
1 'Structure model' 1 0 2022-02-09 
2 'Structure model' 1 1 2022-02-23 
3 'Structure model' 1 2 2022-05-04 
4 'Structure model' 1 3 2024-10-23 
# 
_pdbx_audit_revision_details.ordinal             1 
_pdbx_audit_revision_details.revision_ordinal    1 
_pdbx_audit_revision_details.data_content_type   'Structure model' 
_pdbx_audit_revision_details.provider            repository 
_pdbx_audit_revision_details.type                'Initial release' 
_pdbx_audit_revision_details.description         ? 
_pdbx_audit_revision_details.details             ? 
# 
loop_
_pdbx_audit_revision_group.ordinal 
_pdbx_audit_revision_group.revision_ordinal 
_pdbx_audit_revision_group.data_content_type 
_pdbx_audit_revision_group.group 
1 2 'Structure model' 'Database references' 
2 3 'Structure model' 'Database references' 
3 4 'Structure model' 'Data collection'     
4 4 'Structure model' 'Structure summary'   
# 
loop_
_pdbx_audit_revision_category.ordinal 
_pdbx_audit_revision_category.revision_ordinal 
_pdbx_audit_revision_category.data_content_type 
_pdbx_audit_revision_category.category 
1 2 'Structure model' citation                  
2 3 'Structure model' citation                  
3 3 'Structure model' citation_author           
4 4 'Structure model' chem_comp_atom            
5 4 'Structure model' chem_comp_bond            
6 4 'Structure model' pdbx_entry_details        
7 4 'Structure model' pdbx_modification_feature 
# 
loop_
_pdbx_audit_revision_item.ordinal 
_pdbx_audit_revision_item.revision_ordinal 
_pdbx_audit_revision_item.data_content_type 
_pdbx_audit_revision_item.item 
1 2 'Structure model' '_citation.title'                              
2 3 'Structure model' '_citation.journal_volume'                     
3 3 'Structure model' '_citation.page_first'                         
4 3 'Structure model' '_citation.page_last'                          
5 3 'Structure model' '_citation_author.identifier_ORCID'            
6 4 'Structure model' '_pdbx_entry_details.has_protein_modification' 
# 
_pdbx_database_status.status_code                     REL 
_pdbx_database_status.status_code_sf                  REL 
_pdbx_database_status.status_code_mr                  ? 
_pdbx_database_status.entry_id                        7EYK 
_pdbx_database_status.recvd_initial_deposition_date   2021-05-31 
_pdbx_database_status.SG_entry                        N 
_pdbx_database_status.deposit_site                    PDBJ 
_pdbx_database_status.process_site                    PDBJ 
_pdbx_database_status.status_code_cs                  ? 
_pdbx_database_status.status_code_nmr_data            ? 
_pdbx_database_status.methods_development_category    ? 
_pdbx_database_status.pdb_format_compatible           Y 
# 
loop_
_audit_author.name 
_audit_author.pdbx_ordinal 
_audit_author.identifier_ORCID 
'Wen, Y.'  1 ? 
'Wu, B.X.' 2 ? 
# 
_citation.abstract                  ? 
_citation.abstract_id_CAS           ? 
_citation.book_id_ISBN              ? 
_citation.book_publisher            ? 
_citation.book_publisher_city       ? 
_citation.book_title                ? 
_citation.coordinate_linkage        ? 
_citation.country                   US 
_citation.database_id_Medline       ? 
_citation.details                   ? 
_citation.id                        primary 
_citation.journal_abbrev            Proteins 
_citation.journal_id_ASTM           PSFGEY 
_citation.journal_id_CSD            0867 
_citation.journal_id_ISSN           1097-0134 
_citation.journal_full              ? 
_citation.journal_issue             ? 
_citation.journal_volume            90 
_citation.language                  ? 
_citation.page_first                1233 
_citation.page_last                 1241 
_citation.title                     
'Crystal structures of a new class of pyrimidine/purine nucleoside phosphorylase revealed a Cupin fold.' 
_citation.year                      2022 
_citation.database_id_CSD           ? 
_citation.pdbx_database_id_DOI      10.1002/prot.26309 
_citation.pdbx_database_id_PubMed   35094440 
_citation.pdbx_database_id_patent   ? 
_citation.unpublished_flag          ? 
# 
loop_
_citation_author.citation_id 
_citation_author.name 
_citation_author.ordinal 
_citation_author.identifier_ORCID 
primary 'Wen, Y.' 1 ? 
primary 'Li, X.'  2 ? 
primary 'Guo, W.' 3 ? 
primary 'Wu, B.'  4 ? 
# 
loop_
_entity.id 
_entity.type 
_entity.src_method 
_entity.pdbx_description 
_entity.formula_weight 
_entity.pdbx_number_of_molecules 
_entity.pdbx_ec 
_entity.pdbx_mutation 
_entity.pdbx_fragment 
_entity.details 
1 polymer man 'Pyrimidine/purine nucleoside phosphorylase' 10468.095 1   ? ? ? ? 
2 water   nat water                                        18.015    151 ? ? ? ? 
# 
_entity_name_com.entity_id   1 
_entity_name_com.name        
;Adenosine phosphorylase,Cytidine phosphorylase,Guanosine phosphorylase,Inosine phosphorylase,Thymidine phosphorylase,Uridine phosphorylase,Xanthosine phosphorylase
;
# 
_entity_poly.entity_id                      1 
_entity_poly.type                           'polypeptide(L)' 
_entity_poly.nstd_linkage                   no 
_entity_poly.nstd_monomer                   yes 
_entity_poly.pdbx_seq_one_letter_code       
;S(MSE)LQSNEYFSGKVKSIGFSSSSTGRASVGV(MSE)VEGEYTFSTAEPEE(MSE)TVISGALNVLLPDATDWQVYEA
GSVFNVPGHSEFHLQVAEPTSYLCRYL
;
_entity_poly.pdbx_seq_one_letter_code_can   
;SMLQSNEYFSGKVKSIGFSSSSTGRASVGVMVEGEYTFSTAEPEEMTVISGALNVLLPDATDWQVYEAGSVFNVPGHSEF
HLQVAEPTSYLCRYL
;
_entity_poly.pdbx_strand_id                 A 
_entity_poly.pdbx_target_identifier         ? 
# 
_pdbx_entity_nonpoly.entity_id   2 
_pdbx_entity_nonpoly.name        water 
_pdbx_entity_nonpoly.comp_id     HOH 
# 
loop_
_entity_poly_seq.entity_id 
_entity_poly_seq.num 
_entity_poly_seq.mon_id 
_entity_poly_seq.hetero 
1 1  SER n 
1 2  MSE n 
1 3  LEU n 
1 4  GLN n 
1 5  SER n 
1 6  ASN n 
1 7  GLU n 
1 8  TYR n 
1 9  PHE n 
1 10 SER n 
1 11 GLY n 
1 12 LYS n 
1 13 VAL n 
1 14 LYS n 
1 15 SER n 
1 16 ILE n 
1 17 GLY n 
1 18 PHE n 
1 19 SER n 
1 20 SER n 
1 21 SER n 
1 22 SER n 
1 23 THR n 
1 24 GLY n 
1 25 ARG n 
1 26 ALA n 
1 27 SER n 
1 28 VAL n 
1 29 GLY n 
1 30 VAL n 
1 31 MSE n 
1 32 VAL n 
1 33 GLU n 
1 34 GLY n 
1 35 GLU n 
1 36 TYR n 
1 37 THR n 
1 38 PHE n 
1 39 SER n 
1 40 THR n 
1 41 ALA n 
1 42 GLU n 
1 43 PRO n 
1 44 GLU n 
1 45 GLU n 
1 46 MSE n 
1 47 THR n 
1 48 VAL n 
1 49 ILE n 
1 50 SER n 
1 51 GLY n 
1 52 ALA n 
1 53 LEU n 
1 54 ASN n 
1 55 VAL n 
1 56 LEU n 
1 57 LEU n 
1 58 PRO n 
1 59 ASP n 
1 60 ALA n 
1 61 THR n 
1 62 ASP n 
1 63 TRP n 
1 64 GLN n 
1 65 VAL n 
1 66 TYR n 
1 67 GLU n 
1 68 ALA n 
1 69 GLY n 
1 70 SER n 
1 71 VAL n 
1 72 PHE n 
1 73 ASN n 
1 74 VAL n 
1 75 PRO n 
1 76 GLY n 
1 77 HIS n 
1 78 SER n 
1 79 GLU n 
1 80 PHE n 
1 81 HIS n 
1 82 LEU n 
1 83 GLN n 
1 84 VAL n 
1 85 ALA n 
1 86 GLU n 
1 87 PRO n 
1 88 THR n 
1 89 SER n 
1 90 TYR n 
1 91 LEU n 
1 92 CYS n 
1 93 ARG n 
1 94 TYR n 
1 95 LEU n 
# 
_entity_src_gen.entity_id                          1 
_entity_src_gen.pdbx_src_id                        1 
_entity_src_gen.pdbx_alt_source_flag               sample 
_entity_src_gen.pdbx_seq_type                      'Biological sequence' 
_entity_src_gen.pdbx_beg_seq_num                   1 
_entity_src_gen.pdbx_end_seq_num                   95 
_entity_src_gen.gene_src_common_name               ? 
_entity_src_gen.gene_src_genus                     ? 
_entity_src_gen.pdbx_gene_src_gene                 ppnP 
_entity_src_gen.gene_src_species                   ? 
_entity_src_gen.gene_src_strain                    K-12 
_entity_src_gen.gene_src_tissue                    ? 
_entity_src_gen.gene_src_tissue_fraction           ? 
_entity_src_gen.gene_src_details                   ? 
_entity_src_gen.pdbx_gene_src_fragment             ? 
_entity_src_gen.pdbx_gene_src_scientific_name      'Escherichia coli K-12' 
_entity_src_gen.pdbx_gene_src_ncbi_taxonomy_id     83333 
_entity_src_gen.pdbx_gene_src_variant              ? 
_entity_src_gen.pdbx_gene_src_cell_line            ? 
_entity_src_gen.pdbx_gene_src_atcc                 ? 
_entity_src_gen.pdbx_gene_src_organ                ? 
_entity_src_gen.pdbx_gene_src_organelle            ? 
_entity_src_gen.pdbx_gene_src_cell                 ? 
_entity_src_gen.pdbx_gene_src_cellular_location    ? 
_entity_src_gen.host_org_common_name               ? 
_entity_src_gen.pdbx_host_org_scientific_name      'Escherichia coli' 
_entity_src_gen.pdbx_host_org_ncbi_taxonomy_id     562 
_entity_src_gen.host_org_genus                     ? 
_entity_src_gen.pdbx_host_org_gene                 ? 
_entity_src_gen.pdbx_host_org_organ                ? 
_entity_src_gen.host_org_species                   ? 
_entity_src_gen.pdbx_host_org_tissue               ? 
_entity_src_gen.pdbx_host_org_tissue_fraction      ? 
_entity_src_gen.pdbx_host_org_strain               ? 
_entity_src_gen.pdbx_host_org_variant              ? 
_entity_src_gen.pdbx_host_org_cell_line            ? 
_entity_src_gen.pdbx_host_org_atcc                 ? 
_entity_src_gen.pdbx_host_org_culture_collection   ? 
_entity_src_gen.pdbx_host_org_cell                 ? 
_entity_src_gen.pdbx_host_org_organelle            ? 
_entity_src_gen.pdbx_host_org_cellular_location    ? 
_entity_src_gen.pdbx_host_org_vector_type          ? 
_entity_src_gen.pdbx_host_org_vector               ? 
_entity_src_gen.host_org_details                   ? 
_entity_src_gen.expression_system_id               ? 
_entity_src_gen.plasmid_name                       ? 
_entity_src_gen.plasmid_details                    ? 
_entity_src_gen.pdbx_description                   ? 
# 
loop_
_chem_comp.id 
_chem_comp.type 
_chem_comp.mon_nstd_flag 
_chem_comp.name 
_chem_comp.pdbx_synonyms 
_chem_comp.formula 
_chem_comp.formula_weight 
ALA 'L-peptide linking' y ALANINE          ? 'C3 H7 N O2'     89.093  
ARG 'L-peptide linking' y ARGININE         ? 'C6 H15 N4 O2 1' 175.209 
ASN 'L-peptide linking' y ASPARAGINE       ? 'C4 H8 N2 O3'    132.118 
ASP 'L-peptide linking' y 'ASPARTIC ACID'  ? 'C4 H7 N O4'     133.103 
CYS 'L-peptide linking' y CYSTEINE         ? 'C3 H7 N O2 S'   121.158 
GLN 'L-peptide linking' y GLUTAMINE        ? 'C5 H10 N2 O3'   146.144 
GLU 'L-peptide linking' y 'GLUTAMIC ACID'  ? 'C5 H9 N O4'     147.129 
GLY 'peptide linking'   y GLYCINE          ? 'C2 H5 N O2'     75.067  
HIS 'L-peptide linking' y HISTIDINE        ? 'C6 H10 N3 O2 1' 156.162 
HOH non-polymer         . WATER            ? 'H2 O'           18.015  
ILE 'L-peptide linking' y ISOLEUCINE       ? 'C6 H13 N O2'    131.173 
LEU 'L-peptide linking' y LEUCINE          ? 'C6 H13 N O2'    131.173 
LYS 'L-peptide linking' y LYSINE           ? 'C6 H15 N2 O2 1' 147.195 
MSE 'L-peptide linking' n SELENOMETHIONINE ? 'C5 H11 N O2 Se' 196.106 
PHE 'L-peptide linking' y PHENYLALANINE    ? 'C9 H11 N O2'    165.189 
PRO 'L-peptide linking' y PROLINE          ? 'C5 H9 N O2'     115.130 
SER 'L-peptide linking' y SERINE           ? 'C3 H7 N O3'     105.093 
THR 'L-peptide linking' y THREONINE        ? 'C4 H9 N O3'     119.119 
TRP 'L-peptide linking' y TRYPTOPHAN       ? 'C11 H12 N2 O2'  204.225 
TYR 'L-peptide linking' y TYROSINE         ? 'C9 H11 N O3'    181.189 
VAL 'L-peptide linking' y VALINE           ? 'C5 H11 N O2'    117.146 
# 
loop_
_pdbx_poly_seq_scheme.asym_id 
_pdbx_poly_seq_scheme.entity_id 
_pdbx_poly_seq_scheme.seq_id 
_pdbx_poly_seq_scheme.mon_id 
_pdbx_poly_seq_scheme.ndb_seq_num 
_pdbx_poly_seq_scheme.pdb_seq_num 
_pdbx_poly_seq_scheme.auth_seq_num 
_pdbx_poly_seq_scheme.pdb_mon_id 
_pdbx_poly_seq_scheme.auth_mon_id 
_pdbx_poly_seq_scheme.pdb_strand_id 
_pdbx_poly_seq_scheme.pdb_ins_code 
_pdbx_poly_seq_scheme.hetero 
A 1 1  SER 1  0  0  SER SER A . n 
A 1 2  MSE 2  1  1  MSE MSE A . n 
A 1 3  LEU 3  2  2  LEU LEU A . n 
A 1 4  GLN 4  3  3  GLN GLN A . n 
A 1 5  SER 5  4  4  SER SER A . n 
A 1 6  ASN 6  5  5  ASN ASN A . n 
A 1 7  GLU 7  6  6  GLU GLU A . n 
A 1 8  TYR 8  7  7  TYR TYR A . n 
A 1 9  PHE 9  8  8  PHE PHE A . n 
A 1 10 SER 10 9  9  SER SER A . n 
A 1 11 GLY 11 10 10 GLY GLY A . n 
A 1 12 LYS 12 11 11 LYS LYS A . n 
A 1 13 VAL 13 12 12 VAL VAL A . n 
A 1 14 LYS 14 13 13 LYS LYS A . n 
A 1 15 SER 15 14 14 SER SER A . n 
A 1 16 ILE 16 15 15 ILE ILE A . n 
A 1 17 GLY 17 16 16 GLY GLY A . n 
A 1 18 PHE 18 17 17 PHE PHE A . n 
A 1 19 SER 19 18 18 SER SER A . n 
A 1 20 SER 20 19 19 SER SER A . n 
A 1 21 SER 21 20 20 SER SER A . n 
A 1 22 SER 22 21 21 SER SER A . n 
A 1 23 THR 23 22 22 THR THR A . n 
A 1 24 GLY 24 23 23 GLY GLY A . n 
A 1 25 ARG 25 24 24 ARG ARG A . n 
A 1 26 ALA 26 25 25 ALA ALA A . n 
A 1 27 SER 27 26 26 SER SER A . n 
A 1 28 VAL 28 27 27 VAL VAL A . n 
A 1 29 GLY 29 28 28 GLY GLY A . n 
A 1 30 VAL 30 29 29 VAL VAL A . n 
A 1 31 MSE 31 30 30 MSE MSE A . n 
A 1 32 VAL 32 31 31 VAL VAL A . n 
A 1 33 GLU 33 32 32 GLU GLU A . n 
A 1 34 GLY 34 33 33 GLY GLY A . n 
A 1 35 GLU 35 34 34 GLU GLU A . n 
A 1 36 TYR 36 35 35 TYR TYR A . n 
A 1 37 THR 37 36 36 THR THR A . n 
A 1 38 PHE 38 37 37 PHE PHE A . n 
A 1 39 SER 39 38 38 SER SER A . n 
A 1 40 THR 40 39 39 THR THR A . n 
A 1 41 ALA 41 40 40 ALA ALA A . n 
A 1 42 GLU 42 41 41 GLU GLU A . n 
A 1 43 PRO 43 42 42 PRO PRO A . n 
A 1 44 GLU 44 43 43 GLU GLU A . n 
A 1 45 GLU 45 44 44 GLU GLU A . n 
A 1 46 MSE 46 45 45 MSE MSE A . n 
A 1 47 THR 47 46 46 THR THR A . n 
A 1 48 VAL 48 47 47 VAL VAL A . n 
A 1 49 ILE 49 48 48 ILE ILE A . n 
A 1 50 SER 50 49 49 SER SER A . n 
A 1 51 GLY 51 50 50 GLY GLY A . n 
A 1 52 ALA 52 51 51 ALA ALA A . n 
A 1 53 LEU 53 52 52 LEU LEU A . n 
A 1 54 ASN 54 53 53 ASN ASN A . n 
A 1 55 VAL 55 54 54 VAL VAL A . n 
A 1 56 LEU 56 55 55 LEU LEU A . n 
A 1 57 LEU 57 56 56 LEU LEU A . n 
A 1 58 PRO 58 57 57 PRO PRO A . n 
A 1 59 ASP 59 58 58 ASP ASP A . n 
A 1 60 ALA 60 59 59 ALA ALA A . n 
A 1 61 THR 61 60 60 THR THR A . n 
A 1 62 ASP 62 61 61 ASP ASP A . n 
A 1 63 TRP 63 62 62 TRP TRP A . n 
A 1 64 GLN 64 63 63 GLN GLN A . n 
A 1 65 VAL 65 64 64 VAL VAL A . n 
A 1 66 TYR 66 65 65 TYR TYR A . n 
A 1 67 GLU 67 66 66 GLU GLU A . n 
A 1 68 ALA 68 67 67 ALA ALA A . n 
A 1 69 GLY 69 68 68 GLY GLY A . n 
A 1 70 SER 70 69 69 SER SER A . n 
A 1 71 VAL 71 70 70 VAL VAL A . n 
A 1 72 PHE 72 71 71 PHE PHE A . n 
A 1 73 ASN 73 72 72 ASN ASN A . n 
A 1 74 VAL 74 73 73 VAL VAL A . n 
A 1 75 PRO 75 74 74 PRO PRO A . n 
A 1 76 GLY 76 75 75 GLY GLY A . n 
A 1 77 HIS 77 76 76 HIS HIS A . n 
A 1 78 SER 78 77 77 SER SER A . n 
A 1 79 GLU 79 78 78 GLU GLU A . n 
A 1 80 PHE 80 79 79 PHE PHE A . n 
A 1 81 HIS 81 80 80 HIS HIS A . n 
A 1 82 LEU 82 81 81 LEU LEU A . n 
A 1 83 GLN 83 82 82 GLN GLN A . n 
A 1 84 VAL 84 83 83 VAL VAL A . n 
A 1 85 ALA 85 84 84 ALA ALA A . n 
A 1 86 GLU 86 85 85 GLU GLU A . n 
A 1 87 PRO 87 86 86 PRO PRO A . n 
A 1 88 THR 88 87 87 THR THR A . n 
A 1 89 SER 89 88 88 SER SER A . n 
A 1 90 TYR 90 89 89 TYR TYR A . n 
A 1 91 LEU 91 90 90 LEU LEU A . n 
A 1 92 CYS 92 91 91 CYS CYS A . n 
A 1 93 ARG 93 92 92 ARG ARG A . n 
A 1 94 TYR 94 93 93 TYR TYR A . n 
A 1 95 LEU 95 94 94 LEU LEU A . n 
# 
loop_
_pdbx_nonpoly_scheme.asym_id 
_pdbx_nonpoly_scheme.entity_id 
_pdbx_nonpoly_scheme.mon_id 
_pdbx_nonpoly_scheme.ndb_seq_num 
_pdbx_nonpoly_scheme.pdb_seq_num 
_pdbx_nonpoly_scheme.auth_seq_num 
_pdbx_nonpoly_scheme.pdb_mon_id 
_pdbx_nonpoly_scheme.auth_mon_id 
_pdbx_nonpoly_scheme.pdb_strand_id 
_pdbx_nonpoly_scheme.pdb_ins_code 
B 2 HOH 1   101 84  HOH HOH A . 
B 2 HOH 2   102 107 HOH HOH A . 
B 2 HOH 3   103 140 HOH HOH A . 
B 2 HOH 4   104 27  HOH HOH A . 
B 2 HOH 5   105 79  HOH HOH A . 
B 2 HOH 6   106 71  HOH HOH A . 
B 2 HOH 7   107 104 HOH HOH A . 
B 2 HOH 8   108 32  HOH HOH A . 
B 2 HOH 9   109 10  HOH HOH A . 
B 2 HOH 10  110 48  HOH HOH A . 
B 2 HOH 11  111 115 HOH HOH A . 
B 2 HOH 12  112 16  HOH HOH A . 
B 2 HOH 13  113 43  HOH HOH A . 
B 2 HOH 14  114 106 HOH HOH A . 
B 2 HOH 15  115 23  HOH HOH A . 
B 2 HOH 16  116 20  HOH HOH A . 
B 2 HOH 17  117 2   HOH HOH A . 
B 2 HOH 18  118 61  HOH HOH A . 
B 2 HOH 19  119 8   HOH HOH A . 
B 2 HOH 20  120 13  HOH HOH A . 
B 2 HOH 21  121 141 HOH HOH A . 
B 2 HOH 22  122 58  HOH HOH A . 
B 2 HOH 23  123 53  HOH HOH A . 
B 2 HOH 24  124 19  HOH HOH A . 
B 2 HOH 25  125 29  HOH HOH A . 
B 2 HOH 26  126 39  HOH HOH A . 
B 2 HOH 27  127 31  HOH HOH A . 
B 2 HOH 28  128 135 HOH HOH A . 
B 2 HOH 29  129 1   HOH HOH A . 
B 2 HOH 30  130 101 HOH HOH A . 
B 2 HOH 31  131 68  HOH HOH A . 
B 2 HOH 32  132 64  HOH HOH A . 
B 2 HOH 33  133 86  HOH HOH A . 
B 2 HOH 34  134 4   HOH HOH A . 
B 2 HOH 35  135 152 HOH HOH A . 
B 2 HOH 36  136 5   HOH HOH A . 
B 2 HOH 37  137 3   HOH HOH A . 
B 2 HOH 38  138 12  HOH HOH A . 
B 2 HOH 39  139 9   HOH HOH A . 
B 2 HOH 40  140 81  HOH HOH A . 
B 2 HOH 41  141 65  HOH HOH A . 
B 2 HOH 42  142 46  HOH HOH A . 
B 2 HOH 43  143 34  HOH HOH A . 
B 2 HOH 44  144 11  HOH HOH A . 
B 2 HOH 45  145 88  HOH HOH A . 
B 2 HOH 46  146 69  HOH HOH A . 
B 2 HOH 47  147 45  HOH HOH A . 
B 2 HOH 48  148 44  HOH HOH A . 
B 2 HOH 49  149 21  HOH HOH A . 
B 2 HOH 50  150 6   HOH HOH A . 
B 2 HOH 51  151 74  HOH HOH A . 
B 2 HOH 52  152 7   HOH HOH A . 
B 2 HOH 53  153 28  HOH HOH A . 
B 2 HOH 54  154 121 HOH HOH A . 
B 2 HOH 55  155 150 HOH HOH A . 
B 2 HOH 56  156 26  HOH HOH A . 
B 2 HOH 57  157 49  HOH HOH A . 
B 2 HOH 58  158 63  HOH HOH A . 
B 2 HOH 59  159 51  HOH HOH A . 
B 2 HOH 60  160 124 HOH HOH A . 
B 2 HOH 61  161 18  HOH HOH A . 
B 2 HOH 62  162 56  HOH HOH A . 
B 2 HOH 63  163 25  HOH HOH A . 
B 2 HOH 64  164 62  HOH HOH A . 
B 2 HOH 65  165 131 HOH HOH A . 
B 2 HOH 66  166 137 HOH HOH A . 
B 2 HOH 67  167 109 HOH HOH A . 
B 2 HOH 68  168 153 HOH HOH A . 
B 2 HOH 69  169 129 HOH HOH A . 
B 2 HOH 70  170 96  HOH HOH A . 
B 2 HOH 71  171 15  HOH HOH A . 
B 2 HOH 72  172 89  HOH HOH A . 
B 2 HOH 73  173 80  HOH HOH A . 
B 2 HOH 74  174 145 HOH HOH A . 
B 2 HOH 75  175 24  HOH HOH A . 
B 2 HOH 76  176 52  HOH HOH A . 
B 2 HOH 77  177 17  HOH HOH A . 
B 2 HOH 78  178 14  HOH HOH A . 
B 2 HOH 79  179 35  HOH HOH A . 
B 2 HOH 80  180 97  HOH HOH A . 
B 2 HOH 81  181 92  HOH HOH A . 
B 2 HOH 82  182 22  HOH HOH A . 
B 2 HOH 83  183 66  HOH HOH A . 
B 2 HOH 84  184 138 HOH HOH A . 
B 2 HOH 85  185 60  HOH HOH A . 
B 2 HOH 86  186 67  HOH HOH A . 
B 2 HOH 87  187 112 HOH HOH A . 
B 2 HOH 88  188 82  HOH HOH A . 
B 2 HOH 89  189 50  HOH HOH A . 
B 2 HOH 90  190 54  HOH HOH A . 
B 2 HOH 91  191 103 HOH HOH A . 
B 2 HOH 92  192 40  HOH HOH A . 
B 2 HOH 93  193 139 HOH HOH A . 
B 2 HOH 94  194 87  HOH HOH A . 
B 2 HOH 95  195 37  HOH HOH A . 
B 2 HOH 96  196 55  HOH HOH A . 
B 2 HOH 97  197 105 HOH HOH A . 
B 2 HOH 98  198 142 HOH HOH A . 
B 2 HOH 99  199 133 HOH HOH A . 
B 2 HOH 100 200 108 HOH HOH A . 
B 2 HOH 101 201 76  HOH HOH A . 
B 2 HOH 102 202 130 HOH HOH A . 
B 2 HOH 103 203 118 HOH HOH A . 
B 2 HOH 104 204 110 HOH HOH A . 
B 2 HOH 105 205 73  HOH HOH A . 
B 2 HOH 106 206 144 HOH HOH A . 
B 2 HOH 107 207 122 HOH HOH A . 
B 2 HOH 108 208 132 HOH HOH A . 
B 2 HOH 109 209 36  HOH HOH A . 
B 2 HOH 110 210 30  HOH HOH A . 
B 2 HOH 111 211 117 HOH HOH A . 
B 2 HOH 112 212 114 HOH HOH A . 
B 2 HOH 113 213 119 HOH HOH A . 
B 2 HOH 114 214 102 HOH HOH A . 
B 2 HOH 115 215 99  HOH HOH A . 
B 2 HOH 116 216 95  HOH HOH A . 
B 2 HOH 117 217 72  HOH HOH A . 
B 2 HOH 118 218 143 HOH HOH A . 
B 2 HOH 119 219 100 HOH HOH A . 
B 2 HOH 120 220 116 HOH HOH A . 
B 2 HOH 121 221 90  HOH HOH A . 
B 2 HOH 122 222 47  HOH HOH A . 
B 2 HOH 123 223 111 HOH HOH A . 
B 2 HOH 124 224 41  HOH HOH A . 
B 2 HOH 125 225 148 HOH HOH A . 
B 2 HOH 126 226 126 HOH HOH A . 
B 2 HOH 127 227 85  HOH HOH A . 
B 2 HOH 128 228 38  HOH HOH A . 
B 2 HOH 129 229 146 HOH HOH A . 
B 2 HOH 130 230 149 HOH HOH A . 
B 2 HOH 131 231 136 HOH HOH A . 
B 2 HOH 132 232 98  HOH HOH A . 
B 2 HOH 133 233 94  HOH HOH A . 
B 2 HOH 134 234 151 HOH HOH A . 
B 2 HOH 135 235 70  HOH HOH A . 
B 2 HOH 136 236 127 HOH HOH A . 
B 2 HOH 137 237 57  HOH HOH A . 
B 2 HOH 138 238 78  HOH HOH A . 
B 2 HOH 139 239 120 HOH HOH A . 
B 2 HOH 140 240 134 HOH HOH A . 
B 2 HOH 141 241 91  HOH HOH A . 
B 2 HOH 142 242 128 HOH HOH A . 
B 2 HOH 143 243 33  HOH HOH A . 
B 2 HOH 144 244 83  HOH HOH A . 
B 2 HOH 145 245 93  HOH HOH A . 
B 2 HOH 146 246 113 HOH HOH A . 
B 2 HOH 147 247 75  HOH HOH A . 
B 2 HOH 148 248 125 HOH HOH A . 
B 2 HOH 149 249 147 HOH HOH A . 
B 2 HOH 150 250 77  HOH HOH A . 
B 2 HOH 151 251 123 HOH HOH A . 
# 
loop_
_software.citation_id 
_software.classification 
_software.compiler_name 
_software.compiler_version 
_software.contact_author 
_software.contact_author_email 
_software.date 
_software.description 
_software.dependencies 
_software.hardware 
_software.language 
_software.location 
_software.mods 
_software.name 
_software.os 
_software.os_version 
_software.type 
_software.version 
_software.pdbx_ordinal 
? refinement       ? ? ? ? ? ? ? ? ? ? ? REFMAC   ? ? ? v1.0 1 
? 'data reduction' ? ? ? ? ? ? ? ? ? ? ? HKL-3000 ? ? ? .    2 
? 'data scaling'   ? ? ? ? ? ? ? ? ? ? ? HKL-3000 ? ? ? .    3 
? phasing          ? ? ? ? ? ? ? ? ? ? ? PHASER   ? ? ? .    4 
# 
_cell.angle_alpha                  90.000 
_cell.angle_alpha_esd              ? 
_cell.angle_beta                   90.000 
_cell.angle_beta_esd               ? 
_cell.angle_gamma                  120.000 
_cell.angle_gamma_esd              ? 
_cell.entry_id                     7EYK 
_cell.details                      ? 
_cell.formula_units_Z              ? 
_cell.length_a                     59.658 
_cell.length_a_esd                 ? 
_cell.length_b                     59.658 
_cell.length_b_esd                 ? 
_cell.length_c                     52.652 
_cell.length_c_esd                 ? 
_cell.volume                       162286.683 
_cell.volume_esd                   ? 
_cell.Z_PDB                        6 
_cell.reciprocal_angle_alpha       ? 
_cell.reciprocal_angle_beta        ? 
_cell.reciprocal_angle_gamma       ? 
_cell.reciprocal_angle_alpha_esd   ? 
_cell.reciprocal_angle_beta_esd    ? 
_cell.reciprocal_angle_gamma_esd   ? 
_cell.reciprocal_length_a          ? 
_cell.reciprocal_length_b          ? 
_cell.reciprocal_length_c          ? 
_cell.reciprocal_length_a_esd      ? 
_cell.reciprocal_length_b_esd      ? 
_cell.reciprocal_length_c_esd      ? 
_cell.pdbx_unique_axis             ? 
# 
_symmetry.entry_id                         7EYK 
_symmetry.cell_setting                     ? 
_symmetry.Int_Tables_number                171 
_symmetry.space_group_name_Hall            'P 62' 
_symmetry.space_group_name_H-M             'P 62' 
_symmetry.pdbx_full_space_group_name_H-M   ? 
# 
_exptl.absorpt_coefficient_mu     ? 
_exptl.absorpt_correction_T_max   ? 
_exptl.absorpt_correction_T_min   ? 
_exptl.absorpt_correction_type    ? 
_exptl.absorpt_process_details    ? 
_exptl.entry_id                   7EYK 
_exptl.crystals_number            1 
_exptl.details                    ? 
_exptl.method                     'X-RAY DIFFRACTION' 
_exptl.method_details             ? 
# 
_exptl_crystal.colour                      ? 
_exptl_crystal.density_diffrn              ? 
_exptl_crystal.density_Matthews            2.58 
_exptl_crystal.density_method              ? 
_exptl_crystal.density_percent_sol         52.40 
_exptl_crystal.description                 ? 
_exptl_crystal.F_000                       ? 
_exptl_crystal.id                          1 
_exptl_crystal.preparation                 ? 
_exptl_crystal.size_max                    ? 
_exptl_crystal.size_mid                    ? 
_exptl_crystal.size_min                    ? 
_exptl_crystal.size_rad                    ? 
_exptl_crystal.colour_lustre               ? 
_exptl_crystal.colour_modifier             ? 
_exptl_crystal.colour_primary              ? 
_exptl_crystal.density_meas                ? 
_exptl_crystal.density_meas_esd            ? 
_exptl_crystal.density_meas_gt             ? 
_exptl_crystal.density_meas_lt             ? 
_exptl_crystal.density_meas_temp           ? 
_exptl_crystal.density_meas_temp_esd       ? 
_exptl_crystal.density_meas_temp_gt        ? 
_exptl_crystal.density_meas_temp_lt        ? 
_exptl_crystal.pdbx_crystal_image_url      ? 
_exptl_crystal.pdbx_crystal_image_format   ? 
_exptl_crystal.pdbx_mosaicity              ? 
_exptl_crystal.pdbx_mosaicity_esd          ? 
# 
_exptl_crystal_grow.apparatus       ? 
_exptl_crystal_grow.atmosphere      ? 
_exptl_crystal_grow.crystal_id      1 
_exptl_crystal_grow.details         ? 
_exptl_crystal_grow.method          'VAPOR DIFFUSION, SITTING DROP' 
_exptl_crystal_grow.method_ref      ? 
_exptl_crystal_grow.pH              ? 
_exptl_crystal_grow.pressure        ? 
_exptl_crystal_grow.pressure_esd    ? 
_exptl_crystal_grow.seeding         ? 
_exptl_crystal_grow.seeding_ref     ? 
_exptl_crystal_grow.temp            293 
_exptl_crystal_grow.temp_details    ? 
_exptl_crystal_grow.temp_esd        ? 
_exptl_crystal_grow.time            ? 
_exptl_crystal_grow.pdbx_details    '1.26 M Ammonium sulfate (dibasic), 0.1M Sodium cacodylate/Hydrochloric acid pH 6.5' 
_exptl_crystal_grow.pdbx_pH_range   ? 
# 
_diffrn.ambient_environment              ? 
_diffrn.ambient_temp                     100 
_diffrn.ambient_temp_details             ? 
_diffrn.ambient_temp_esd                 ? 
_diffrn.crystal_id                       1 
_diffrn.crystal_support                  ? 
_diffrn.crystal_treatment                ? 
_diffrn.details                          ? 
_diffrn.id                               1 
_diffrn.ambient_pressure                 ? 
_diffrn.ambient_pressure_esd             ? 
_diffrn.ambient_pressure_gt              ? 
_diffrn.ambient_pressure_lt              ? 
_diffrn.ambient_temp_gt                  ? 
_diffrn.ambient_temp_lt                  ? 
_diffrn.pdbx_serial_crystal_experiment   N 
# 
_diffrn_detector.details                      ? 
_diffrn_detector.detector                     PIXEL 
_diffrn_detector.diffrn_id                    1 
_diffrn_detector.type                         'DECTRIS PILATUS 6M' 
_diffrn_detector.area_resol_mean              ? 
_diffrn_detector.dtime                        ? 
_diffrn_detector.pdbx_frames_total            ? 
_diffrn_detector.pdbx_collection_time_total   ? 
_diffrn_detector.pdbx_collection_date         2021-05-27 
_diffrn_detector.pdbx_frequency               ? 
# 
_diffrn_radiation.collimation                      ? 
_diffrn_radiation.diffrn_id                        1 
_diffrn_radiation.filter_edge                      ? 
_diffrn_radiation.inhomogeneity                    ? 
_diffrn_radiation.monochromator                    ? 
_diffrn_radiation.polarisn_norm                    ? 
_diffrn_radiation.polarisn_ratio                   ? 
_diffrn_radiation.probe                            ? 
_diffrn_radiation.type                             ? 
_diffrn_radiation.xray_symbol                      ? 
_diffrn_radiation.wavelength_id                    1 
_diffrn_radiation.pdbx_monochromatic_or_laue_m_l   M 
_diffrn_radiation.pdbx_wavelength_list             ? 
_diffrn_radiation.pdbx_wavelength                  ? 
_diffrn_radiation.pdbx_diffrn_protocol             'SINGLE WAVELENGTH' 
_diffrn_radiation.pdbx_analyzer                    ? 
_diffrn_radiation.pdbx_scattering_type             x-ray 
# 
_diffrn_radiation_wavelength.id           1 
_diffrn_radiation_wavelength.wavelength   0.97915 
_diffrn_radiation_wavelength.wt           1.0 
# 
_diffrn_source.current                     ? 
_diffrn_source.details                     ? 
_diffrn_source.diffrn_id                   1 
_diffrn_source.power                       ? 
_diffrn_source.size                        ? 
_diffrn_source.source                      SYNCHROTRON 
_diffrn_source.target                      ? 
_diffrn_source.type                        'SSRF BEAMLINE BL18U1' 
_diffrn_source.voltage                     ? 
_diffrn_source.take-off_angle              ? 
_diffrn_source.pdbx_wavelength_list        0.97915 
_diffrn_source.pdbx_wavelength             ? 
_diffrn_source.pdbx_synchrotron_beamline   BL18U1 
_diffrn_source.pdbx_synchrotron_site       SSRF 
# 
_reflns.B_iso_Wilson_estimate                          ? 
_reflns.entry_id                                       7EYK 
_reflns.data_reduction_details                         ? 
_reflns.data_reduction_method                          ? 
_reflns.d_resolution_high                              1.38 
_reflns.d_resolution_low                               50 
_reflns.details                                        ? 
_reflns.limit_h_max                                    ? 
_reflns.limit_h_min                                    ? 
_reflns.limit_k_max                                    ? 
_reflns.limit_k_min                                    ? 
_reflns.limit_l_max                                    ? 
_reflns.limit_l_min                                    ? 
_reflns.number_all                                     ? 
_reflns.number_obs                                     21812 
_reflns.observed_criterion                             ? 
_reflns.observed_criterion_F_max                       ? 
_reflns.observed_criterion_F_min                       ? 
_reflns.observed_criterion_I_max                       ? 
_reflns.observed_criterion_I_min                       ? 
_reflns.observed_criterion_sigma_F                     ? 
_reflns.observed_criterion_sigma_I                     ? 
_reflns.percent_possible_obs                           100 
_reflns.R_free_details                                 ? 
_reflns.Rmerge_F_all                                   ? 
_reflns.Rmerge_F_obs                                   ? 
_reflns.Friedel_coverage                               ? 
_reflns.number_gt                                      ? 
_reflns.threshold_expression                           ? 
_reflns.pdbx_redundancy                                19.8 
_reflns.pdbx_Rmerge_I_obs                              0.093 
_reflns.pdbx_Rmerge_I_all                              ? 
_reflns.pdbx_Rsym_value                                ? 
_reflns.pdbx_netI_over_av_sigmaI                       ? 
_reflns.pdbx_netI_over_sigmaI                          36.41 
_reflns.pdbx_res_netI_over_av_sigmaI_2                 ? 
_reflns.pdbx_res_netI_over_sigmaI_2                    ? 
_reflns.pdbx_chi_squared                               ? 
_reflns.pdbx_scaling_rejects                           ? 
_reflns.pdbx_d_res_high_opt                            ? 
_reflns.pdbx_d_res_low_opt                             ? 
_reflns.pdbx_d_res_opt_method                          ? 
_reflns.phase_calculation_details                      ? 
_reflns.pdbx_Rrim_I_all                                0.079 
_reflns.pdbx_Rpim_I_all                                0.018 
_reflns.pdbx_d_opt                                     ? 
_reflns.pdbx_number_measured_all                       ? 
_reflns.pdbx_diffrn_id                                 1 
_reflns.pdbx_ordinal                                   1 
_reflns.pdbx_CC_half                                   0.960 
_reflns.pdbx_CC_star                                   ? 
_reflns.pdbx_R_split                                   ? 
_reflns.pdbx_aniso_diffraction_limit_axis_1_ortho[1]   ? 
_reflns.pdbx_aniso_diffraction_limit_axis_1_ortho[2]   ? 
_reflns.pdbx_aniso_diffraction_limit_axis_1_ortho[3]   ? 
_reflns.pdbx_aniso_diffraction_limit_axis_2_ortho[1]   ? 
_reflns.pdbx_aniso_diffraction_limit_axis_2_ortho[2]   ? 
_reflns.pdbx_aniso_diffraction_limit_axis_2_ortho[3]   ? 
_reflns.pdbx_aniso_diffraction_limit_axis_3_ortho[1]   ? 
_reflns.pdbx_aniso_diffraction_limit_axis_3_ortho[2]   ? 
_reflns.pdbx_aniso_diffraction_limit_axis_3_ortho[3]   ? 
_reflns.pdbx_aniso_diffraction_limit_1                 ? 
_reflns.pdbx_aniso_diffraction_limit_2                 ? 
_reflns.pdbx_aniso_diffraction_limit_3                 ? 
_reflns.pdbx_aniso_B_tensor_eigenvector_1_ortho[1]     ? 
_reflns.pdbx_aniso_B_tensor_eigenvector_1_ortho[2]     ? 
_reflns.pdbx_aniso_B_tensor_eigenvector_1_ortho[3]     ? 
_reflns.pdbx_aniso_B_tensor_eigenvector_2_ortho[1]     ? 
_reflns.pdbx_aniso_B_tensor_eigenvector_2_ortho[2]     ? 
_reflns.pdbx_aniso_B_tensor_eigenvector_2_ortho[3]     ? 
_reflns.pdbx_aniso_B_tensor_eigenvector_3_ortho[1]     ? 
_reflns.pdbx_aniso_B_tensor_eigenvector_3_ortho[2]     ? 
_reflns.pdbx_aniso_B_tensor_eigenvector_3_ortho[3]     ? 
_reflns.pdbx_aniso_B_tensor_eigenvalue_1               ? 
_reflns.pdbx_aniso_B_tensor_eigenvalue_2               ? 
_reflns.pdbx_aniso_B_tensor_eigenvalue_3               ? 
_reflns.pdbx_orthogonalization_convention              ? 
_reflns.pdbx_percent_possible_ellipsoidal              ? 
_reflns.pdbx_percent_possible_spherical                ? 
_reflns.pdbx_percent_possible_ellipsoidal_anomalous    ? 
_reflns.pdbx_percent_possible_spherical_anomalous      ? 
_reflns.pdbx_redundancy_anomalous                      ? 
_reflns.pdbx_CC_half_anomalous                         ? 
_reflns.pdbx_absDiff_over_sigma_anomalous              ? 
_reflns.pdbx_percent_possible_anomalous                ? 
_reflns.pdbx_observed_signal_threshold                 ? 
_reflns.pdbx_signal_type                               ? 
_reflns.pdbx_signal_details                            ? 
_reflns.pdbx_signal_software_id                        ? 
# 
_reflns_shell.d_res_high                                    1.38 
_reflns_shell.d_res_low                                     1.43 
_reflns_shell.meanI_over_sigI_all                           ? 
_reflns_shell.meanI_over_sigI_obs                           7 
_reflns_shell.number_measured_all                           ? 
_reflns_shell.number_measured_obs                           ? 
_reflns_shell.number_possible                               ? 
_reflns_shell.number_unique_all                             ? 
_reflns_shell.number_unique_obs                             2162 
_reflns_shell.percent_possible_all                          ? 
_reflns_shell.percent_possible_obs                          ? 
_reflns_shell.Rmerge_F_all                                  ? 
_reflns_shell.Rmerge_F_obs                                  ? 
_reflns_shell.Rmerge_I_all                                  ? 
_reflns_shell.Rmerge_I_obs                                  0.505 
_reflns_shell.meanI_over_sigI_gt                            ? 
_reflns_shell.meanI_over_uI_all                             ? 
_reflns_shell.meanI_over_uI_gt                              ? 
_reflns_shell.number_measured_gt                            ? 
_reflns_shell.number_unique_gt                              ? 
_reflns_shell.percent_possible_gt                           ? 
_reflns_shell.Rmerge_F_gt                                   ? 
_reflns_shell.Rmerge_I_gt                                   ? 
_reflns_shell.pdbx_redundancy                               ? 
_reflns_shell.pdbx_Rsym_value                               ? 
_reflns_shell.pdbx_chi_squared                              ? 
_reflns_shell.pdbx_netI_over_sigmaI_all                     ? 
_reflns_shell.pdbx_netI_over_sigmaI_obs                     ? 
_reflns_shell.pdbx_Rrim_I_all                               0.518 
_reflns_shell.pdbx_Rpim_I_all                               0.116 
_reflns_shell.pdbx_rejects                                  ? 
_reflns_shell.pdbx_ordinal                                  1 
_reflns_shell.pdbx_diffrn_id                                1 
_reflns_shell.pdbx_CC_half                                  0.959 
_reflns_shell.pdbx_CC_star                                  0.989 
_reflns_shell.pdbx_R_split                                  ? 
_reflns_shell.pdbx_percent_possible_ellipsoidal             ? 
_reflns_shell.pdbx_percent_possible_spherical               ? 
_reflns_shell.pdbx_percent_possible_ellipsoidal_anomalous   ? 
_reflns_shell.pdbx_percent_possible_spherical_anomalous     ? 
_reflns_shell.pdbx_redundancy_anomalous                     ? 
_reflns_shell.pdbx_CC_half_anomalous                        ? 
_reflns_shell.pdbx_absDiff_over_sigma_anomalous             ? 
_reflns_shell.pdbx_percent_possible_anomalous               ? 
# 
_refine.aniso_B[1][1]                            ? 
_refine.aniso_B[1][2]                            ? 
_refine.aniso_B[1][3]                            ? 
_refine.aniso_B[2][2]                            ? 
_refine.aniso_B[2][3]                            ? 
_refine.aniso_B[3][3]                            ? 
_refine.B_iso_max                                ? 
_refine.B_iso_mean                               16.32 
_refine.B_iso_min                                ? 
_refine.correlation_coeff_Fo_to_Fc               ? 
_refine.correlation_coeff_Fo_to_Fc_free          ? 
_refine.details                                  ? 
_refine.diff_density_max                         ? 
_refine.diff_density_max_esd                     ? 
_refine.diff_density_min                         ? 
_refine.diff_density_min_esd                     ? 
_refine.diff_density_rms                         ? 
_refine.diff_density_rms_esd                     ? 
_refine.entry_id                                 7EYK 
_refine.pdbx_refine_id                           'X-RAY DIFFRACTION' 
_refine.ls_abs_structure_details                 ? 
_refine.ls_abs_structure_Flack                   ? 
_refine.ls_abs_structure_Flack_esd               ? 
_refine.ls_abs_structure_Rogers                  ? 
_refine.ls_abs_structure_Rogers_esd              ? 
_refine.ls_d_res_high                            1.38 
_refine.ls_d_res_low                             20 
_refine.ls_extinction_coef                       ? 
_refine.ls_extinction_coef_esd                   ? 
_refine.ls_extinction_expression                 ? 
_refine.ls_extinction_method                     ? 
_refine.ls_goodness_of_fit_all                   ? 
_refine.ls_goodness_of_fit_all_esd               ? 
_refine.ls_goodness_of_fit_obs                   ? 
_refine.ls_goodness_of_fit_obs_esd               ? 
_refine.ls_hydrogen_treatment                    ? 
_refine.ls_matrix_type                           ? 
_refine.ls_number_constraints                    ? 
_refine.ls_number_parameters                     ? 
_refine.ls_number_reflns_all                     ? 
_refine.ls_number_reflns_obs                     21787 
_refine.ls_number_reflns_R_free                  1062 
_refine.ls_number_reflns_R_work                  ? 
_refine.ls_number_restraints                     ? 
_refine.ls_percent_reflns_obs                    99.88 
_refine.ls_percent_reflns_R_free                 4.87 
_refine.ls_R_factor_all                          ? 
_refine.ls_R_factor_obs                          0.1515 
_refine.ls_R_factor_R_free                       0.1688 
_refine.ls_R_factor_R_free_error                 ? 
_refine.ls_R_factor_R_free_error_details         ? 
_refine.ls_R_factor_R_work                       0.1507 
_refine.ls_R_Fsqd_factor_obs                     ? 
_refine.ls_R_I_factor_obs                        ? 
_refine.ls_redundancy_reflns_all                 ? 
_refine.ls_redundancy_reflns_obs                 ? 
_refine.ls_restrained_S_all                      ? 
_refine.ls_restrained_S_obs                      ? 
_refine.ls_shift_over_esd_max                    ? 
_refine.ls_shift_over_esd_mean                   ? 
_refine.ls_structure_factor_coef                 ? 
_refine.ls_weighting_details                     ? 
_refine.ls_weighting_scheme                      ? 
_refine.ls_wR_factor_all                         ? 
_refine.ls_wR_factor_obs                         ? 
_refine.ls_wR_factor_R_free                      ? 
_refine.ls_wR_factor_R_work                      ? 
_refine.occupancy_max                            ? 
_refine.occupancy_min                            ? 
_refine.solvent_model_details                    ? 
_refine.solvent_model_param_bsol                 ? 
_refine.solvent_model_param_ksol                 ? 
_refine.pdbx_R_complete                          ? 
_refine.ls_R_factor_gt                           ? 
_refine.ls_goodness_of_fit_gt                    ? 
_refine.ls_goodness_of_fit_ref                   ? 
_refine.ls_shift_over_su_max                     ? 
_refine.ls_shift_over_su_max_lt                  ? 
_refine.ls_shift_over_su_mean                    ? 
_refine.ls_shift_over_su_mean_lt                 ? 
_refine.pdbx_ls_sigma_I                          ? 
_refine.pdbx_ls_sigma_F                          ? 
_refine.pdbx_ls_sigma_Fsqd                       ? 
_refine.pdbx_data_cutoff_high_absF               ? 
_refine.pdbx_data_cutoff_high_rms_absF           ? 
_refine.pdbx_data_cutoff_low_absF                ? 
_refine.pdbx_isotropic_thermal_model             ? 
_refine.pdbx_ls_cross_valid_method               'FREE R-VALUE' 
_refine.pdbx_method_to_determine_struct          SAD 
_refine.pdbx_starting_model                      ? 
_refine.pdbx_stereochemistry_target_values       'GeoStd + Monomer Library + CDL v1.2' 
_refine.pdbx_R_Free_selection_details            ? 
_refine.pdbx_stereochem_target_val_spec_case     ? 
_refine.pdbx_overall_ESU_R                       ? 
_refine.pdbx_overall_ESU_R_Free                  ? 
_refine.pdbx_solvent_vdw_probe_radii             ? 
_refine.pdbx_solvent_ion_probe_radii             ? 
_refine.pdbx_solvent_shrinkage_radii             ? 
_refine.pdbx_real_space_R                        ? 
_refine.pdbx_density_correlation                 ? 
_refine.pdbx_pd_number_of_powder_patterns        ? 
_refine.pdbx_pd_number_of_points                 ? 
_refine.pdbx_pd_meas_number_of_points            ? 
_refine.pdbx_pd_proc_ls_prof_R_factor            ? 
_refine.pdbx_pd_proc_ls_prof_wR_factor           ? 
_refine.pdbx_pd_Marquardt_correlation_coeff      ? 
_refine.pdbx_pd_Fsqrd_R_factor                   ? 
_refine.pdbx_pd_ls_matrix_band_width             ? 
_refine.pdbx_overall_phase_error                 ? 
_refine.pdbx_overall_SU_R_free_Cruickshank_DPI   ? 
_refine.pdbx_overall_SU_R_free_Blow_DPI          ? 
_refine.pdbx_overall_SU_R_Blow_DPI               ? 
_refine.pdbx_TLS_residual_ADP_flag               ? 
_refine.pdbx_diffrn_id                           1 
_refine.overall_SU_B                             ? 
_refine.overall_SU_ML                            ? 
_refine.overall_SU_R_Cruickshank_DPI             ? 
_refine.overall_SU_R_free                        ? 
_refine.overall_FOM_free_R_set                   ? 
_refine.overall_FOM_work_R_set                   ? 
_refine.pdbx_average_fsc_overall                 ? 
_refine.pdbx_average_fsc_work                    ? 
_refine.pdbx_average_fsc_free                    ? 
# 
_refine_hist.pdbx_refine_id                   'X-RAY DIFFRACTION' 
_refine_hist.cycle_id                         LAST 
_refine_hist.pdbx_number_atoms_protein        726 
_refine_hist.pdbx_number_atoms_nucleic_acid   0 
_refine_hist.pdbx_number_atoms_ligand         0 
_refine_hist.number_atoms_solvent             151 
_refine_hist.number_atoms_total               877 
_refine_hist.d_res_high                       1.38 
_refine_hist.d_res_low                        20 
# 
loop_
_refine_ls_restr.pdbx_refine_id 
_refine_ls_restr.criterion 
_refine_ls_restr.dev_ideal 
_refine_ls_restr.dev_ideal_target 
_refine_ls_restr.number 
_refine_ls_restr.rejects 
_refine_ls_restr.type 
_refine_ls_restr.weight 
_refine_ls_restr.pdbx_restraint_function 
'X-RAY DIFFRACTION' ? 0.0048  ? 773  ? f_bond_d           ? ? 
'X-RAY DIFFRACTION' ? 0.8765  ? 1056 ? f_angle_d          ? ? 
'X-RAY DIFFRACTION' ? 0.0900  ? 118  ? f_chiral_restr     ? ? 
'X-RAY DIFFRACTION' ? 0.0059  ? 138  ? f_plane_restr      ? ? 
'X-RAY DIFFRACTION' ? 16.5515 ? 454  ? f_dihedral_angle_d ? ? 
# 
_struct.entry_id                     7EYK 
_struct.title                        'Crystal structure of Escherichia coli ppnP-Selenomethionine derived' 
_struct.pdbx_model_details           ? 
_struct.pdbx_formula_weight          ? 
_struct.pdbx_formula_weight_method   ? 
_struct.pdbx_model_type_details      ? 
_struct.pdbx_CASP_flag               N 
# 
_struct_keywords.entry_id        7EYK 
_struct_keywords.text            'Pyrimidine, purine, nucleoside phosphorylase, HYDROLASE' 
_struct_keywords.pdbx_keywords   HYDROLASE 
# 
loop_
_struct_asym.id 
_struct_asym.pdbx_blank_PDB_chainid_flag 
_struct_asym.pdbx_modified 
_struct_asym.entity_id 
_struct_asym.details 
A N N 1 ? 
B N N 2 ? 
# 
_struct_ref.id                         1 
_struct_ref.db_name                    UNP 
_struct_ref.db_code                    PPNP_ECOLI 
_struct_ref.pdbx_db_accession          P0C037 
_struct_ref.pdbx_db_isoform            ? 
_struct_ref.entity_id                  1 
_struct_ref.pdbx_seq_one_letter_code   
;MLQSNEYFSGKVKSIGFSSSSTGRASVGVMVEGEYTFSTAEPEEMTVISGALNVLLPDATDWQVYEAGSVFNVPGHSEFH
LQVAEPTSYLCRYL
;
_struct_ref.pdbx_align_begin           1 
# 
_struct_ref_seq.align_id                      1 
_struct_ref_seq.ref_id                        1 
_struct_ref_seq.pdbx_PDB_id_code              7EYK 
_struct_ref_seq.pdbx_strand_id                A 
_struct_ref_seq.seq_align_beg                 2 
_struct_ref_seq.pdbx_seq_align_beg_ins_code   ? 
_struct_ref_seq.seq_align_end                 95 
_struct_ref_seq.pdbx_seq_align_end_ins_code   ? 
_struct_ref_seq.pdbx_db_accession             P0C037 
_struct_ref_seq.db_align_beg                  1 
_struct_ref_seq.pdbx_db_align_beg_ins_code    ? 
_struct_ref_seq.db_align_end                  94 
_struct_ref_seq.pdbx_db_align_end_ins_code    ? 
_struct_ref_seq.pdbx_auth_seq_align_beg       1 
_struct_ref_seq.pdbx_auth_seq_align_end       94 
# 
_struct_ref_seq_dif.align_id                     1 
_struct_ref_seq_dif.pdbx_pdb_id_code             7EYK 
_struct_ref_seq_dif.mon_id                       SER 
_struct_ref_seq_dif.pdbx_pdb_strand_id           A 
_struct_ref_seq_dif.seq_num                      1 
_struct_ref_seq_dif.pdbx_pdb_ins_code            ? 
_struct_ref_seq_dif.pdbx_seq_db_name             UNP 
_struct_ref_seq_dif.pdbx_seq_db_accession_code   P0C037 
_struct_ref_seq_dif.db_mon_id                    ? 
_struct_ref_seq_dif.pdbx_seq_db_seq_num          ? 
_struct_ref_seq_dif.details                      'expression tag' 
_struct_ref_seq_dif.pdbx_auth_seq_num            0 
_struct_ref_seq_dif.pdbx_ordinal                 1 
# 
_pdbx_struct_assembly.id                   1 
_pdbx_struct_assembly.details              author_and_software_defined_assembly 
_pdbx_struct_assembly.method_details       PISA 
_pdbx_struct_assembly.oligomeric_details   dimeric 
_pdbx_struct_assembly.oligomeric_count     2 
# 
loop_
_pdbx_struct_assembly_prop.biol_id 
_pdbx_struct_assembly_prop.type 
_pdbx_struct_assembly_prop.value 
_pdbx_struct_assembly_prop.details 
1 'ABSA (A^2)' 1990 ? 
1 MORE         -18  ? 
1 'SSA (A^2)'  9030 ? 
# 
_pdbx_struct_assembly_gen.assembly_id       1 
_pdbx_struct_assembly_gen.oper_expression   1,2 
_pdbx_struct_assembly_gen.asym_id_list      A,B 
# 
_pdbx_struct_assembly_auth_evidence.id                     1 
_pdbx_struct_assembly_auth_evidence.assembly_id            1 
_pdbx_struct_assembly_auth_evidence.experimental_support   'gel filtration' 
_pdbx_struct_assembly_auth_evidence.details                ? 
# 
loop_
_pdbx_struct_oper_list.id 
_pdbx_struct_oper_list.type 
_pdbx_struct_oper_list.name 
_pdbx_struct_oper_list.symmetry_operation 
_pdbx_struct_oper_list.matrix[1][1] 
_pdbx_struct_oper_list.matrix[1][2] 
_pdbx_struct_oper_list.matrix[1][3] 
_pdbx_struct_oper_list.vector[1] 
_pdbx_struct_oper_list.matrix[2][1] 
_pdbx_struct_oper_list.matrix[2][2] 
_pdbx_struct_oper_list.matrix[2][3] 
_pdbx_struct_oper_list.vector[2] 
_pdbx_struct_oper_list.matrix[3][1] 
_pdbx_struct_oper_list.matrix[3][2] 
_pdbx_struct_oper_list.matrix[3][3] 
_pdbx_struct_oper_list.vector[3] 
1 'identity operation'         1_555 x,y,z     1.0000000000  0.0000000000  0.0000000000 0.0000000000 0.0000000000  1.0000000000  0.0000000000  0.0000000000   0.0000000000 0.0000000000  1.0000000000 0.0000000000   
2 'crystal symmetry operation' 4_545 -x,-y-1,z -0.6678540847 -0.4257318801 0.6105106779 2.3629700555 -0.4257318801 -0.4543132238 -0.7825291438 -16.2102363069 0.6105106779 -0.7825291438 0.1221673086 -12.5895672426 
# 
_struct_conf.conf_type_id            HELX_P 
_struct_conf.id                      HELX_P1 
_struct_conf.pdbx_PDB_helix_id       AA1 
_struct_conf.beg_label_comp_id       PHE 
_struct_conf.beg_label_asym_id       A 
_struct_conf.beg_label_seq_id        9 
_struct_conf.pdbx_beg_PDB_ins_code   ? 
_struct_conf.end_label_comp_id       GLY 
_struct_conf.end_label_asym_id       A 
_struct_conf.end_label_seq_id        11 
_struct_conf.pdbx_end_PDB_ins_code   ? 
_struct_conf.beg_auth_comp_id        PHE 
_struct_conf.beg_auth_asym_id        A 
_struct_conf.beg_auth_seq_id         8 
_struct_conf.end_auth_comp_id        GLY 
_struct_conf.end_auth_asym_id        A 
_struct_conf.end_auth_seq_id         10 
_struct_conf.pdbx_PDB_helix_class    5 
_struct_conf.details                 ? 
_struct_conf.pdbx_PDB_helix_length   3 
# 
_struct_conf_type.id          HELX_P 
_struct_conf_type.criteria    ? 
_struct_conf_type.reference   ? 
# 
loop_
_struct_conn.id 
_struct_conn.conn_type_id 
_struct_conn.pdbx_leaving_atom_flag 
_struct_conn.pdbx_PDB_id 
_struct_conn.ptnr1_label_asym_id 
_struct_conn.ptnr1_label_comp_id 
_struct_conn.ptnr1_label_seq_id 
_struct_conn.ptnr1_label_atom_id 
_struct_conn.pdbx_ptnr1_label_alt_id 
_struct_conn.pdbx_ptnr1_PDB_ins_code 
_struct_conn.pdbx_ptnr1_standard_comp_id 
_struct_conn.ptnr1_symmetry 
_struct_conn.ptnr2_label_asym_id 
_struct_conn.ptnr2_label_comp_id 
_struct_conn.ptnr2_label_seq_id 
_struct_conn.ptnr2_label_atom_id 
_struct_conn.pdbx_ptnr2_label_alt_id 
_struct_conn.pdbx_ptnr2_PDB_ins_code 
_struct_conn.ptnr1_auth_asym_id 
_struct_conn.ptnr1_auth_comp_id 
_struct_conn.ptnr1_auth_seq_id 
_struct_conn.ptnr2_auth_asym_id 
_struct_conn.ptnr2_auth_comp_id 
_struct_conn.ptnr2_auth_seq_id 
_struct_conn.ptnr2_symmetry 
_struct_conn.pdbx_ptnr3_label_atom_id 
_struct_conn.pdbx_ptnr3_label_seq_id 
_struct_conn.pdbx_ptnr3_label_comp_id 
_struct_conn.pdbx_ptnr3_label_asym_id 
_struct_conn.pdbx_ptnr3_label_alt_id 
_struct_conn.pdbx_ptnr3_PDB_ins_code 
_struct_conn.details 
_struct_conn.pdbx_dist_value 
_struct_conn.pdbx_value_order 
_struct_conn.pdbx_role 
covale1 covale both ? A SER 1  C ? ? ? 1_555 A MSE 2  N ? ? A SER 0  A MSE 1  1_555 ? ? ? ? ? ? ? 1.326 ? ? 
covale2 covale both ? A MSE 2  C ? ? ? 1_555 A LEU 3  N ? ? A MSE 1  A LEU 2  1_555 ? ? ? ? ? ? ? 1.329 ? ? 
covale3 covale both ? A VAL 30 C ? ? ? 1_555 A MSE 31 N ? ? A VAL 29 A MSE 30 1_555 ? ? ? ? ? ? ? 1.332 ? ? 
covale4 covale both ? A MSE 31 C ? ? ? 1_555 A VAL 32 N ? ? A MSE 30 A VAL 31 1_555 ? ? ? ? ? ? ? 1.332 ? ? 
covale5 covale both ? A GLU 45 C ? ? ? 1_555 A MSE 46 N ? ? A GLU 44 A MSE 45 1_555 ? ? ? ? ? ? ? 1.328 ? ? 
covale6 covale both ? A MSE 46 C ? ? ? 1_555 A THR 47 N ? ? A MSE 45 A THR 46 1_555 ? ? ? ? ? ? ? 1.330 ? ? 
# 
_struct_conn_type.id          covale 
_struct_conn_type.criteria    ? 
_struct_conn_type.reference   ? 
# 
loop_
_pdbx_modification_feature.ordinal 
_pdbx_modification_feature.label_comp_id 
_pdbx_modification_feature.label_asym_id 
_pdbx_modification_feature.label_seq_id 
_pdbx_modification_feature.label_alt_id 
_pdbx_modification_feature.modified_residue_label_comp_id 
_pdbx_modification_feature.modified_residue_label_asym_id 
_pdbx_modification_feature.modified_residue_label_seq_id 
_pdbx_modification_feature.modified_residue_label_alt_id 
_pdbx_modification_feature.auth_comp_id 
_pdbx_modification_feature.auth_asym_id 
_pdbx_modification_feature.auth_seq_id 
_pdbx_modification_feature.PDB_ins_code 
_pdbx_modification_feature.symmetry 
_pdbx_modification_feature.modified_residue_auth_comp_id 
_pdbx_modification_feature.modified_residue_auth_asym_id 
_pdbx_modification_feature.modified_residue_auth_seq_id 
_pdbx_modification_feature.modified_residue_PDB_ins_code 
_pdbx_modification_feature.modified_residue_symmetry 
_pdbx_modification_feature.comp_id_linking_atom 
_pdbx_modification_feature.modified_residue_id_linking_atom 
_pdbx_modification_feature.modified_residue_id 
_pdbx_modification_feature.ref_pcm_id 
_pdbx_modification_feature.ref_comp_id 
_pdbx_modification_feature.type 
_pdbx_modification_feature.category 
1 MSE A 2  ? . . . . MSE A 1  ? 1_555 . . . . . . . MET 1 MSE Selenomethionine 'Named protein modification' 
2 MSE A 31 ? . . . . MSE A 30 ? 1_555 . . . . . . . MET 1 MSE Selenomethionine 'Named protein modification' 
3 MSE A 46 ? . . . . MSE A 45 ? 1_555 . . . . . . . MET 1 MSE Selenomethionine 'Named protein modification' 
# 
loop_
_struct_sheet.id 
_struct_sheet.type 
_struct_sheet.number_strands 
_struct_sheet.details 
AA1 ? 6 ? 
AA2 ? 4 ? 
# 
loop_
_struct_sheet_order.sheet_id 
_struct_sheet_order.range_id_1 
_struct_sheet_order.range_id_2 
_struct_sheet_order.offset 
_struct_sheet_order.sense 
AA1 1 2 ? anti-parallel 
AA1 2 3 ? anti-parallel 
AA1 3 4 ? anti-parallel 
AA1 4 5 ? anti-parallel 
AA1 5 6 ? anti-parallel 
AA2 1 2 ? anti-parallel 
AA2 2 3 ? anti-parallel 
AA2 3 4 ? anti-parallel 
# 
loop_
_struct_sheet_range.sheet_id 
_struct_sheet_range.id 
_struct_sheet_range.beg_label_comp_id 
_struct_sheet_range.beg_label_asym_id 
_struct_sheet_range.beg_label_seq_id 
_struct_sheet_range.pdbx_beg_PDB_ins_code 
_struct_sheet_range.end_label_comp_id 
_struct_sheet_range.end_label_asym_id 
_struct_sheet_range.end_label_seq_id 
_struct_sheet_range.pdbx_end_PDB_ins_code 
_struct_sheet_range.beg_auth_comp_id 
_struct_sheet_range.beg_auth_asym_id 
_struct_sheet_range.beg_auth_seq_id 
_struct_sheet_range.end_auth_comp_id 
_struct_sheet_range.end_auth_asym_id 
_struct_sheet_range.end_auth_seq_id 
AA1 1 GLN A 4  ? TYR A 8  ? GLN A 3  TYR A 7  
AA1 2 VAL A 13 ? SER A 20 ? VAL A 12 SER A 19 
AA1 3 GLY A 24 ? MSE A 31 ? GLY A 23 MSE A 30 
AA1 4 THR A 88 ? TYR A 94 ? THR A 87 TYR A 93 
AA1 5 GLU A 44 ? SER A 50 ? GLU A 43 SER A 49 
AA1 6 VAL A 71 ? VAL A 74 ? VAL A 70 VAL A 73 
AA2 1 GLY A 34 ? SER A 39 ? GLY A 33 SER A 38 
AA2 2 GLU A 79 ? VAL A 84 ? GLU A 78 VAL A 83 
AA2 3 ALA A 52 ? LEU A 56 ? ALA A 51 LEU A 55 
AA2 4 GLN A 64 ? GLU A 67 ? GLN A 63 GLU A 66 
# 
loop_
_pdbx_struct_sheet_hbond.sheet_id 
_pdbx_struct_sheet_hbond.range_id_1 
_pdbx_struct_sheet_hbond.range_id_2 
_pdbx_struct_sheet_hbond.range_1_label_atom_id 
_pdbx_struct_sheet_hbond.range_1_label_comp_id 
_pdbx_struct_sheet_hbond.range_1_label_asym_id 
_pdbx_struct_sheet_hbond.range_1_label_seq_id 
_pdbx_struct_sheet_hbond.range_1_PDB_ins_code 
_pdbx_struct_sheet_hbond.range_1_auth_atom_id 
_pdbx_struct_sheet_hbond.range_1_auth_comp_id 
_pdbx_struct_sheet_hbond.range_1_auth_asym_id 
_pdbx_struct_sheet_hbond.range_1_auth_seq_id 
_pdbx_struct_sheet_hbond.range_2_label_atom_id 
_pdbx_struct_sheet_hbond.range_2_label_comp_id 
_pdbx_struct_sheet_hbond.range_2_label_asym_id 
_pdbx_struct_sheet_hbond.range_2_label_seq_id 
_pdbx_struct_sheet_hbond.range_2_PDB_ins_code 
_pdbx_struct_sheet_hbond.range_2_auth_atom_id 
_pdbx_struct_sheet_hbond.range_2_auth_comp_id 
_pdbx_struct_sheet_hbond.range_2_auth_asym_id 
_pdbx_struct_sheet_hbond.range_2_auth_seq_id 
AA1 1 2 N ASN A 6  ? N ASN A 5  O SER A 15 ? O SER A 14 
AA1 2 3 N ILE A 16 ? N ILE A 15 O VAL A 28 ? O VAL A 27 
AA1 3 4 N SER A 27 ? N SER A 26 O CYS A 92 ? O CYS A 91 
AA1 4 5 O LEU A 91 ? O LEU A 90 N THR A 47 ? N THR A 46 
AA1 5 6 N GLU A 44 ? N GLU A 43 O VAL A 74 ? O VAL A 73 
AA2 1 2 N PHE A 38 ? N PHE A 37 O PHE A 80 ? O PHE A 79 
AA2 2 3 O HIS A 81 ? O HIS A 80 N LEU A 56 ? N LEU A 55 
AA2 3 4 N LEU A 53 ? N LEU A 52 O TYR A 66 ? O TYR A 65 
# 
_pdbx_entry_details.entry_id                   7EYK 
_pdbx_entry_details.has_ligand_of_interest     N 
_pdbx_entry_details.compound_details           ? 
_pdbx_entry_details.source_details             ? 
_pdbx_entry_details.nonpolymer_details         ? 
_pdbx_entry_details.sequence_details           ? 
_pdbx_entry_details.has_protein_modification   Y 
# 
_pdbx_validate_close_contact.id               1 
_pdbx_validate_close_contact.PDB_model_num    1 
_pdbx_validate_close_contact.auth_atom_id_1   O 
_pdbx_validate_close_contact.auth_asym_id_1   A 
_pdbx_validate_close_contact.auth_comp_id_1   HOH 
_pdbx_validate_close_contact.auth_seq_id_1    188 
_pdbx_validate_close_contact.PDB_ins_code_1   ? 
_pdbx_validate_close_contact.label_alt_id_1   ? 
_pdbx_validate_close_contact.auth_atom_id_2   O 
_pdbx_validate_close_contact.auth_asym_id_2   A 
_pdbx_validate_close_contact.auth_comp_id_2   HOH 
_pdbx_validate_close_contact.auth_seq_id_2    197 
_pdbx_validate_close_contact.PDB_ins_code_2   ? 
_pdbx_validate_close_contact.label_alt_id_2   ? 
_pdbx_validate_close_contact.dist             2.18 
# 
loop_
_pdbx_validate_torsion.id 
_pdbx_validate_torsion.PDB_model_num 
_pdbx_validate_torsion.auth_comp_id 
_pdbx_validate_torsion.auth_asym_id 
_pdbx_validate_torsion.auth_seq_id 
_pdbx_validate_torsion.PDB_ins_code 
_pdbx_validate_torsion.label_alt_id 
_pdbx_validate_torsion.phi 
_pdbx_validate_torsion.psi 
1 1 ALA A 40 ? ? -100.43 -88.51 
2 1 ALA A 84 ? ? -106.85 -98.26 
# 
loop_
_pdbx_struct_mod_residue.id 
_pdbx_struct_mod_residue.label_asym_id 
_pdbx_struct_mod_residue.label_comp_id 
_pdbx_struct_mod_residue.label_seq_id 
_pdbx_struct_mod_residue.auth_asym_id 
_pdbx_struct_mod_residue.auth_comp_id 
_pdbx_struct_mod_residue.auth_seq_id 
_pdbx_struct_mod_residue.PDB_ins_code 
_pdbx_struct_mod_residue.parent_comp_id 
_pdbx_struct_mod_residue.details 
1 A MSE 2  A MSE 1  ? MET 'modified residue' 
2 A MSE 31 A MSE 30 ? MET 'modified residue' 
3 A MSE 46 A MSE 45 ? MET 'modified residue' 
# 
loop_
_space_group_symop.id 
_space_group_symop.operation_xyz 
1 x,y,z         
2 x-y,x,z+1/3   
3 y,-x+y,z+2/3  
4 -y,x-y,z+2/3  
5 -x+y,-x,z+1/3 
6 -x,-y,z       
# 
_pdbx_distant_solvent_atoms.id                                1 
_pdbx_distant_solvent_atoms.PDB_model_num                     1 
_pdbx_distant_solvent_atoms.auth_atom_id                      O 
_pdbx_distant_solvent_atoms.label_alt_id                      ? 
_pdbx_distant_solvent_atoms.auth_asym_id                      A 
_pdbx_distant_solvent_atoms.auth_comp_id                      HOH 
_pdbx_distant_solvent_atoms.auth_seq_id                       251 
_pdbx_distant_solvent_atoms.PDB_ins_code                      ? 
_pdbx_distant_solvent_atoms.neighbor_macromolecule_distance   6.42 
_pdbx_distant_solvent_atoms.neighbor_ligand_distance          . 
# 
loop_
_chem_comp_atom.comp_id 
_chem_comp_atom.atom_id 
_chem_comp_atom.type_symbol 
_chem_comp_atom.pdbx_aromatic_flag 
_chem_comp_atom.pdbx_stereo_config 
_chem_comp_atom.pdbx_ordinal 
ALA N    N  N N 1   
ALA CA   C  N S 2   
ALA C    C  N N 3   
ALA O    O  N N 4   
ALA CB   C  N N 5   
ALA OXT  O  N N 6   
ALA H    H  N N 7   
ALA H2   H  N N 8   
ALA HA   H  N N 9   
ALA HB1  H  N N 10  
ALA HB2  H  N N 11  
ALA HB3  H  N N 12  
ALA HXT  H  N N 13  
ARG N    N  N N 14  
ARG CA   C  N S 15  
ARG C    C  N N 16  
ARG O    O  N N 17  
ARG CB   C  N N 18  
ARG CG   C  N N 19  
ARG CD   C  N N 20  
ARG NE   N  N N 21  
ARG CZ   C  N N 22  
ARG NH1  N  N N 23  
ARG NH2  N  N N 24  
ARG OXT  O  N N 25  
ARG H    H  N N 26  
ARG H2   H  N N 27  
ARG HA   H  N N 28  
ARG HB2  H  N N 29  
ARG HB3  H  N N 30  
ARG HG2  H  N N 31  
ARG HG3  H  N N 32  
ARG HD2  H  N N 33  
ARG HD3  H  N N 34  
ARG HE   H  N N 35  
ARG HH11 H  N N 36  
ARG HH12 H  N N 37  
ARG HH21 H  N N 38  
ARG HH22 H  N N 39  
ARG HXT  H  N N 40  
ASN N    N  N N 41  
ASN CA   C  N S 42  
ASN C    C  N N 43  
ASN O    O  N N 44  
ASN CB   C  N N 45  
ASN CG   C  N N 46  
ASN OD1  O  N N 47  
ASN ND2  N  N N 48  
ASN OXT  O  N N 49  
ASN H    H  N N 50  
ASN H2   H  N N 51  
ASN HA   H  N N 52  
ASN HB2  H  N N 53  
ASN HB3  H  N N 54  
ASN HD21 H  N N 55  
ASN HD22 H  N N 56  
ASN HXT  H  N N 57  
ASP N    N  N N 58  
ASP CA   C  N S 59  
ASP C    C  N N 60  
ASP O    O  N N 61  
ASP CB   C  N N 62  
ASP CG   C  N N 63  
ASP OD1  O  N N 64  
ASP OD2  O  N N 65  
ASP OXT  O  N N 66  
ASP H    H  N N 67  
ASP H2   H  N N 68  
ASP HA   H  N N 69  
ASP HB2  H  N N 70  
ASP HB3  H  N N 71  
ASP HD2  H  N N 72  
ASP HXT  H  N N 73  
CYS N    N  N N 74  
CYS CA   C  N R 75  
CYS C    C  N N 76  
CYS O    O  N N 77  
CYS CB   C  N N 78  
CYS SG   S  N N 79  
CYS OXT  O  N N 80  
CYS H    H  N N 81  
CYS H2   H  N N 82  
CYS HA   H  N N 83  
CYS HB2  H  N N 84  
CYS HB3  H  N N 85  
CYS HG   H  N N 86  
CYS HXT  H  N N 87  
GLN N    N  N N 88  
GLN CA   C  N S 89  
GLN C    C  N N 90  
GLN O    O  N N 91  
GLN CB   C  N N 92  
GLN CG   C  N N 93  
GLN CD   C  N N 94  
GLN OE1  O  N N 95  
GLN NE2  N  N N 96  
GLN OXT  O  N N 97  
GLN H    H  N N 98  
GLN H2   H  N N 99  
GLN HA   H  N N 100 
GLN HB2  H  N N 101 
GLN HB3  H  N N 102 
GLN HG2  H  N N 103 
GLN HG3  H  N N 104 
GLN HE21 H  N N 105 
GLN HE22 H  N N 106 
GLN HXT  H  N N 107 
GLU N    N  N N 108 
GLU CA   C  N S 109 
GLU C    C  N N 110 
GLU O    O  N N 111 
GLU CB   C  N N 112 
GLU CG   C  N N 113 
GLU CD   C  N N 114 
GLU OE1  O  N N 115 
GLU OE2  O  N N 116 
GLU OXT  O  N N 117 
GLU H    H  N N 118 
GLU H2   H  N N 119 
GLU HA   H  N N 120 
GLU HB2  H  N N 121 
GLU HB3  H  N N 122 
GLU HG2  H  N N 123 
GLU HG3  H  N N 124 
GLU HE2  H  N N 125 
GLU HXT  H  N N 126 
GLY N    N  N N 127 
GLY CA   C  N N 128 
GLY C    C  N N 129 
GLY O    O  N N 130 
GLY OXT  O  N N 131 
GLY H    H  N N 132 
GLY H2   H  N N 133 
GLY HA2  H  N N 134 
GLY HA3  H  N N 135 
GLY HXT  H  N N 136 
HIS N    N  N N 137 
HIS CA   C  N S 138 
HIS C    C  N N 139 
HIS O    O  N N 140 
HIS CB   C  N N 141 
HIS CG   C  Y N 142 
HIS ND1  N  Y N 143 
HIS CD2  C  Y N 144 
HIS CE1  C  Y N 145 
HIS NE2  N  Y N 146 
HIS OXT  O  N N 147 
HIS H    H  N N 148 
HIS H2   H  N N 149 
HIS HA   H  N N 150 
HIS HB2  H  N N 151 
HIS HB3  H  N N 152 
HIS HD1  H  N N 153 
HIS HD2  H  N N 154 
HIS HE1  H  N N 155 
HIS HE2  H  N N 156 
HIS HXT  H  N N 157 
HOH O    O  N N 158 
HOH H1   H  N N 159 
HOH H2   H  N N 160 
ILE N    N  N N 161 
ILE CA   C  N S 162 
ILE C    C  N N 163 
ILE O    O  N N 164 
ILE CB   C  N S 165 
ILE CG1  C  N N 166 
ILE CG2  C  N N 167 
ILE CD1  C  N N 168 
ILE OXT  O  N N 169 
ILE H    H  N N 170 
ILE H2   H  N N 171 
ILE HA   H  N N 172 
ILE HB   H  N N 173 
ILE HG12 H  N N 174 
ILE HG13 H  N N 175 
ILE HG21 H  N N 176 
ILE HG22 H  N N 177 
ILE HG23 H  N N 178 
ILE HD11 H  N N 179 
ILE HD12 H  N N 180 
ILE HD13 H  N N 181 
ILE HXT  H  N N 182 
LEU N    N  N N 183 
LEU CA   C  N S 184 
LEU C    C  N N 185 
LEU O    O  N N 186 
LEU CB   C  N N 187 
LEU CG   C  N N 188 
LEU CD1  C  N N 189 
LEU CD2  C  N N 190 
LEU OXT  O  N N 191 
LEU H    H  N N 192 
LEU H2   H  N N 193 
LEU HA   H  N N 194 
LEU HB2  H  N N 195 
LEU HB3  H  N N 196 
LEU HG   H  N N 197 
LEU HD11 H  N N 198 
LEU HD12 H  N N 199 
LEU HD13 H  N N 200 
LEU HD21 H  N N 201 
LEU HD22 H  N N 202 
LEU HD23 H  N N 203 
LEU HXT  H  N N 204 
LYS N    N  N N 205 
LYS CA   C  N S 206 
LYS C    C  N N 207 
LYS O    O  N N 208 
LYS CB   C  N N 209 
LYS CG   C  N N 210 
LYS CD   C  N N 211 
LYS CE   C  N N 212 
LYS NZ   N  N N 213 
LYS OXT  O  N N 214 
LYS H    H  N N 215 
LYS H2   H  N N 216 
LYS HA   H  N N 217 
LYS HB2  H  N N 218 
LYS HB3  H  N N 219 
LYS HG2  H  N N 220 
LYS HG3  H  N N 221 
LYS HD2  H  N N 222 
LYS HD3  H  N N 223 
LYS HE2  H  N N 224 
LYS HE3  H  N N 225 
LYS HZ1  H  N N 226 
LYS HZ2  H  N N 227 
LYS HZ3  H  N N 228 
LYS HXT  H  N N 229 
MSE N    N  N N 230 
MSE CA   C  N S 231 
MSE C    C  N N 232 
MSE O    O  N N 233 
MSE OXT  O  N N 234 
MSE CB   C  N N 235 
MSE CG   C  N N 236 
MSE SE   SE N N 237 
MSE CE   C  N N 238 
MSE H    H  N N 239 
MSE H2   H  N N 240 
MSE HA   H  N N 241 
MSE HXT  H  N N 242 
MSE HB2  H  N N 243 
MSE HB3  H  N N 244 
MSE HG2  H  N N 245 
MSE HG3  H  N N 246 
MSE HE1  H  N N 247 
MSE HE2  H  N N 248 
MSE HE3  H  N N 249 
PHE N    N  N N 250 
PHE CA   C  N S 251 
PHE C    C  N N 252 
PHE O    O  N N 253 
PHE CB   C  N N 254 
PHE CG   C  Y N 255 
PHE CD1  C  Y N 256 
PHE CD2  C  Y N 257 
PHE CE1  C  Y N 258 
PHE CE2  C  Y N 259 
PHE CZ   C  Y N 260 
PHE OXT  O  N N 261 
PHE H    H  N N 262 
PHE H2   H  N N 263 
PHE HA   H  N N 264 
PHE HB2  H  N N 265 
PHE HB3  H  N N 266 
PHE HD1  H  N N 267 
PHE HD2  H  N N 268 
PHE HE1  H  N N 269 
PHE HE2  H  N N 270 
PHE HZ   H  N N 271 
PHE HXT  H  N N 272 
PRO N    N  N N 273 
PRO CA   C  N S 274 
PRO C    C  N N 275 
PRO O    O  N N 276 
PRO CB   C  N N 277 
PRO CG   C  N N 278 
PRO CD   C  N N 279 
PRO OXT  O  N N 280 
PRO H    H  N N 281 
PRO HA   H  N N 282 
PRO HB2  H  N N 283 
PRO HB3  H  N N 284 
PRO HG2  H  N N 285 
PRO HG3  H  N N 286 
PRO HD2  H  N N 287 
PRO HD3  H  N N 288 
PRO HXT  H  N N 289 
SER N    N  N N 290 
SER CA   C  N S 291 
SER C    C  N N 292 
SER O    O  N N 293 
SER CB   C  N N 294 
SER OG   O  N N 295 
SER OXT  O  N N 296 
SER H    H  N N 297 
SER H2   H  N N 298 
SER HA   H  N N 299 
SER HB2  H  N N 300 
SER HB3  H  N N 301 
SER HG   H  N N 302 
SER HXT  H  N N 303 
THR N    N  N N 304 
THR CA   C  N S 305 
THR C    C  N N 306 
THR O    O  N N 307 
THR CB   C  N R 308 
THR OG1  O  N N 309 
THR CG2  C  N N 310 
THR OXT  O  N N 311 
THR H    H  N N 312 
THR H2   H  N N 313 
THR HA   H  N N 314 
THR HB   H  N N 315 
THR HG1  H  N N 316 
THR HG21 H  N N 317 
THR HG22 H  N N 318 
THR HG23 H  N N 319 
THR HXT  H  N N 320 
TRP N    N  N N 321 
TRP CA   C  N S 322 
TRP C    C  N N 323 
TRP O    O  N N 324 
TRP CB   C  N N 325 
TRP CG   C  Y N 326 
TRP CD1  C  Y N 327 
TRP CD2  C  Y N 328 
TRP NE1  N  Y N 329 
TRP CE2  C  Y N 330 
TRP CE3  C  Y N 331 
TRP CZ2  C  Y N 332 
TRP CZ3  C  Y N 333 
TRP CH2  C  Y N 334 
TRP OXT  O  N N 335 
TRP H    H  N N 336 
TRP H2   H  N N 337 
TRP HA   H  N N 338 
TRP HB2  H  N N 339 
TRP HB3  H  N N 340 
TRP HD1  H  N N 341 
TRP HE1  H  N N 342 
TRP HE3  H  N N 343 
TRP HZ2  H  N N 344 
TRP HZ3  H  N N 345 
TRP HH2  H  N N 346 
TRP HXT  H  N N 347 
TYR N    N  N N 348 
TYR CA   C  N S 349 
TYR C    C  N N 350 
TYR O    O  N N 351 
TYR CB   C  N N 352 
TYR CG   C  Y N 353 
TYR CD1  C  Y N 354 
TYR CD2  C  Y N 355 
TYR CE1  C  Y N 356 
TYR CE2  C  Y N 357 
TYR CZ   C  Y N 358 
TYR OH   O  N N 359 
TYR OXT  O  N N 360 
TYR H    H  N N 361 
TYR H2   H  N N 362 
TYR HA   H  N N 363 
TYR HB2  H  N N 364 
TYR HB3  H  N N 365 
TYR HD1  H  N N 366 
TYR HD2  H  N N 367 
TYR HE1  H  N N 368 
TYR HE2  H  N N 369 
TYR HH   H  N N 370 
TYR HXT  H  N N 371 
VAL N    N  N N 372 
VAL CA   C  N S 373 
VAL C    C  N N 374 
VAL O    O  N N 375 
VAL CB   C  N N 376 
VAL CG1  C  N N 377 
VAL CG2  C  N N 378 
VAL OXT  O  N N 379 
VAL H    H  N N 380 
VAL H2   H  N N 381 
VAL HA   H  N N 382 
VAL HB   H  N N 383 
VAL HG11 H  N N 384 
VAL HG12 H  N N 385 
VAL HG13 H  N N 386 
VAL HG21 H  N N 387 
VAL HG22 H  N N 388 
VAL HG23 H  N N 389 
VAL HXT  H  N N 390 
# 
loop_
_chem_comp_bond.comp_id 
_chem_comp_bond.atom_id_1 
_chem_comp_bond.atom_id_2 
_chem_comp_bond.value_order 
_chem_comp_bond.pdbx_aromatic_flag 
_chem_comp_bond.pdbx_stereo_config 
_chem_comp_bond.pdbx_ordinal 
ALA N   CA   sing N N 1   
ALA N   H    sing N N 2   
ALA N   H2   sing N N 3   
ALA CA  C    sing N N 4   
ALA CA  CB   sing N N 5   
ALA CA  HA   sing N N 6   
ALA C   O    doub N N 7   
ALA C   OXT  sing N N 8   
ALA CB  HB1  sing N N 9   
ALA CB  HB2  sing N N 10  
ALA CB  HB3  sing N N 11  
ALA OXT HXT  sing N N 12  
ARG N   CA   sing N N 13  
ARG N   H    sing N N 14  
ARG N   H2   sing N N 15  
ARG CA  C    sing N N 16  
ARG CA  CB   sing N N 17  
ARG CA  HA   sing N N 18  
ARG C   O    doub N N 19  
ARG C   OXT  sing N N 20  
ARG CB  CG   sing N N 21  
ARG CB  HB2  sing N N 22  
ARG CB  HB3  sing N N 23  
ARG CG  CD   sing N N 24  
ARG CG  HG2  sing N N 25  
ARG CG  HG3  sing N N 26  
ARG CD  NE   sing N N 27  
ARG CD  HD2  sing N N 28  
ARG CD  HD3  sing N N 29  
ARG NE  CZ   sing N N 30  
ARG NE  HE   sing N N 31  
ARG CZ  NH1  sing N N 32  
ARG CZ  NH2  doub N N 33  
ARG NH1 HH11 sing N N 34  
ARG NH1 HH12 sing N N 35  
ARG NH2 HH21 sing N N 36  
ARG NH2 HH22 sing N N 37  
ARG OXT HXT  sing N N 38  
ASN N   CA   sing N N 39  
ASN N   H    sing N N 40  
ASN N   H2   sing N N 41  
ASN CA  C    sing N N 42  
ASN CA  CB   sing N N 43  
ASN CA  HA   sing N N 44  
ASN C   O    doub N N 45  
ASN C   OXT  sing N N 46  
ASN CB  CG   sing N N 47  
ASN CB  HB2  sing N N 48  
ASN CB  HB3  sing N N 49  
ASN CG  OD1  doub N N 50  
ASN CG  ND2  sing N N 51  
ASN ND2 HD21 sing N N 52  
ASN ND2 HD22 sing N N 53  
ASN OXT HXT  sing N N 54  
ASP N   CA   sing N N 55  
ASP N   H    sing N N 56  
ASP N   H2   sing N N 57  
ASP CA  C    sing N N 58  
ASP CA  CB   sing N N 59  
ASP CA  HA   sing N N 60  
ASP C   O    doub N N 61  
ASP C   OXT  sing N N 62  
ASP CB  CG   sing N N 63  
ASP CB  HB2  sing N N 64  
ASP CB  HB3  sing N N 65  
ASP CG  OD1  doub N N 66  
ASP CG  OD2  sing N N 67  
ASP OD2 HD2  sing N N 68  
ASP OXT HXT  sing N N 69  
CYS N   CA   sing N N 70  
CYS N   H    sing N N 71  
CYS N   H2   sing N N 72  
CYS CA  C    sing N N 73  
CYS CA  CB   sing N N 74  
CYS CA  HA   sing N N 75  
CYS C   O    doub N N 76  
CYS C   OXT  sing N N 77  
CYS CB  SG   sing N N 78  
CYS CB  HB2  sing N N 79  
CYS CB  HB3  sing N N 80  
CYS SG  HG   sing N N 81  
CYS OXT HXT  sing N N 82  
GLN N   CA   sing N N 83  
GLN N   H    sing N N 84  
GLN N   H2   sing N N 85  
GLN CA  C    sing N N 86  
GLN CA  CB   sing N N 87  
GLN CA  HA   sing N N 88  
GLN C   O    doub N N 89  
GLN C   OXT  sing N N 90  
GLN CB  CG   sing N N 91  
GLN CB  HB2  sing N N 92  
GLN CB  HB3  sing N N 93  
GLN CG  CD   sing N N 94  
GLN CG  HG2  sing N N 95  
GLN CG  HG3  sing N N 96  
GLN CD  OE1  doub N N 97  
GLN CD  NE2  sing N N 98  
GLN NE2 HE21 sing N N 99  
GLN NE2 HE22 sing N N 100 
GLN OXT HXT  sing N N 101 
GLU N   CA   sing N N 102 
GLU N   H    sing N N 103 
GLU N   H2   sing N N 104 
GLU CA  C    sing N N 105 
GLU CA  CB   sing N N 106 
GLU CA  HA   sing N N 107 
GLU C   O    doub N N 108 
GLU C   OXT  sing N N 109 
GLU CB  CG   sing N N 110 
GLU CB  HB2  sing N N 111 
GLU CB  HB3  sing N N 112 
GLU CG  CD   sing N N 113 
GLU CG  HG2  sing N N 114 
GLU CG  HG3  sing N N 115 
GLU CD  OE1  doub N N 116 
GLU CD  OE2  sing N N 117 
GLU OE2 HE2  sing N N 118 
GLU OXT HXT  sing N N 119 
GLY N   CA   sing N N 120 
GLY N   H    sing N N 121 
GLY N   H2   sing N N 122 
GLY CA  C    sing N N 123 
GLY CA  HA2  sing N N 124 
GLY CA  HA3  sing N N 125 
GLY C   O    doub N N 126 
GLY C   OXT  sing N N 127 
GLY OXT HXT  sing N N 128 
HIS N   CA   sing N N 129 
HIS N   H    sing N N 130 
HIS N   H2   sing N N 131 
HIS CA  C    sing N N 132 
HIS CA  CB   sing N N 133 
HIS CA  HA   sing N N 134 
HIS C   O    doub N N 135 
HIS C   OXT  sing N N 136 
HIS CB  CG   sing N N 137 
HIS CB  HB2  sing N N 138 
HIS CB  HB3  sing N N 139 
HIS CG  ND1  sing Y N 140 
HIS CG  CD2  doub Y N 141 
HIS ND1 CE1  doub Y N 142 
HIS ND1 HD1  sing N N 143 
HIS CD2 NE2  sing Y N 144 
HIS CD2 HD2  sing N N 145 
HIS CE1 NE2  sing Y N 146 
HIS CE1 HE1  sing N N 147 
HIS NE2 HE2  sing N N 148 
HIS OXT HXT  sing N N 149 
HOH O   H1   sing N N 150 
HOH O   H2   sing N N 151 
ILE N   CA   sing N N 152 
ILE N   H    sing N N 153 
ILE N   H2   sing N N 154 
ILE CA  C    sing N N 155 
ILE CA  CB   sing N N 156 
ILE CA  HA   sing N N 157 
ILE C   O    doub N N 158 
ILE C   OXT  sing N N 159 
ILE CB  CG1  sing N N 160 
ILE CB  CG2  sing N N 161 
ILE CB  HB   sing N N 162 
ILE CG1 CD1  sing N N 163 
ILE CG1 HG12 sing N N 164 
ILE CG1 HG13 sing N N 165 
ILE CG2 HG21 sing N N 166 
ILE CG2 HG22 sing N N 167 
ILE CG2 HG23 sing N N 168 
ILE CD1 HD11 sing N N 169 
ILE CD1 HD12 sing N N 170 
ILE CD1 HD13 sing N N 171 
ILE OXT HXT  sing N N 172 
LEU N   CA   sing N N 173 
LEU N   H    sing N N 174 
LEU N   H2   sing N N 175 
LEU CA  C    sing N N 176 
LEU CA  CB   sing N N 177 
LEU CA  HA   sing N N 178 
LEU C   O    doub N N 179 
LEU C   OXT  sing N N 180 
LEU CB  CG   sing N N 181 
LEU CB  HB2  sing N N 182 
LEU CB  HB3  sing N N 183 
LEU CG  CD1  sing N N 184 
LEU CG  CD2  sing N N 185 
LEU CG  HG   sing N N 186 
LEU CD1 HD11 sing N N 187 
LEU CD1 HD12 sing N N 188 
LEU CD1 HD13 sing N N 189 
LEU CD2 HD21 sing N N 190 
LEU CD2 HD22 sing N N 191 
LEU CD2 HD23 sing N N 192 
LEU OXT HXT  sing N N 193 
LYS N   CA   sing N N 194 
LYS N   H    sing N N 195 
LYS N   H2   sing N N 196 
LYS CA  C    sing N N 197 
LYS CA  CB   sing N N 198 
LYS CA  HA   sing N N 199 
LYS C   O    doub N N 200 
LYS C   OXT  sing N N 201 
LYS CB  CG   sing N N 202 
LYS CB  HB2  sing N N 203 
LYS CB  HB3  sing N N 204 
LYS CG  CD   sing N N 205 
LYS CG  HG2  sing N N 206 
LYS CG  HG3  sing N N 207 
LYS CD  CE   sing N N 208 
LYS CD  HD2  sing N N 209 
LYS CD  HD3  sing N N 210 
LYS CE  NZ   sing N N 211 
LYS CE  HE2  sing N N 212 
LYS CE  HE3  sing N N 213 
LYS NZ  HZ1  sing N N 214 
LYS NZ  HZ2  sing N N 215 
LYS NZ  HZ3  sing N N 216 
LYS OXT HXT  sing N N 217 
MSE N   CA   sing N N 218 
MSE N   H    sing N N 219 
MSE N   H2   sing N N 220 
MSE CA  C    sing N N 221 
MSE CA  CB   sing N N 222 
MSE CA  HA   sing N N 223 
MSE C   O    doub N N 224 
MSE C   OXT  sing N N 225 
MSE OXT HXT  sing N N 226 
MSE CB  CG   sing N N 227 
MSE CB  HB2  sing N N 228 
MSE CB  HB3  sing N N 229 
MSE CG  SE   sing N N 230 
MSE CG  HG2  sing N N 231 
MSE CG  HG3  sing N N 232 
MSE SE  CE   sing N N 233 
MSE CE  HE1  sing N N 234 
MSE CE  HE2  sing N N 235 
MSE CE  HE3  sing N N 236 
PHE N   CA   sing N N 237 
PHE N   H    sing N N 238 
PHE N   H2   sing N N 239 
PHE CA  C    sing N N 240 
PHE CA  CB   sing N N 241 
PHE CA  HA   sing N N 242 
PHE C   O    doub N N 243 
PHE C   OXT  sing N N 244 
PHE CB  CG   sing N N 245 
PHE CB  HB2  sing N N 246 
PHE CB  HB3  sing N N 247 
PHE CG  CD1  doub Y N 248 
PHE CG  CD2  sing Y N 249 
PHE CD1 CE1  sing Y N 250 
PHE CD1 HD1  sing N N 251 
PHE CD2 CE2  doub Y N 252 
PHE CD2 HD2  sing N N 253 
PHE CE1 CZ   doub Y N 254 
PHE CE1 HE1  sing N N 255 
PHE CE2 CZ   sing Y N 256 
PHE CE2 HE2  sing N N 257 
PHE CZ  HZ   sing N N 258 
PHE OXT HXT  sing N N 259 
PRO N   CA   sing N N 260 
PRO N   CD   sing N N 261 
PRO N   H    sing N N 262 
PRO CA  C    sing N N 263 
PRO CA  CB   sing N N 264 
PRO CA  HA   sing N N 265 
PRO C   O    doub N N 266 
PRO C   OXT  sing N N 267 
PRO CB  CG   sing N N 268 
PRO CB  HB2  sing N N 269 
PRO CB  HB3  sing N N 270 
PRO CG  CD   sing N N 271 
PRO CG  HG2  sing N N 272 
PRO CG  HG3  sing N N 273 
PRO CD  HD2  sing N N 274 
PRO CD  HD3  sing N N 275 
PRO OXT HXT  sing N N 276 
SER N   CA   sing N N 277 
SER N   H    sing N N 278 
SER N   H2   sing N N 279 
SER CA  C    sing N N 280 
SER CA  CB   sing N N 281 
SER CA  HA   sing N N 282 
SER C   O    doub N N 283 
SER C   OXT  sing N N 284 
SER CB  OG   sing N N 285 
SER CB  HB2  sing N N 286 
SER CB  HB3  sing N N 287 
SER OG  HG   sing N N 288 
SER OXT HXT  sing N N 289 
THR N   CA   sing N N 290 
THR N   H    sing N N 291 
THR N   H2   sing N N 292 
THR CA  C    sing N N 293 
THR CA  CB   sing N N 294 
THR CA  HA   sing N N 295 
THR C   O    doub N N 296 
THR C   OXT  sing N N 297 
THR CB  OG1  sing N N 298 
THR CB  CG2  sing N N 299 
THR CB  HB   sing N N 300 
THR OG1 HG1  sing N N 301 
THR CG2 HG21 sing N N 302 
THR CG2 HG22 sing N N 303 
THR CG2 HG23 sing N N 304 
THR OXT HXT  sing N N 305 
TRP N   CA   sing N N 306 
TRP N   H    sing N N 307 
TRP N   H2   sing N N 308 
TRP CA  C    sing N N 309 
TRP CA  CB   sing N N 310 
TRP CA  HA   sing N N 311 
TRP C   O    doub N N 312 
TRP C   OXT  sing N N 313 
TRP CB  CG   sing N N 314 
TRP CB  HB2  sing N N 315 
TRP CB  HB3  sing N N 316 
TRP CG  CD1  doub Y N 317 
TRP CG  CD2  sing Y N 318 
TRP CD1 NE1  sing Y N 319 
TRP CD1 HD1  sing N N 320 
TRP CD2 CE2  doub Y N 321 
TRP CD2 CE3  sing Y N 322 
TRP NE1 CE2  sing Y N 323 
TRP NE1 HE1  sing N N 324 
TRP CE2 CZ2  sing Y N 325 
TRP CE3 CZ3  doub Y N 326 
TRP CE3 HE3  sing N N 327 
TRP CZ2 CH2  doub Y N 328 
TRP CZ2 HZ2  sing N N 329 
TRP CZ3 CH2  sing Y N 330 
TRP CZ3 HZ3  sing N N 331 
TRP CH2 HH2  sing N N 332 
TRP OXT HXT  sing N N 333 
TYR N   CA   sing N N 334 
TYR N   H    sing N N 335 
TYR N   H2   sing N N 336 
TYR CA  C    sing N N 337 
TYR CA  CB   sing N N 338 
TYR CA  HA   sing N N 339 
TYR C   O    doub N N 340 
TYR C   OXT  sing N N 341 
TYR CB  CG   sing N N 342 
TYR CB  HB2  sing N N 343 
TYR CB  HB3  sing N N 344 
TYR CG  CD1  doub Y N 345 
TYR CG  CD2  sing Y N 346 
TYR CD1 CE1  sing Y N 347 
TYR CD1 HD1  sing N N 348 
TYR CD2 CE2  doub Y N 349 
TYR CD2 HD2  sing N N 350 
TYR CE1 CZ   doub Y N 351 
TYR CE1 HE1  sing N N 352 
TYR CE2 CZ   sing Y N 353 
TYR CE2 HE2  sing N N 354 
TYR CZ  OH   sing N N 355 
TYR OH  HH   sing N N 356 
TYR OXT HXT  sing N N 357 
VAL N   CA   sing N N 358 
VAL N   H    sing N N 359 
VAL N   H2   sing N N 360 
VAL CA  C    sing N N 361 
VAL CA  CB   sing N N 362 
VAL CA  HA   sing N N 363 
VAL C   O    doub N N 364 
VAL C   OXT  sing N N 365 
VAL CB  CG1  sing N N 366 
VAL CB  CG2  sing N N 367 
VAL CB  HB   sing N N 368 
VAL CG1 HG11 sing N N 369 
VAL CG1 HG12 sing N N 370 
VAL CG1 HG13 sing N N 371 
VAL CG2 HG21 sing N N 372 
VAL CG2 HG22 sing N N 373 
VAL CG2 HG23 sing N N 374 
VAL OXT HXT  sing N N 375 
# 
_space_group.crystal_system   hexagonal 
_space_group.name_H-M_alt     'P 62' 
_space_group.IT_number        171 
_space_group.name_Hall        'P 62' 
_space_group.id               1 
# 
_atom_sites.entry_id                    7EYK 
_atom_sites.Cartn_transf_matrix[1][1]   ? 
_atom_sites.Cartn_transf_matrix[1][2]   ? 
_atom_sites.Cartn_transf_matrix[1][3]   ? 
_atom_sites.Cartn_transf_matrix[2][1]   ? 
_atom_sites.Cartn_transf_matrix[2][2]   ? 
_atom_sites.Cartn_transf_matrix[2][3]   ? 
_atom_sites.Cartn_transf_matrix[3][1]   ? 
_atom_sites.Cartn_transf_matrix[3][2]   ? 
_atom_sites.Cartn_transf_matrix[3][3]   ? 
_atom_sites.Cartn_transf_vector[1]      ? 
_atom_sites.Cartn_transf_vector[2]      ? 
_atom_sites.Cartn_transf_vector[3]      ? 
_atom_sites.fract_transf_matrix[1][1]   -0.01737677 
_atom_sites.fract_transf_matrix[1][2]   -0.00153044 
_atom_sites.fract_transf_matrix[1][3]   0.00838653 
_atom_sites.fract_transf_matrix[2][1]   -0.00588767 
_atom_sites.fract_transf_matrix[2][2]   0.01346649 
_atom_sites.fract_transf_matrix[2][3]   0.01259385 
_atom_sites.fract_transf_matrix[3][1]   -0.00774004 
_atom_sites.fract_transf_matrix[3][2]   0.00992088 
_atom_sites.fract_transf_matrix[3][3]   -0.01422680 
_atom_sites.fract_transf_vector[1]      0.060906 
_atom_sites.fract_transf_vector[2]      -0.304612 
_atom_sites.fract_transf_vector[3]      -0.143008 
_atom_sites.solution_primary            ? 
_atom_sites.solution_secondary          ? 
_atom_sites.solution_hydrogens          ? 
_atom_sites.special_details             ? 
# 
loop_
_atom_type.symbol 
C  
N  
O  
S  
SE 
# 
loop_
_atom_site.group_PDB 
_atom_site.id 
_atom_site.type_symbol 
_atom_site.label_atom_id 
_atom_site.label_alt_id 
_atom_site.label_comp_id 
_atom_site.label_asym_id 
_atom_site.label_entity_id 
_atom_site.label_seq_id 
_atom_site.pdbx_PDB_ins_code 
_atom_site.Cartn_x 
_atom_site.Cartn_y 
_atom_site.Cartn_z 
_atom_site.occupancy 
_atom_site.B_iso_or_equiv 
_atom_site.pdbx_formal_charge 
_atom_site.auth_seq_id 
_atom_site.auth_comp_id 
_atom_site.auth_asym_id 
_atom_site.auth_atom_id 
_atom_site.pdbx_PDB_model_num 
ATOM   1   N  N   . SER A 1 1  ? 19.32733  -10.61003 -7.05807  1.000 19.63000 ? 0   SER A N   1 
ATOM   2   C  CA  . SER A 1 1  ? 18.21400  -9.84157  -6.49456  1.000 13.32000 ? 0   SER A CA  1 
ATOM   3   C  C   . SER A 1 1  ? 17.63403  -10.49223 -5.25234  1.000 15.83000 ? 0   SER A C   1 
ATOM   4   O  O   . SER A 1 1  ? 17.43464  -11.70569 -5.20374  1.000 20.04000 ? 0   SER A O   1 
ATOM   5   C  CB  . SER A 1 1  ? 17.10364  -9.66253  -7.52784  1.000 16.67000 ? 0   SER A CB  1 
ATOM   6   O  OG  . SER A 1 1  ? 17.60011  -9.11847  -8.73353  1.000 17.05000 ? 0   SER A OG  1 
HETATM 7   N  N   . MSE A 1 2  ? 17.33491  -9.67112  -4.25536  1.000 10.02000 ? 1   MSE A N   1 
HETATM 8   C  CA  . MSE A 1 2  ? 16.71613  -10.15414 -3.03534  1.000 10.49000 ? 1   MSE A CA  1 
HETATM 9   C  C   . MSE A 1 2  ? 15.19235  -10.08137 -3.08476  1.000 9.79000  ? 1   MSE A C   1 
HETATM 10  O  O   . MSE A 1 2  ? 14.64047  -9.05890  -3.47861  1.000 11.23000 ? 1   MSE A O   1 
HETATM 11  C  CB  . MSE A 1 2  ? 17.22566  -9.33608  -1.84762  1.000 11.70000 ? 1   MSE A CB  1 
HETATM 12  C  CG  . MSE A 1 2  ? 16.38365  -9.50332  -0.59166  1.000 10.68000 ? 1   MSE A CG  1 
HETATM 13  SE SE  . MSE A 1 2  ? 17.06503  -8.47804  0.90204   1.000 20.45000 ? 1   MSE A SE  1 
HETATM 14  C  CE  . MSE A 1 2  ? 18.26155  -9.81889  1.66569   1.000 14.57000 ? 1   MSE A CE  1 
ATOM   15  N  N   . LEU A 1 3  ? 14.53163  -11.16224 -2.68203  1.000 11.35000 ? 2   LEU A N   1 
ATOM   16  C  CA  . LEU A 1 3  ? 13.09685  -11.17299 -2.40689  1.000 10.92000 ? 2   LEU A CA  1 
ATOM   17  C  C   . LEU A 1 3  ? 12.91929  -11.54743 -0.95070  1.000 11.38000 ? 2   LEU A C   1 
ATOM   18  O  O   . LEU A 1 3  ? 13.51344  -12.52460 -0.49485  1.000 12.58000 ? 2   LEU A O   1 
ATOM   19  C  CB  . LEU A 1 3  ? 12.36267  -12.25226 -3.21131  1.000 13.24000 ? 2   LEU A CB  1 
ATOM   20  C  CG  . LEU A 1 3  ? 12.44523  -12.20193 -4.72036  1.000 12.80000 ? 2   LEU A CG  1 
ATOM   21  C  CD1 . LEU A 1 3  ? 11.53691  -13.28966 -5.32513  1.000 12.89000 ? 2   LEU A CD1 1 
ATOM   22  C  CD2 . LEU A 1 3  ? 12.06183  -10.82266 -5.21872  1.000 13.27000 ? 2   LEU A CD2 1 
ATOM   23  N  N   . GLN A 1 4  ? 12.06763  -10.82113 -0.23053  1.000 10.84000 ? 3   GLN A N   1 
ATOM   24  C  CA  . GLN A 1 4  ? 11.82172  -11.14999 1.16648   1.000 10.66000 ? 3   GLN A CA  1 
ATOM   25  C  C   . GLN A 1 4  ? 10.34370  -11.03718 1.49523   1.000 12.03000 ? 3   GLN A C   1 
ATOM   26  O  O   . GLN A 1 4  ? 9.68250   -10.06756 1.11599   1.000 12.05000 ? 3   GLN A O   1 
ATOM   27  C  CB  . GLN A 1 4  ? 12.60707  -10.23551 2.12185   1.000 13.88000 ? 3   GLN A CB  1 
ATOM   28  C  CG  . GLN A 1 4  ? 14.12269  -10.44517 2.11096   1.000 15.64000 ? 3   GLN A CG  1 
ATOM   29  C  CD  . GLN A 1 4  ? 14.54636  -11.83114 2.54003   1.000 23.94000 ? 3   GLN A CD  1 
ATOM   30  O  OE1 . GLN A 1 4  ? 15.47871  -12.40592 1.97373   1.000 30.45000 ? 3   GLN A OE1 1 
ATOM   31  N  NE2 . GLN A 1 4  ? 13.86973  -12.37914 3.53661   1.000 22.26000 ? 3   GLN A NE2 1 
ATOM   32  N  N   . SER A 1 5  ? 9.83195   -12.01777 2.22460   1.000 11.01000 ? 4   SER A N   1 
ATOM   33  C  CA  . SER A 1 5  ? 8.46245   -12.00065 2.70794   1.000 11.30000 ? 4   SER A CA  1 
ATOM   34  C  C   . SER A 1 5  ? 8.38271   -11.22806 4.01766   1.000 13.39000 ? 4   SER A C   1 
ATOM   35  O  O   . SER A 1 5  ? 9.19728   -11.44001 4.92325   1.000 14.80000 ? 4   SER A O   1 
ATOM   36  C  CB  . SER A 1 5  ? 8.00040   -13.43422 2.92752   1.000 16.57000 ? 4   SER A CB  1 
ATOM   37  O  OG  . SER A 1 5  ? 6.65820   -13.44588 3.36525   1.000 20.81000 ? 4   SER A OG  1 
ATOM   38  N  N   . ASN A 1 6  ? 7.40001   -10.33871 4.11647   1.000 11.17000 ? 5   ASN A N   1 
ATOM   39  C  CA  . ASN A 1 6  ? 7.21458   -9.46951  5.26271   1.000 12.27000 ? 5   ASN A CA  1 
ATOM   40  C  C   . ASN A 1 6  ? 5.79805   -9.63342  5.79623   1.000 11.17000 ? 5   ASN A C   1 
ATOM   41  O  O   . ASN A 1 6  ? 4.85618   -9.84334  5.03017   1.000 12.71000 ? 5   ASN A O   1 
ATOM   42  C  CB  . ASN A 1 6  ? 7.38396   -8.00002  4.84024   1.000 14.06000 ? 5   ASN A CB  1 
ATOM   43  C  CG  . ASN A 1 6  ? 8.66674   -7.74916  4.06363   1.000 14.71000 ? 5   ASN A CG  1 
ATOM   44  O  OD1 . ASN A 1 6  ? 9.75898   -8.06300  4.53484   1.000 15.42000 ? 5   ASN A OD1 1 
ATOM   45  N  ND2 . ASN A 1 6  ? 8.53930   -7.16752  2.87647   1.000 15.56000 ? 5   ASN A ND2 1 
ATOM   46  N  N   . GLU A 1 7  ? 5.64492   -9.50987  7.11248   1.000 11.75000 ? 6   GLU A N   1 
ATOM   47  C  CA  . GLU A 1 7  ? 4.33132   -9.56160  7.74167   1.000 12.09000 ? 6   GLU A CA  1 
ATOM   48  C  C   . GLU A 1 7  ? 4.18243   -8.37400  8.68288   1.000 12.48000 ? 6   GLU A C   1 
ATOM   49  O  O   . GLU A 1 7  ? 5.14244   -7.98058  9.35342   1.000 13.82000 ? 6   GLU A O   1 
ATOM   50  C  CB  . GLU A 1 7  ? 4.14263   -10.88817 8.50792   1.000 19.65000 ? 6   GLU A CB  1 
ATOM   51  C  CG  . GLU A 1 7  ? 4.86723   -12.07708 7.84802   1.000 38.84000 ? 6   GLU A CG  1 
ATOM   52  C  CD  . GLU A 1 7  ? 4.14351   -13.41394 7.96634   1.000 49.69000 ? 6   GLU A CD  1 
ATOM   53  O  OE1 . GLU A 1 7  ? 4.20468   -14.21402 6.98931   1.000 25.83000 ? 6   GLU A OE1 1 
ATOM   54  O  OE2 . GLU A 1 7  ? 3.53258   -13.67017 9.03051   1.000 35.52000 ? 6   GLU A OE2 1 
ATOM   55  N  N   . TYR A 1 8  ? 2.98880   -7.78077  8.70463   1.000 10.60000 ? 7   TYR A N   1 
ATOM   56  C  CA  . TYR A 1 8  ? 2.69166   -6.63116  9.54647   1.000 10.12000 ? 7   TYR A CA  1 
ATOM   57  C  C   . TYR A 1 8  ? 1.34250   -6.83351  10.22481  1.000 12.17000 ? 7   TYR A C   1 
ATOM   58  O  O   . TYR A 1 8  ? 0.51560   -7.62033  9.76821   1.000 12.05000 ? 7   TYR A O   1 
ATOM   59  C  CB  . TYR A 1 8  ? 2.61878   -5.34034  8.72536   1.000 12.65000 ? 7   TYR A CB  1 
ATOM   60  C  CG  . TYR A 1 8  ? 3.76631   -5.12928  7.76363   1.000 10.73000 ? 7   TYR A CG  1 
ATOM   61  C  CD1 . TYR A 1 8  ? 3.73173   -5.64974  6.46897   1.000 12.72000 ? 7   TYR A CD1 1 
ATOM   62  C  CD2 . TYR A 1 8  ? 4.87935   -4.38220  8.13830   1.000 12.02000 ? 7   TYR A CD2 1 
ATOM   63  C  CE1 . TYR A 1 8  ? 4.78026   -5.44251  5.58646   1.000 12.39000 ? 7   TYR A CE1 1 
ATOM   64  C  CE2 . TYR A 1 8  ? 5.92773   -4.17134  7.26106   1.000 11.78000 ? 7   TYR A CE2 1 
ATOM   65  C  CZ  . TYR A 1 8  ? 5.87315   -4.69039  5.98628   1.000 11.27000 ? 7   TYR A CZ  1 
ATOM   66  O  OH  . TYR A 1 8  ? 6.91981   -4.46452  5.12446   1.000 13.33000 ? 7   TYR A OH  1 
ATOM   67  N  N   . PHE A 1 9  ? 1.13251   -6.11257  11.32907  1.000 12.61000 ? 8   PHE A N   1 
ATOM   68  C  CA  . PHE A 1 9  ? -0.16954  -6.07868  11.99967  1.000 14.05000 ? 8   PHE A CA  1 
ATOM   69  C  C   . PHE A 1 9  ? -0.66765  -7.48440  12.33705  1.000 13.94000 ? 8   PHE A C   1 
ATOM   70  O  O   . PHE A 1 9  ? -1.80524  -7.85717  12.03785  1.000 15.76000 ? 8   PHE A O   1 
ATOM   71  C  CB  . PHE A 1 9  ? -1.20426  -5.31536  11.16847  1.000 15.15000 ? 8   PHE A CB  1 
ATOM   72  C  CG  . PHE A 1 9  ? -0.81936  -3.89650  10.84710  1.000 16.71000 ? 8   PHE A CG  1 
ATOM   73  C  CD1 . PHE A 1 9  ? -0.93070  -2.89540  11.79935  1.000 23.41000 ? 8   PHE A CD1 1 
ATOM   74  C  CD2 . PHE A 1 9  ? -0.39724  -3.55135  9.57652   1.000 16.24000 ? 8   PHE A CD2 1 
ATOM   75  C  CE1 . PHE A 1 9  ? -0.59450  -1.58681  11.49167  1.000 24.10000 ? 8   PHE A CE1 1 
ATOM   76  C  CE2 . PHE A 1 9  ? -0.05059  -2.24902  9.26813   1.000 21.53000 ? 8   PHE A CE2 1 
ATOM   77  C  CZ  . PHE A 1 9  ? -0.14911  -1.26985  10.22215  1.000 22.80000 ? 8   PHE A CZ  1 
ATOM   78  N  N   . SER A 1 10 ? 0.21851   -8.28045  12.94323  1.000 16.08000 ? 9   SER A N   1 
ATOM   79  C  CA  . SER A 1 10 ? -0.10307  -9.64718  13.37063  1.000 18.63000 ? 9   SER A CA  1 
ATOM   80  C  C   . SER A 1 10 ? -0.56325  -10.51905 12.20666  1.000 17.13000 ? 9   SER A C   1 
ATOM   81  O  O   . SER A 1 10 ? -1.42138  -11.39274 12.35396  1.000 23.33000 ? 9   SER A O   1 
ATOM   82  C  CB  . SER A 1 10 ? -1.10594  -9.68398  14.52871  1.000 27.87000 ? 9   SER A CB  1 
ATOM   83  O  OG  . SER A 1 10 ? -0.74710  -8.76736  15.54674  1.000 28.88000 ? 9   SER A OG  1 
ATOM   84  N  N   . GLY A 1 11 ? 0.00844   -10.28055 11.03398  1.000 14.07000 ? 10  GLY A N   1 
ATOM   85  C  CA  . GLY A 1 11 ? -0.28071  -11.10615 9.88665   1.000 14.94000 ? 10  GLY A CA  1 
ATOM   86  C  C   . GLY A 1 11 ? -1.44194  -10.64944 9.03062   1.000 10.89000 ? 10  GLY A C   1 
ATOM   87  O  O   . GLY A 1 11 ? -1.75948  -11.33297 8.04854   1.000 13.92000 ? 10  GLY A O   1 
ATOM   88  N  N   . LYS A 1 12 ? -2.07686  -9.52022  9.35981   1.000 11.59000 ? 11  LYS A N   1 
ATOM   89  C  CA  . LYS A 1 12 ? -3.19288  -9.02946  8.55766   1.000 12.64000 ? 11  LYS A CA  1 
ATOM   90  C  C   . LYS A 1 12 ? -2.74657  -8.34717  7.27139   1.000 10.22000 ? 11  LYS A C   1 
ATOM   91  O  O   . LYS A 1 12 ? -3.57703  -8.13703  6.37720   1.000 11.24000 ? 11  LYS A O   1 
ATOM   92  C  CB  . LYS A 1 12 ? -4.06175  -8.09223  9.39157   1.000 14.24000 ? 11  LYS A CB  1 
ATOM   93  C  CG  . LYS A 1 12 ? -4.76934  -8.81864  10.52756  1.000 15.82000 ? 11  LYS A CG  1 
ATOM   94  C  CD  . LYS A 1 12 ? -5.98657  -8.05257  10.98974  1.000 26.80000 ? 11  LYS A CD  1 
ATOM   95  C  CE  . LYS A 1 12 ? -5.55814  -6.77815  11.66538  1.000 42.88000 ? 11  LYS A CE  1 
ATOM   96  N  NZ  . LYS A 1 12 ? -4.61729  -7.07145  12.78463  1.000 58.18000 ? 11  LYS A NZ  1 
ATOM   97  N  N   . VAL A 1 13 ? -1.46335  -7.99831  7.16631   1.000 10.92000 ? 12  VAL A N   1 
ATOM   98  C  CA  . VAL A 1 13 ? -0.85935  -7.51636  5.92822   1.000 9.96000  ? 12  VAL A CA  1 
ATOM   99  C  C   . VAL A 1 13 ? 0.38995   -8.35061  5.69074   1.000 9.80000  ? 12  VAL A C   1 
ATOM   100 O  O   . VAL A 1 13 ? 1.22169   -8.49061  6.59044   1.000 11.17000 ? 12  VAL A O   1 
ATOM   101 C  CB  . VAL A 1 13 ? -0.48876  -6.02514  6.02688   1.000 11.32000 ? 12  VAL A CB  1 
ATOM   102 C  CG1 . VAL A 1 13 ? 0.16115   -5.55462  4.73181   1.000 11.84000 ? 12  VAL A CG1 1 
ATOM   103 C  CG2 . VAL A 1 13 ? -1.72378  -5.18544  6.36051   1.000 12.30000 ? 12  VAL A CG2 1 
ATOM   104 N  N   . LYS A 1 14 ? 0.52393   -8.91196  4.50016   1.000 9.31000  ? 13  LYS A N   1 
ATOM   105 C  CA  . LYS A 1 14 ? 1.72485   -9.66049  4.13917   1.000 9.99000  ? 13  LYS A CA  1 
ATOM   106 C  C   . LYS A 1 14 ? 2.16462   -9.23003  2.75027   1.000 10.35000 ? 13  LYS A C   1 
ATOM   107 O  O   . LYS A 1 14 ? 1.32328   -8.97941  1.87687   1.000 9.78000  ? 13  LYS A O   1 
ATOM   108 C  CB  . LYS A 1 14 ? 1.48291   -11.18300 4.15563   1.000 11.02000 ? 13  LYS A CB  1 
ATOM   109 C  CG  . LYS A 1 14 ? 1.13608   -11.71937 5.54293   1.000 10.27000 ? 13  LYS A CG  1 
ATOM   110 C  CD  . LYS A 1 14 ? 1.01342   -13.23360 5.58170   1.000 11.10000 ? 13  LYS A CD  1 
ATOM   111 C  CE  . LYS A 1 14 ? 0.55314   -13.67418 6.97337   1.000 13.62000 ? 13  LYS A CE  1 
ATOM   112 N  NZ  . LYS A 1 14 ? 0.45169   -15.15082 7.13094   1.000 15.55000 ? 13  LYS A NZ  1 
ATOM   113 N  N   . SER A 1 15 ? 3.48132   -9.15356  2.53715   1.000 9.71000  ? 14  SER A N   1 
ATOM   114 C  CA  . SER A 1 15 ? 3.99074   -8.66167  1.26266   1.000 8.60000  ? 14  SER A CA  1 
ATOM   115 C  C   . SER A 1 15 ? 5.31383   -9.33218  0.92301   1.000 11.51000 ? 14  SER A C   1 
ATOM   116 O  O   . SER A 1 15 ? 5.96532   -9.95098  1.77245   1.000 11.16000 ? 14  SER A O   1 
ATOM   117 C  CB  . SER A 1 15 ? 4.23236   -7.15119  1.29273   1.000 11.34000 ? 14  SER A CB  1 
ATOM   118 O  OG  . SER A 1 15 ? 5.26869   -6.87052  2.22094   1.000 13.75000 ? 14  SER A OG  1 
ATOM   119 N  N   . ILE A 1 16 ? 5.68971   -9.20720  -0.35046  1.000 9.44000  ? 15  ILE A N   1 
ATOM   120 C  CA  . ILE A 1 16 ? 7.00904   -9.58082  -0.84951  1.000 9.57000  ? 15  ILE A CA  1 
ATOM   121 C  C   . ILE A 1 16 ? 7.71430   -8.29190  -1.24487  1.000 8.62000  ? 15  ILE A C   1 
ATOM   122 O  O   . ILE A 1 16 ? 7.23834   -7.56689  -2.13043  1.000 9.63000  ? 15  ILE A O   1 
ATOM   123 C  CB  . ILE A 1 16 ? 6.92110   -10.52481 -2.06203  1.000 8.65000  ? 15  ILE A CB  1 
ATOM   124 C  CG1 . ILE A 1 16 ? 6.03106   -11.74433 -1.77808  1.000 11.99000 ? 15  ILE A CG1 1 
ATOM   125 C  CG2 . ILE A 1 16 ? 8.32206   -10.94280 -2.50159  1.000 10.49000 ? 15  ILE A CG2 1 
ATOM   126 C  CD1 . ILE A 1 16 ? 6.44988   -12.59614 -0.58539  1.000 12.58000 ? 15  ILE A CD1 1 
ATOM   127 N  N   . GLY A 1 17 ? 8.85239   -8.01157  -0.60989  1.000 9.99000  ? 16  GLY A N   1 
ATOM   128 C  CA  . GLY A 1 17 ? 9.68383   -6.87840  -0.99027  1.000 9.81000  ? 16  GLY A CA  1 
ATOM   129 C  C   . GLY A 1 17 ? 10.73415  -7.24091  -2.02808  1.000 9.38000  ? 16  GLY A C   1 
ATOM   130 O  O   . GLY A 1 17 ? 11.25115  -8.35867  -2.04350  1.000 10.36000 ? 16  GLY A O   1 
ATOM   131 N  N   . PHE A 1 18 ? 11.05171  -6.27243  -2.89522  1.000 9.50000  ? 17  PHE A N   1 
ATOM   132 C  CA  . PHE A 1 18 ? 12.00890  -6.47805  -3.97989  1.000 9.08000  ? 17  PHE A CA  1 
ATOM   133 C  C   . PHE A 1 18 ? 12.50956  -5.12119  -4.45286  1.000 9.08000  ? 17  PHE A C   1 
ATOM   134 O  O   . PHE A 1 18 ? 12.09718  -4.06984  -3.95328  1.000 9.78000  ? 17  PHE A O   1 
ATOM   135 C  CB  . PHE A 1 18 ? 11.40029  -7.28739  -5.13566  1.000 10.71000 ? 17  PHE A CB  1 
ATOM   136 C  CG  . PHE A 1 18 ? 10.26989  -6.58640  -5.86348  1.000 8.44000  ? 17  PHE A CG  1 
ATOM   137 C  CD1 . PHE A 1 18 ? 9.00196   -6.48849  -5.29764  1.000 10.46000 ? 17  PHE A CD1 1 
ATOM   138 C  CD2 . PHE A 1 18 ? 10.47448  -6.05386  -7.13336  1.000 10.03000 ? 17  PHE A CD2 1 
ATOM   139 C  CE1 . PHE A 1 18 ? 7.96934   -5.85734  -5.97116  1.000 10.20000 ? 17  PHE A CE1 1 
ATOM   140 C  CE2 . PHE A 1 18 ? 9.43660   -5.42706  -7.81239  1.000 10.76000 ? 17  PHE A CE2 1 
ATOM   141 C  CZ  . PHE A 1 18 ? 8.18837   -5.33525  -7.23081  1.000 10.74000 ? 17  PHE A CZ  1 
ATOM   142 N  N   . SER A 1 19 ? 13.39743  -5.15223  -5.44617  1.000 10.56000 ? 18  SER A N   1 
ATOM   143 C  CA  . SER A 1 19 ? 13.90192  -3.92850  -6.05010  1.000 10.82000 ? 18  SER A CA  1 
ATOM   144 C  C   . SER A 1 19 ? 14.16457  -4.24633  -7.51468  1.000 12.42000 ? 18  SER A C   1 
ATOM   145 O  O   . SER A 1 19 ? 14.72630  -5.29922  -7.82292  1.000 13.04000 ? 18  SER A O   1 
ATOM   146 C  CB  . SER A 1 19 ? 15.18867  -3.49532  -5.34002  1.000 13.65000 ? 18  SER A CB  1 
ATOM   147 O  OG  . SER A 1 19 ? 15.76113  -2.33064  -5.91665  1.000 16.21000 ? 18  SER A OG  1 
ATOM   148 N  N   . SER A 1 20 ? 13.73222  -3.36823  -8.41600  1.000 11.46000 ? 19  SER A N   1 
ATOM   149 C  CA  . SER A 1 20 ? 13.98448  -3.57364  -9.83659  1.000 12.05000 ? 19  SER A CA  1 
ATOM   150 C  C   . SER A 1 20 ? 14.23232  -2.23140  -10.50127 1.000 13.20000 ? 19  SER A C   1 
ATOM   151 O  O   . SER A 1 20 ? 13.88190  -1.17650  -9.96884  1.000 13.87000 ? 19  SER A O   1 
ATOM   152 C  CB  . SER A 1 20 ? 12.81199  -4.28921  -10.52941 1.000 13.11000 ? 19  SER A CB  1 
ATOM   153 O  OG  . SER A 1 20 ? 11.72305  -3.40949  -10.77734 1.000 13.83000 ? 19  SER A OG  1 
ATOM   154 N  N   . SER A 1 21 ? 14.81746  -2.28684  -11.70068 1.000 16.40000 ? 20  SER A N   1 
ATOM   155 C  CA  . SER A 1 21 ? 15.11900  -1.06417  -12.43524 1.000 17.25000 ? 20  SER A CA  1 
ATOM   156 C  C   . SER A 1 21 ? 13.85293  -0.27791  -12.75211 1.000 16.62000 ? 20  SER A C   1 
ATOM   157 O  O   . SER A 1 21 ? 13.83056  0.94984   -12.61537 1.000 19.81000 ? 20  SER A O   1 
ATOM   158 C  CB  . SER A 1 21 ? 15.87535  -1.40458  -13.71557 1.000 23.24000 ? 20  SER A CB  1 
ATOM   159 O  OG  . SER A 1 21 ? 15.61262  -0.44162  -14.72209 1.000 43.56000 ? 20  SER A OG  1 
ATOM   160 N  N   . SER A 1 22 ? 12.77505  -0.96789  -13.13145 1.000 15.72000 ? 21  SER A N   1 
ATOM   161 C  CA  . SER A 1 22 ? 11.57008  -0.26065  -13.54735 1.000 17.50000 ? 21  SER A CA  1 
ATOM   162 C  C   . SER A 1 22 ? 10.73852  0.25727   -12.38133 1.000 17.71000 ? 21  SER A C   1 
ATOM   163 O  O   . SER A 1 22 ? 9.98283   1.21765   -12.56742 1.000 20.24000 ? 21  SER A O   1 
ATOM   164 C  CB  . SER A 1 22 ? 10.70289  -1.14102  -14.44375 1.000 22.35000 ? 21  SER A CB  1 
ATOM   165 O  OG  . SER A 1 22 ? 10.15366  -2.21279  -13.70817 1.000 21.57000 ? 21  SER A OG  1 
ATOM   166 N  N   . THR A 1 23 ? 10.84147  -0.35001  -11.19205 1.000 12.87000 ? 22  THR A N   1 
ATOM   167 C  CA  . THR A 1 23 ? 10.02364  0.06505   -10.05717 1.000 12.89000 ? 22  THR A CA  1 
ATOM   168 C  C   . THR A 1 23 ? 10.78370  0.81978   -8.98584  1.000 12.79000 ? 22  THR A C   1 
ATOM   169 O  O   . THR A 1 23 ? 10.14387  1.49893   -8.17616  1.000 14.50000 ? 22  THR A O   1 
ATOM   170 C  CB  . THR A 1 23 ? 9.38734   -1.14984  -9.36602  1.000 12.72000 ? 22  THR A CB  1 
ATOM   171 O  OG1 . THR A 1 23 ? 10.41652  -2.01528  -8.86468  1.000 12.13000 ? 22  THR A OG1 1 
ATOM   172 C  CG2 . THR A 1 23 ? 8.51483   -1.91703  -10.31677 1.000 15.13000 ? 22  THR A CG2 1 
ATOM   173 N  N   . GLY A 1 24 ? 12.11124  0.68820   -8.93608  1.000 11.54000 ? 23  GLY A N   1 
ATOM   174 C  CA  . GLY A 1 24 ? 12.82475  1.03865   -7.71549  1.000 12.07000 ? 23  GLY A CA  1 
ATOM   175 C  C   . GLY A 1 24 ? 12.50116  0.01612   -6.63045  1.000 10.66000 ? 23  GLY A C   1 
ATOM   176 O  O   . GLY A 1 24 ? 12.05727  -1.10242  -6.90062  1.000 10.59000 ? 23  GLY A O   1 
ATOM   177 N  N   . ARG A 1 25 ? 12.72731  0.40614   -5.37879  1.000 10.03000 ? 24  ARG A N   1 
ATOM   178 C  CA  . ARG A 1 25 ? 12.32839  -0.46455  -4.27771  1.000 8.97000  ? 24  ARG A CA  1 
ATOM   179 C  C   . ARG A 1 25 ? 10.80938  -0.52879  -4.21834  1.000 9.99000  ? 24  ARG A C   1 
ATOM   180 O  O   . ARG A 1 25 ? 10.13115  0.48874   -4.38936  1.000 10.57000 ? 24  ARG A O   1 
ATOM   181 C  CB  . ARG A 1 25 ? 12.88511  0.04795   -2.94560  1.000 10.04000 ? 24  ARG A CB  1 
ATOM   182 C  CG  . ARG A 1 25 ? 14.41305  0.10979   -2.93674  1.000 9.75000  ? 24  ARG A CG  1 
ATOM   183 C  CD  . ARG A 1 25 ? 14.99374  0.36503   -1.55809  1.000 11.07000 ? 24  ARG A CD  1 
ATOM   184 N  NE  . ARG A 1 25 ? 14.49637  1.59194   -0.94325  1.000 10.22000 ? 24  ARG A NE  1 
ATOM   185 C  CZ  . ARG A 1 25 ? 15.03426  2.79407   -1.12117  1.000 12.57000 ? 24  ARG A CZ  1 
ATOM   186 N  NH1 . ARG A 1 25 ? 16.09392  2.94746   -1.90710  1.000 13.58000 ? 24  ARG A NH1 1 
ATOM   187 N  NH2 . ARG A 1 25 ? 14.50278  3.84204   -0.50307  1.000 14.75000 ? 24  ARG A NH2 1 
ATOM   188 N  N   . ALA A 1 26 ? 10.27346  -1.72356  -3.97360  1.000 9.32000  ? 25  ALA A N   1 
ATOM   189 C  CA  . ALA A 1 26 ? 8.82827   -1.90492  -4.02806  1.000 9.26000  ? 25  ALA A CA  1 
ATOM   190 C  C   . ALA A 1 26 ? 8.41225   -3.13005  -3.22759  1.000 10.50000 ? 25  ALA A C   1 
ATOM   191 O  O   . ALA A 1 26 ? 9.23820   -3.94996  -2.82691  1.000 10.12000 ? 25  ALA A O   1 
ATOM   192 C  CB  . ALA A 1 26 ? 8.35936   -2.04889  -5.47804  1.000 12.06000 ? 25  ALA A CB  1 
ATOM   193 N  N   A SER A 1 27 ? 7.10440   -3.22188  -2.97392  0.690 9.60000  ? 26  SER A N   1 
ATOM   194 N  N   B SER A 1 27 ? 7.10293   -3.27184  -3.05336  0.310 9.93000  ? 26  SER A N   1 
ATOM   195 C  CA  A SER A 1 27 ? 6.47465   -4.38399  -2.35766  0.690 10.52000 ? 26  SER A CA  1 
ATOM   196 C  CA  B SER A 1 27 ? 6.54367   -4.48109  -2.47361  0.310 10.33000 ? 26  SER A CA  1 
ATOM   197 C  C   A SER A 1 27 ? 5.22095   -4.72441  -3.15454  0.690 10.15000 ? 26  SER A C   1 
ATOM   198 C  C   B SER A 1 27 ? 5.17792   -4.73601  -3.08849  0.310 10.11000 ? 26  SER A C   1 
ATOM   199 O  O   A SER A 1 27 ? 4.55500   -3.83374  -3.69440  0.690 10.58000 ? 26  SER A O   1 
ATOM   200 O  O   B SER A 1 27 ? 4.44732   -3.79972  -3.42918  0.310 10.27000 ? 26  SER A O   1 
ATOM   201 C  CB  A SER A 1 27 ? 5.99792   -4.07999  -0.91843  0.690 12.20000 ? 26  SER A CB  1 
ATOM   202 C  CB  B SER A 1 27 ? 6.39389   -4.36162  -0.95777  0.310 12.19000 ? 26  SER A CB  1 
ATOM   203 O  OG  A SER A 1 27 ? 7.04867   -3.71161  -0.02501  0.690 13.81000 ? 26  SER A OG  1 
ATOM   204 O  OG  B SER A 1 27 ? 5.55922   -3.26880  -0.62005  0.310 11.17000 ? 26  SER A OG  1 
ATOM   205 N  N   A VAL A 1 28 ? 4.89334   -6.00854  -3.23631  0.690 8.57000  ? 27  VAL A N   1 
ATOM   206 N  N   B VAL A 1 28 ? 4.84473   -6.01350  -3.23068  0.310 8.67000  ? 27  VAL A N   1 
ATOM   207 C  CA  A VAL A 1 28 ? 3.54308   -6.43081  -3.59585  0.690 8.79000  ? 27  VAL A CA  1 
ATOM   208 C  CA  B VAL A 1 28 ? 3.51469   -6.44381  -3.64287  0.310 8.86000  ? 27  VAL A CA  1 
ATOM   209 C  C   A VAL A 1 28 ? 2.98150   -7.21423  -2.42285  0.690 9.17000  ? 27  VAL A C   1 
ATOM   210 C  C   B VAL A 1 28 ? 2.94516   -7.29238  -2.51765  0.310 9.55000  ? 27  VAL A C   1 
ATOM   211 O  O   A VAL A 1 28 ? 3.70117   -7.97705  -1.77635  0.690 10.43000 ? 27  VAL A O   1 
ATOM   212 O  O   B VAL A 1 28 ? 3.62729   -8.18558  -2.00440  0.310 10.17000 ? 27  VAL A O   1 
ATOM   213 C  CB  A VAL A 1 28 ? 3.43495   -7.23413  -4.91290  0.690 11.19000 ? 27  VAL A CB  1 
ATOM   214 C  CB  B VAL A 1 28 ? 3.55376   -7.22968  -4.96509  0.310 10.92000 ? 27  VAL A CB  1 
ATOM   215 C  CG1 A VAL A 1 28 ? 3.69713   -6.34033  -6.12105  0.690 15.74000 ? 27  VAL A CG1 1 
ATOM   216 C  CG1 B VAL A 1 28 ? 2.18554   -7.78452  -5.29115  0.310 12.34000 ? 27  VAL A CG1 1 
ATOM   217 C  CG2 A VAL A 1 28 ? 4.32171   -8.48736  -4.89953  0.690 8.45000  ? 27  VAL A CG2 1 
ATOM   218 C  CG2 B VAL A 1 28 ? 4.01447   -6.33862  -6.08825  0.310 16.10000 ? 27  VAL A CG2 1 
ATOM   219 N  N   . GLY A 1 29 ? 1.70829   -7.01584  -2.12983  1.000 9.42000  ? 28  GLY A N   1 
ATOM   220 C  CA  . GLY A 1 29 ? 1.16939   -7.71036  -0.98595  1.000 9.45000  ? 28  GLY A CA  1 
ATOM   221 C  C   . GLY A 1 29 ? -0.33704  -7.73643  -0.96153  1.000 9.13000  ? 28  GLY A C   1 
ATOM   222 O  O   . GLY A 1 29 ? -1.00647  -7.35773  -1.92993  1.000 9.51000  ? 28  GLY A O   1 
ATOM   223 N  N   . VAL A 1 30 ? -0.85804  -8.17835  0.18188   1.000 9.23000  ? 29  VAL A N   1 
ATOM   224 C  CA  . VAL A 1 30 ? -2.29395  -8.31088  0.40075   1.000 8.79000  ? 29  VAL A CA  1 
ATOM   225 C  C   . VAL A 1 30 ? -2.61776  -7.85634  1.81504   1.000 9.79000  ? 29  VAL A C   1 
ATOM   226 O  O   . VAL A 1 30 ? -1.83367  -8.08152  2.74667   1.000 9.74000  ? 29  VAL A O   1 
ATOM   227 C  CB  . VAL A 1 30 ? -2.77304  -9.76522  0.21193   1.000 8.64000  ? 29  VAL A CB  1 
ATOM   228 C  CG1 . VAL A 1 30 ? -4.30070  -9.80876  0.13292   1.000 11.37000 ? 29  VAL A CG1 1 
ATOM   229 C  CG2 . VAL A 1 30 ? -2.17427  -10.39619 -1.03577  1.000 10.77000 ? 29  VAL A CG2 1 
HETATM 230 N  N   . MSE A 1 31 ? -3.78370  -7.23129  1.96941   1.000 9.40000  ? 30  MSE A N   1 
HETATM 231 C  CA  . MSE A 1 31 ? -4.33055  -6.83820  3.26061   1.000 9.06000  ? 30  MSE A CA  1 
HETATM 232 C  C   . MSE A 1 31 ? -5.71006  -7.44217  3.42441   1.000 9.82000  ? 30  MSE A C   1 
HETATM 233 O  O   . MSE A 1 31 ? -6.48854  -7.48930  2.46538   1.000 10.49000 ? 30  MSE A O   1 
HETATM 234 C  CB  . MSE A 1 31 ? -4.45420  -5.31834  3.35577   1.000 12.00000 ? 30  MSE A CB  1 
HETATM 235 C  CG  . MSE A 1 31 ? -3.24740  -4.54933  2.87636   1.000 9.71000  ? 30  MSE A CG  1 
HETATM 236 SE SE  . MSE A 1 31 ? -3.47095  -2.65689  3.26566   1.000 21.18000 ? 30  MSE A SE  1 
HETATM 237 C  CE  . MSE A 1 31 ? -1.79294  -2.05664  2.46159   1.000 15.43000 ? 30  MSE A CE  1 
ATOM   238 N  N   . VAL A 1 32 ? -6.02625  -7.88927  4.63837   1.000 10.40000 ? 31  VAL A N   1 
ATOM   239 C  CA  . VAL A 1 32 ? -7.37180  -8.38544  4.92562   1.000 10.58000 ? 31  VAL A CA  1 
ATOM   240 C  C   . VAL A 1 32 ? -8.19728  -7.32494  5.64031   1.000 10.24000 ? 31  VAL A C   1 
ATOM   241 O  O   . VAL A 1 32 ? -7.69350  -6.24575  5.97595   1.000 11.96000 ? 31  VAL A O   1 
ATOM   242 C  CB  . VAL A 1 32 ? -7.36723  -9.71003  5.71094   1.000 13.32000 ? 31  VAL A CB  1 
ATOM   243 C  CG1 . VAL A 1 32 ? -6.65952  -10.78636 4.93045   1.000 18.18000 ? 31  VAL A CG1 1 
ATOM   244 C  CG2 . VAL A 1 32 ? -6.75659  -9.52209  7.08642   1.000 15.37000 ? 31  VAL A CG2 1 
ATOM   245 N  N   . GLU A 1 33 ? -9.47203  -7.63946  5.87554   1.000 12.34000 ? 32  GLU A N   1 
ATOM   246 C  CA  . GLU A 1 33 ? -10.40240 -6.68741  6.46354   1.000 12.34000 ? 32  GLU A CA  1 
ATOM   247 C  C   . GLU A 1 33 ? -9.83065  -6.07666  7.73450   1.000 11.62000 ? 32  GLU A C   1 
ATOM   248 O  O   . GLU A 1 33 ? -9.34695  -6.78487  8.61955   1.000 13.74000 ? 32  GLU A O   1 
ATOM   249 C  CB  . GLU A 1 33 ? -11.71433 -7.40012  6.78442   1.000 14.87000 ? 32  GLU A CB  1 
ATOM   250 C  CG  . GLU A 1 33 ? -12.75118 -6.47088  7.41310   1.000 16.46000 ? 32  GLU A CG  1 
ATOM   251 C  CD  . GLU A 1 33 ? -14.06916 -7.15864  7.71063   1.000 31.42000 ? 32  GLU A CD  1 
ATOM   252 O  OE1 . GLU A 1 33 ? -14.12952 -8.40114  7.63398   1.000 30.96000 ? 32  GLU A OE1 1 
ATOM   253 O  OE2 . GLU A 1 33 ? -15.04590 -6.44768  8.02757   1.000 40.85000 ? 32  GLU A OE2 1 
ATOM   254 N  N   . GLY A 1 34 ? -9.89606  -4.75861  7.82679   1.000 12.51000 ? 33  GLY A N   1 
ATOM   255 C  CA  . GLY A 1 34 ? -9.38309  -4.07160  8.99334   1.000 13.30000 ? 33  GLY A CA  1 
ATOM   256 C  C   . GLY A 1 34 ? -9.15670  -2.60327  8.70326   1.000 11.80000 ? 33  GLY A C   1 
ATOM   257 O  O   . GLY A 1 34 ? -9.47258  -2.09794  7.62949   1.000 12.74000 ? 33  GLY A O   1 
ATOM   258 N  N   . GLU A 1 35 ? -8.61209  -1.91756  9.70618   1.000 13.89000 ? 34  GLU A N   1 
ATOM   259 C  CA  . GLU A 1 35 ? -8.25190  -0.50876  9.59149   1.000 12.17000 ? 34  GLU A CA  1 
ATOM   260 C  C   . GLU A 1 35 ? -6.80317  -0.37468  10.02090  1.000 13.44000 ? 34  GLU A C   1 
ATOM   261 O  O   . GLU A 1 35 ? -6.41829  -0.91269  11.06505  1.000 15.23000 ? 34  GLU A O   1 
ATOM   262 C  CB  . GLU A 1 35 ? -9.16316  0.36411   10.46365  1.000 17.79000 ? 34  GLU A CB  1 
ATOM   263 C  CG  . GLU A 1 35 ? -10.64135 0.06742   10.24660  1.000 20.06000 ? 34  GLU A CG  1 
ATOM   264 C  CD  . GLU A 1 35 ? -11.57110 0.97237   11.02970  1.000 42.35000 ? 34  GLU A CD  1 
ATOM   265 O  OE1 . GLU A 1 35 ? -11.08776 1.73720   11.89017  1.000 37.78000 ? 34  GLU A OE1 1 
ATOM   266 O  OE2 . GLU A 1 35 ? -12.79454 0.91221   10.78026  1.000 48.70000 ? 34  GLU A OE2 1 
ATOM   267 N  N   . TYR A 1 36 ? -5.99797  0.31830   9.21834   1.000 12.79000 ? 35  TYR A N   1 
ATOM   268 C  CA  . TYR A 1 36 ? -4.55189  0.32349   9.39243   1.000 11.88000 ? 35  TYR A CA  1 
ATOM   269 C  C   . TYR A 1 36 ? -4.00136  1.73274   9.27864   1.000 13.88000 ? 35  TYR A C   1 
ATOM   270 O  O   . TYR A 1 36 ? -4.45103  2.51866   8.43860   1.000 13.59000 ? 35  TYR A O   1 
ATOM   271 C  CB  . TYR A 1 36 ? -3.87951  -0.55729  8.33099   1.000 13.10000 ? 35  TYR A CB  1 
ATOM   272 C  CG  . TYR A 1 36 ? -4.46713  -1.94068  8.25070   1.000 12.22000 ? 35  TYR A CG  1 
ATOM   273 C  CD1 . TYR A 1 36 ? -4.11265  -2.90994  9.17621   1.000 14.34000 ? 35  TYR A CD1 1 
ATOM   274 C  CD2 . TYR A 1 36 ? -5.39749  -2.27249  7.27457   1.000 13.61000 ? 35  TYR A CD2 1 
ATOM   275 C  CE1 . TYR A 1 36 ? -4.65323  -4.17601  9.13078   1.000 15.30000 ? 35  TYR A CE1 1 
ATOM   276 C  CE2 . TYR A 1 36 ? -5.95044  -3.54720  7.22184   1.000 12.31000 ? 35  TYR A CE2 1 
ATOM   277 C  CZ  . TYR A 1 36 ? -5.56794  -4.49190  8.15724   1.000 13.04000 ? 35  TYR A CZ  1 
ATOM   278 O  OH  . TYR A 1 36 ? -6.10580  -5.75968  8.13183   1.000 16.66000 ? 35  TYR A OH  1 
ATOM   279 N  N   . THR A 1 37 ? -3.01424  2.03819   10.11739  1.000 14.12000 ? 36  THR A N   1 
ATOM   280 C  CA  . THR A 1 37 ? -2.24706  3.27187   10.04365  1.000 11.78000 ? 36  THR A CA  1 
ATOM   281 C  C   . THR A 1 37 ? -0.84612  2.93525   9.56472   1.000 13.37000 ? 36  THR A C   1 
ATOM   282 O  O   . THR A 1 37 ? -0.20767  2.02744   10.11158  1.000 13.79000 ? 36  THR A O   1 
ATOM   283 C  CB  . THR A 1 37 ? -2.15626  3.89846   11.43246  1.000 15.19000 ? 36  THR A CB  1 
ATOM   284 O  OG1 . THR A 1 37 ? -3.47448  4.18828   11.91252  1.000 18.40000 ? 36  THR A OG1 1 
ATOM   285 C  CG2 . THR A 1 37 ? -1.34746  5.17978   11.39333  1.000 16.95000 ? 36  THR A CG2 1 
ATOM   286 N  N   . PHE A 1 38 ? -0.37718  3.64733   8.54457   1.000 12.20000 ? 37  PHE A N   1 
ATOM   287 C  CA  . PHE A 1 38 ? 0.96133   3.46591   7.99958   1.000 12.04000 ? 37  PHE A CA  1 
ATOM   288 C  C   . PHE A 1 38 ? 1.74344   4.76428   8.10033   1.000 15.13000 ? 37  PHE A C   1 
ATOM   289 O  O   . PHE A 1 38 ? 1.18399   5.86058   7.99437   1.000 16.40000 ? 37  PHE A O   1 
ATOM   290 C  CB  . PHE A 1 38 ? 0.92640   3.05637   6.51546   1.000 14.24000 ? 37  PHE A CB  1 
ATOM   291 C  CG  . PHE A 1 38 ? 0.28211   1.72842   6.27103   1.000 14.43000 ? 37  PHE A CG  1 
ATOM   292 C  CD1 . PHE A 1 38 ? -1.09444  1.62938   6.14987   1.000 17.20000 ? 37  PHE A CD1 1 
ATOM   293 C  CD2 . PHE A 1 38 ? 1.04173   0.57898   6.16161   1.000 17.89000 ? 37  PHE A CD2 1 
ATOM   294 C  CE1 . PHE A 1 38 ? -1.69652  0.41420   5.92907   1.000 18.19000 ? 37  PHE A CE1 1 
ATOM   295 C  CE2 . PHE A 1 38 ? 0.43556   -0.64366  5.93918   1.000 18.61000 ? 37  PHE A CE2 1 
ATOM   296 C  CZ  . PHE A 1 38 ? -0.93849  -0.72094  5.82515   1.000 16.81000 ? 37  PHE A CZ  1 
ATOM   297 N  N   . SER A 1 39 ? 3.05228   4.63152   8.28092   1.000 13.62000 ? 38  SER A N   1 
ATOM   298 C  CA  . SER A 1 39 ? 3.96922   5.76180   8.30324   1.000 13.00000 ? 38  SER A CA  1 
ATOM   299 C  C   . SER A 1 39 ? 4.95690   5.58579   7.16122   1.000 12.94000 ? 38  SER A C   1 
ATOM   300 O  O   . SER A 1 39 ? 5.50404   4.49111   6.97997   1.000 13.54000 ? 38  SER A O   1 
ATOM   301 C  CB  . SER A 1 39 ? 4.73982   5.79517   9.62677   1.000 18.15000 ? 38  SER A CB  1 
ATOM   302 O  OG  . SER A 1 39 ? 3.93637   6.31494   10.67332  1.000 32.01000 ? 38  SER A OG  1 
ATOM   303 N  N   . THR A 1 40 ? 5.17978   6.64732   6.39313   1.000 13.80000 ? 39  THR A N   1 
ATOM   304 C  CA  . THR A 1 40 ? 6.09196   6.58864   5.25786   1.000 12.30000 ? 39  THR A CA  1 
ATOM   305 C  C   . THR A 1 40 ? 7.44914   7.17734   5.62555   1.000 13.59000 ? 39  THR A C   1 
ATOM   306 O  O   . THR A 1 40 ? 7.56032   8.03753   6.50668   1.000 15.27000 ? 39  THR A O   1 
ATOM   307 C  CB  . THR A 1 40 ? 5.54349   7.35163   4.04573   1.000 14.69000 ? 39  THR A CB  1 
ATOM   308 O  OG1 . THR A 1 40 ? 5.40021   8.73770   4.37468   1.000 14.35000 ? 39  THR A OG1 1 
ATOM   309 C  CG2 . THR A 1 40 ? 4.19102   6.79897   3.61250   1.000 13.48000 ? 39  THR A CG2 1 
ATOM   310 N  N   . ALA A 1 41 ? 8.48178   6.68514   4.93946   1.000 13.09000 ? 40  ALA A N   1 
ATOM   311 C  CA  . ALA A 1 41 ? 9.78795   7.33248   4.89787   1.000 13.72000 ? 40  ALA A CA  1 
ATOM   312 C  C   . ALA A 1 41 ? 9.86924   8.08765   3.57664   1.000 14.19000 ? 40  ALA A C   1 
ATOM   313 O  O   . ALA A 1 41 ? 9.48163   9.25753   3.50461   1.000 15.65000 ? 40  ALA A O   1 
ATOM   314 C  CB  . ALA A 1 41 ? 10.90388  6.28636   5.03511   1.000 15.78000 ? 40  ALA A CB  1 
ATOM   315 N  N   . GLU A 1 42 ? 10.33162  7.42136   2.52270   1.000 12.79000 ? 41  GLU A N   1 
ATOM   316 C  CA  . GLU A 1 42 ? 10.18931  7.93406   1.16873   1.000 13.44000 ? 41  GLU A CA  1 
ATOM   317 C  C   . GLU A 1 42 ? 8.70516   8.11787   0.84543   1.000 12.77000 ? 41  GLU A C   1 
ATOM   318 O  O   . GLU A 1 42 ? 7.85456   7.41149   1.39367   1.000 12.97000 ? 41  GLU A O   1 
ATOM   319 C  CB  . GLU A 1 42 ? 10.74329  6.89966   0.19007   1.000 15.86000 ? 41  GLU A CB  1 
ATOM   320 C  CG  . GLU A 1 42 ? 12.26339  6.81647   0.11674   1.000 16.35000 ? 41  GLU A CG  1 
ATOM   321 C  CD  . GLU A 1 42 ? 12.90747  6.16313   1.32394   1.000 17.28000 ? 41  GLU A CD  1 
ATOM   322 O  OE1 . GLU A 1 42 ? 12.25985  5.34857   2.01205   1.000 14.54000 ? 41  GLU A OE1 1 
ATOM   323 O  OE2 . GLU A 1 42 ? 14.09036  6.47290   1.58260   1.000 20.10000 ? 41  GLU A OE2 1 
ATOM   324 N  N   . PRO A 1 43 ? 8.36359   9.03211   -0.07207  1.000 12.61000 ? 42  PRO A N   1 
ATOM   325 C  CA  . PRO A 1 43 ? 6.99572   9.04805   -0.60105  1.000 12.64000 ? 42  PRO A CA  1 
ATOM   326 C  C   . PRO A 1 43 ? 6.69221   7.68604   -1.20147  1.000 13.07000 ? 42  PRO A C   1 
ATOM   327 O  O   . PRO A 1 43 ? 7.59353   6.96748   -1.63621  1.000 13.50000 ? 42  PRO A O   1 
ATOM   328 C  CB  . PRO A 1 43 ? 7.04057   10.12669  -1.68889  1.000 13.78000 ? 42  PRO A CB  1 
ATOM   329 C  CG  . PRO A 1 43 ? 8.31545   10.90540  -1.44297  1.000 16.71000 ? 42  PRO A CG  1 
ATOM   330 C  CD  . PRO A 1 43 ? 9.26306   9.93673   -0.80636  1.000 15.03000 ? 42  PRO A CD  1 
ATOM   331 N  N   . GLU A 1 44 ? 5.41384   7.32450   -1.21734  1.000 12.55000 ? 43  GLU A N   1 
ATOM   332 C  CA  . GLU A 1 44 ? 4.99440   6.02039   -1.71566  1.000 12.78000 ? 43  GLU A CA  1 
ATOM   333 C  C   . GLU A 1 44 ? 3.93051   6.17070   -2.79025  1.000 13.94000 ? 43  GLU A C   1 
ATOM   334 O  O   . GLU A 1 44 ? 3.05800   7.03861   -2.69691  1.000 15.70000 ? 43  GLU A O   1 
ATOM   335 C  CB  . GLU A 1 44 ? 4.45590   5.14105   -0.58606  1.000 13.64000 ? 43  GLU A CB  1 
ATOM   336 C  CG  . GLU A 1 44 ? 5.52761   4.78728   0.44386   1.000 12.57000 ? 43  GLU A CG  1 
ATOM   337 C  CD  . GLU A 1 44 ? 5.04282   3.91765   1.58973   1.000 13.90000 ? 43  GLU A CD  1 
ATOM   338 O  OE1 . GLU A 1 44 ? 3.84771   3.54291   1.63150   1.000 15.40000 ? 43  GLU A OE1 1 
ATOM   339 O  OE2 . GLU A 1 44 ? 5.87047   3.60925   2.47702   1.000 13.49000 ? 43  GLU A OE2 1 
ATOM   340 N  N   . GLU A 1 45 ? 4.01382   5.32944   -3.81738  1.000 11.99000 ? 44  GLU A N   1 
ATOM   341 C  CA  . GLU A 1 45 ? 2.96864   5.20743   -4.82104  1.000 10.45000 ? 44  GLU A CA  1 
ATOM   342 C  C   . GLU A 1 45 ? 2.30823   3.85088   -4.63208  1.000 10.54000 ? 44  GLU A C   1 
ATOM   343 O  O   . GLU A 1 45 ? 2.98898   2.81783   -4.68151  1.000 11.28000 ? 44  GLU A O   1 
ATOM   344 C  CB  . GLU A 1 45 ? 3.55261   5.29479   -6.22594  1.000 11.94000 ? 44  GLU A CB  1 
ATOM   345 C  CG  . GLU A 1 45 ? 2.49567   5.14347   -7.31440  1.000 13.59000 ? 44  GLU A CG  1 
ATOM   346 C  CD  . GLU A 1 45 ? 3.10238   4.78789   -8.64539  1.000 17.11000 ? 44  GLU A CD  1 
ATOM   347 O  OE1 . GLU A 1 45 ? 3.25240   5.69677   -9.48563  1.000 21.11000 ? 44  GLU A OE1 1 
ATOM   348 O  OE2 . GLU A 1 45 ? 3.44917   3.60853   -8.85279  1.000 16.51000 ? 44  GLU A OE2 1 
HETATM 349 N  N   . MSE A 1 46 ? 0.99616   3.86194   -4.42586  1.000 10.11000 ? 45  MSE A N   1 
HETATM 350 C  CA  . MSE A 1 46 ? 0.21051   2.65609   -4.20918  1.000 9.68000  ? 45  MSE A CA  1 
HETATM 351 C  C   . MSE A 1 46 ? -0.71228  2.38628   -5.37716  1.000 10.54000 ? 45  MSE A C   1 
HETATM 352 O  O   . MSE A 1 46 ? -1.46079  3.27696   -5.79732  1.000 12.84000 ? 45  MSE A O   1 
HETATM 353 C  CB  . MSE A 1 46 ? -0.64691  2.82956   -2.96357  1.000 12.51000 ? 45  MSE A CB  1 
HETATM 354 C  CG  . MSE A 1 46 ? 0.15506   2.84741   -1.69330  1.000 14.73000 ? 45  MSE A CG  1 
HETATM 355 SE SE  . MSE A 1 46 ? 0.45082   1.01959   -1.10360  1.000 32.28000 ? 45  MSE A SE  1 
HETATM 356 C  CE  . MSE A 1 46 ? -1.41299  0.66482   -0.61201  1.000 14.30000 ? 45  MSE A CE  1 
ATOM   357 N  N   . THR A 1 47 ? -0.69089  1.15892   -5.88823  1.000 10.13000 ? 46  THR A N   1 
ATOM   358 C  CA  . THR A 1 47 ? -1.60186  0.72569   -6.93896  1.000 10.93000 ? 46  THR A CA  1 
ATOM   359 C  C   . THR A 1 47 ? -2.47895  -0.38195  -6.37977  1.000 12.24000 ? 46  THR A C   1 
ATOM   360 O  O   . THR A 1 47 ? -1.96369  -1.36133  -5.82781  1.000 10.97000 ? 46  THR A O   1 
ATOM   361 C  CB  . THR A 1 47 ? -0.81507  0.17928   -8.13386  1.000 13.29000 ? 46  THR A CB  1 
ATOM   362 O  OG1 . THR A 1 47 ? 0.06371   1.19598   -8.63190  1.000 14.17000 ? 46  THR A OG1 1 
ATOM   363 C  CG2 . THR A 1 47 ? -1.76457  -0.25113  -9.24711  1.000 14.37000 ? 46  THR A CG2 1 
ATOM   364 N  N   . VAL A 1 48 ? -3.79710  -0.23283  -6.50384  1.000 10.18000 ? 47  VAL A N   1 
ATOM   365 C  CA  . VAL A 1 48 ? -4.70069  -1.30151  -6.09398  1.000 8.70000  ? 47  VAL A CA  1 
ATOM   366 C  C   . VAL A 1 48 ? -4.76278  -2.32358  -7.22015  1.000 10.03000 ? 47  VAL A C   1 
ATOM   367 O  O   . VAL A 1 48 ? -5.20885  -2.00969  -8.32990  1.000 12.01000 ? 47  VAL A O   1 
ATOM   368 C  CB  . VAL A 1 48 ? -6.09274  -0.75484  -5.74175  1.000 8.88000  ? 47  VAL A CB  1 
ATOM   369 C  CG1 . VAL A 1 48 ? -6.99567  -1.87887  -5.24935  1.000 12.17000 ? 47  VAL A CG1 1 
ATOM   370 C  CG2 . VAL A 1 48 ? -5.97133  0.33106   -4.69145  1.000 12.54000 ? 47  VAL A CG2 1 
ATOM   371 N  N   A ILE A 1 49 ? -4.29615  -3.53766  -6.94558  0.540 10.44000 ? 48  ILE A N   1 
ATOM   372 N  N   B ILE A 1 49 ? -4.30171  -3.54178  -6.93609  0.460 10.47000 ? 48  ILE A N   1 
ATOM   373 C  CA  A ILE A 1 49 ? -4.28440  -4.61260  -7.93920  0.540 10.43000 ? 48  ILE A CA  1 
ATOM   374 C  CA  B ILE A 1 49 ? -4.27593  -4.60816  -7.93537  0.460 10.48000 ? 48  ILE A CA  1 
ATOM   375 C  C   A ILE A 1 49 ? -5.62108  -5.33376  -7.99122  0.540 10.51000 ? 48  ILE A C   1 
ATOM   376 C  C   B ILE A 1 49 ? -5.61825  -5.32628  -7.99022  0.460 10.56000 ? 48  ILE A C   1 
ATOM   377 O  O   A ILE A 1 49 ? -6.16434  -5.58898  -9.07115  0.540 12.88000 ? 48  ILE A O   1 
ATOM   378 O  O   B ILE A 1 49 ? -6.16833  -5.57002  -9.07178  0.460 12.90000 ? 48  ILE A O   1 
ATOM   379 C  CB  A ILE A 1 49 ? -3.12119  -5.59044  -7.65458  0.540 10.48000 ? 48  ILE A CB  1 
ATOM   380 C  CB  B ILE A 1 49 ? -3.11439  -5.57891  -7.64222  0.460 10.51000 ? 48  ILE A CB  1 
ATOM   381 C  CG1 A ILE A 1 49 ? -1.77523  -4.89492  -7.82439  0.540 10.99000 ? 48  ILE A CG1 1 
ATOM   382 C  CG1 B ILE A 1 49 ? -1.77049  -4.84384  -7.69390  0.460 11.12000 ? 48  ILE A CG1 1 
ATOM   383 C  CG2 A ILE A 1 49 ? -3.20766  -6.80850  -8.56106  0.540 12.63000 ? 48  ILE A CG2 1 
ATOM   384 C  CG2 B ILE A 1 49 ? -3.13713  -6.75309  -8.60886  0.460 12.57000 ? 48  ILE A CG2 1 
ATOM   385 C  CD1 A ILE A 1 49 ? -0.62121  -5.74590  -7.36621  0.540 11.21000 ? 48  ILE A CD1 1 
ATOM   386 C  CD1 B ILE A 1 49 ? -1.49886  -4.14239  -9.00395  0.460 13.52000 ? 48  ILE A CD1 1 
ATOM   387 N  N   . SER A 1 50 ? -6.16409  -5.67523  -6.82720  1.000 10.13000 ? 49  SER A N   1 
ATOM   388 C  CA  . SER A 1 50 ? -7.47726  -6.29547  -6.73486  1.000 9.96000  ? 49  SER A CA  1 
ATOM   389 C  C   . SER A 1 50 ? -8.08986  -5.87389  -5.40804  1.000 10.24000 ? 49  SER A C   1 
ATOM   390 O  O   . SER A 1 50 ? -7.37127  -5.60105  -4.44326  1.000 9.79000  ? 49  SER A O   1 
ATOM   391 C  CB  . SER A 1 50 ? -7.40524  -7.82612  -6.84417  1.000 11.41000 ? 49  SER A CB  1 
ATOM   392 O  OG  . SER A 1 50 ? -6.80144  -8.43323  -5.70831  1.000 10.98000 ? 49  SER A OG  1 
ATOM   393 N  N   . GLY A 1 51 ? -9.41714  -5.79058  -5.36611  1.000 10.56000 ? 50  GLY A N   1 
ATOM   394 C  CA  . GLY A 1 51 ? -10.09196 -5.37724  -4.14870  1.000 10.29000 ? 50  GLY A CA  1 
ATOM   395 C  C   . GLY A 1 51 ? -10.29844 -3.87432  -4.09105  1.000 10.59000 ? 50  GLY A C   1 
ATOM   396 O  O   . GLY A 1 51 ? -10.50533 -3.23740  -5.12701  1.000 11.34000 ? 50  GLY A O   1 
ATOM   397 N  N   . ALA A 1 52 ? -10.22518 -3.28549  -2.90059  1.000 9.17000  ? 51  ALA A N   1 
ATOM   398 C  CA  . ALA A 1 52 ? -10.44099 -1.85075  -2.77593  1.000 9.52000  ? 51  ALA A CA  1 
ATOM   399 C  C   . ALA A 1 52 ? -9.90891  -1.36026  -1.43642  1.000 10.23000 ? 51  ALA A C   1 
ATOM   400 O  O   . ALA A 1 52 ? -9.93062  -2.08619  -0.43828  1.000 10.53000 ? 51  ALA A O   1 
ATOM   401 C  CB  . ALA A 1 52 ? -11.93263 -1.50788  -2.87476  1.000 11.96000 ? 51  ALA A CB  1 
ATOM   402 N  N   . LEU A 1 53 ? -9.46191  -0.10708  -1.42250  1.000 10.77000 ? 52  LEU A N   1 
ATOM   403 C  CA  . LEU A 1 53 ? -9.00980  0.54798   -0.20106  1.000 11.61000 ? 52  LEU A CA  1 
ATOM   404 C  C   . LEU A 1 53 ? -9.77568  1.84761   -0.00620  1.000 9.61000  ? 52  LEU A C   1 
ATOM   405 O  O   . LEU A 1 53 ? -9.92681  2.62702   -0.95177  1.000 11.62000 ? 52  LEU A O   1 
ATOM   406 C  CB  . LEU A 1 53 ? -7.51927  0.90527   -0.30892  1.000 11.03000 ? 52  LEU A CB  1 
ATOM   407 C  CG  . LEU A 1 53 ? -6.56763  -0.27833  -0.50258  1.000 10.00000 ? 52  LEU A CG  1 
ATOM   408 C  CD1 . LEU A 1 53 ? -5.15664  0.24502   -0.74373  1.000 11.64000 ? 52  LEU A CD1 1 
ATOM   409 C  CD2 . LEU A 1 53 ? -6.61023  -1.20862  0.69818   1.000 12.61000 ? 52  LEU A CD2 1 
ATOM   410 N  N   . ASN A 1 54 ? -10.22340 2.09806   1.22106   1.000 9.61000  ? 53  ASN A N   1 
ATOM   411 C  CA  . ASN A 1 54 ? -10.62977 3.44486   1.61501   1.000 9.56000  ? 53  ASN A CA  1 
ATOM   412 C  C   . ASN A 1 54 ? -9.39750  4.14769   2.16497   1.000 10.98000 ? 53  ASN A C   1 
ATOM   413 O  O   . ASN A 1 54 ? -8.72903  3.60579   3.05078   1.000 11.17000 ? 53  ASN A O   1 
ATOM   414 C  CB  . ASN A 1 54 ? -11.72793 3.39381   2.67616   1.000 11.04000 ? 53  ASN A CB  1 
ATOM   415 C  CG  . ASN A 1 54 ? -12.55789 4.67018   2.72146   1.000 10.60000 ? 53  ASN A CG  1 
ATOM   416 O  OD1 . ASN A 1 54 ? -12.60949 5.42220   1.75336   1.000 12.21000 ? 53  ASN A OD1 1 
ATOM   417 N  ND2 . ASN A 1 54 ? -13.21576 4.90561   3.84964   1.000 11.90000 ? 53  ASN A ND2 1 
ATOM   418 N  N   . VAL A 1 55 ? -9.08064  5.32495   1.62136   1.000 10.28000 ? 54  VAL A N   1 
ATOM   419 C  CA  . VAL A 1 55 ? -7.77501  5.95862   1.81083   1.000 10.14000 ? 54  VAL A CA  1 
ATOM   420 C  C   . VAL A 1 55 ? -7.95683  7.34328   2.42142   1.000 10.50000 ? 54  VAL A C   1 
ATOM   421 O  O   . VAL A 1 55 ? -8.70410  8.17165   1.89172   1.000 10.73000 ? 54  VAL A O   1 
ATOM   422 C  CB  . VAL A 1 55 ? -6.99964  6.05710   0.48044   1.000 10.51000 ? 54  VAL A CB  1 
ATOM   423 C  CG1 . VAL A 1 55 ? -5.64610  6.74453   0.68400   1.000 12.34000 ? 54  VAL A CG1 1 
ATOM   424 C  CG2 . VAL A 1 55 ? -6.82730  4.68185   -0.15848  1.000 12.43000 ? 54  VAL A CG2 1 
ATOM   425 N  N   . LEU A 1 56 ? -7.24737  7.61108   3.51181   1.000 10.35000 ? 55  LEU A N   1 
ATOM   426 C  CA  . LEU A 1 56 ? -7.19740  8.94362   4.09746   1.000 10.72000 ? 55  LEU A CA  1 
ATOM   427 C  C   . LEU A 1 56 ? -5.75984  9.44097   4.03331   1.000 10.67000 ? 55  LEU A C   1 
ATOM   428 O  O   . LEU A 1 56 ? -4.86411  8.85540   4.65557   1.000 12.56000 ? 55  LEU A O   1 
ATOM   429 C  CB  . LEU A 1 56 ? -7.69825  8.92881   5.54511   1.000 11.89000 ? 55  LEU A CB  1 
ATOM   430 C  CG  . LEU A 1 56 ? -7.84472  10.32576  6.14370   1.000 10.95000 ? 55  LEU A CG  1 
ATOM   431 C  CD1 . LEU A 1 56 ? -8.97982  11.06991  5.46588   1.000 13.11000 ? 55  LEU A CD1 1 
ATOM   432 C  CD2 . LEU A 1 56 ? -8.08062  10.23423  7.64202   1.000 12.70000 ? 55  LEU A CD2 1 
ATOM   433 N  N   . LEU A 1 57 ? -5.54074  10.50333  3.28254   1.000 12.52000 ? 56  LEU A N   1 
ATOM   434 C  CA  . LEU A 1 57 ? -4.22426  11.07910  3.09331   1.000 13.62000 ? 56  LEU A CA  1 
ATOM   435 C  C   . LEU A 1 57 ? -4.05279  12.30426  3.98120   1.000 16.62000 ? 56  LEU A C   1 
ATOM   436 O  O   . LEU A 1 57 ? -5.03188  12.98035  4.32050   1.000 16.61000 ? 56  LEU A O   1 
ATOM   437 C  CB  . LEU A 1 57 ? -4.02006  11.46074  1.62497   1.000 16.40000 ? 56  LEU A CB  1 
ATOM   438 C  CG  . LEU A 1 57 ? -4.04667  10.26953  0.66859   1.000 17.55000 ? 56  LEU A CG  1 
ATOM   439 C  CD1 . LEU A 1 57 ? -3.92296  10.73764  -0.77309  1.000 23.31000 ? 56  LEU A CD1 1 
ATOM   440 C  CD2 . LEU A 1 57 ? -2.94315  9.27019   1.01743   1.000 17.18000 ? 56  LEU A CD2 1 
ATOM   441 N  N   . PRO A 1 58 ? -2.81321  12.60945  4.37270   1.000 18.32000 ? 57  PRO A N   1 
ATOM   442 C  CA  . PRO A 1 58 ? -2.61783  13.59136  5.45043   1.000 23.53000 ? 57  PRO A CA  1 
ATOM   443 C  C   . PRO A 1 58 ? -3.04055  15.01085  5.10430   1.000 27.03000 ? 57  PRO A C   1 
ATOM   444 O  O   . PRO A 1 58 ? -3.48420  15.73862  6.00135   1.000 32.78000 ? 57  PRO A O   1 
ATOM   445 C  CB  . PRO A 1 58 ? -1.11393  13.48800  5.76301   1.000 25.40000 ? 57  PRO A CB  1 
ATOM   446 C  CG  . PRO A 1 58 ? -0.51059  12.85067  4.54577   1.000 20.02000 ? 57  PRO A CG  1 
ATOM   447 C  CD  . PRO A 1 58 ? -1.56141  11.90707  4.03225   1.000 17.23000 ? 57  PRO A CD  1 
ATOM   448 N  N   . ASP A 1 59 ? -2.93151  15.43359  3.84722   1.000 20.60000 ? 58  ASP A N   1 
ATOM   449 C  CA  . ASP A 1 59 ? -3.13933  16.83921  3.50266   1.000 24.42000 ? 58  ASP A CA  1 
ATOM   450 C  C   . ASP A 1 59 ? -4.51385  17.12492  2.89574   1.000 22.70000 ? 58  ASP A C   1 
ATOM   451 O  O   . ASP A 1 59 ? -4.71108  18.19154  2.30235   1.000 19.99000 ? 58  ASP A O   1 
ATOM   452 C  CB  . ASP A 1 59 ? -2.03188  17.34557  2.57374   1.000 29.92000 ? 58  ASP A CB  1 
ATOM   453 C  CG  . ASP A 1 59 ? -0.69247  17.50141  3.28072   1.000 42.06000 ? 58  ASP A CG  1 
ATOM   454 O  OD1 . ASP A 1 59 ? 0.34659   17.24781  2.63603   1.000 43.38000 ? 58  ASP A OD1 1 
ATOM   455 O  OD2 . ASP A 1 59 ? -0.67645  17.88048  4.47352   1.000 39.47000 ? 58  ASP A OD2 1 
ATOM   456 N  N   . ALA A 1 60 ? -5.46786  16.20913  3.03248   1.000 16.26000 ? 59  ALA A N   1 
ATOM   457 C  CA  . ALA A 1 60 ? -6.78152  16.38391  2.43124   1.000 15.39000 ? 59  ALA A CA  1 
ATOM   458 C  C   . ALA A 1 60 ? -7.82075  15.78958  3.36317   1.000 14.31000 ? 59  ALA A C   1 
ATOM   459 O  O   . ALA A 1 60 ? -7.58620  14.74923  3.98127   1.000 14.65000 ? 59  ALA A O   1 
ATOM   460 C  CB  . ALA A 1 60 ? -6.85514  15.68597  1.07144   1.000 17.26000 ? 59  ALA A CB  1 
ATOM   461 N  N   . THR A 1 61 ? -8.97745  16.44113  3.45356   1.000 12.24000 ? 60  THR A N   1 
ATOM   462 C  CA  . THR A 1 61 ? -9.95294  16.08639  4.48184   1.000 10.84000 ? 60  THR A CA  1 
ATOM   463 C  C   . THR A 1 61 ? -10.60576 14.72790  4.22610   1.000 11.33000 ? 60  THR A C   1 
ATOM   464 O  O   . THR A 1 61 ? -10.75372 13.92510  5.15522   1.000 12.36000 ? 60  THR A O   1 
ATOM   465 C  CB  . THR A 1 61 ? -11.02192 17.17359  4.57465   1.000 11.78000 ? 60  THR A CB  1 
ATOM   466 O  OG1 . THR A 1 61 ? -10.38662 18.44164  4.79287   1.000 13.58000 ? 60  THR A OG1 1 
ATOM   467 C  CG2 . THR A 1 61 ? -12.00424 16.88040  5.70297   1.000 13.65000 ? 60  THR A CG2 1 
ATOM   468 N  N   . ASP A 1 62 ? -11.04506 14.46517  2.99226   1.000 11.51000 ? 61  ASP A N   1 
ATOM   469 C  CA  . ASP A 1 62 ? -11.98534 13.37524  2.74377   1.000 10.65000 ? 61  ASP A CA  1 
ATOM   470 C  C   . ASP A 1 62 ? -11.28160 12.04088  2.52779   1.000 10.10000 ? 61  ASP A C   1 
ATOM   471 O  O   . ASP A 1 62 ? -10.24136 11.97385  1.86705   1.000 11.06000 ? 61  ASP A O   1 
ATOM   472 C  CB  . ASP A 1 62 ? -12.82770 13.64974  1.49241   1.000 12.03000 ? 61  ASP A CB  1 
ATOM   473 C  CG  . ASP A 1 62 ? -13.82037 14.78231  1.66613   1.000 16.12000 ? 61  ASP A CG  1 
ATOM   474 O  OD1 . ASP A 1 62 ? -13.70632 15.55010  2.64279   1.000 18.14000 ? 61  ASP A OD1 1 
ATOM   475 O  OD2 . ASP A 1 62 ? -14.70898 14.90423  0.79144   1.000 16.45000 ? 61  ASP A OD2 1 
ATOM   476 N  N   . TRP A 1 63 ? -11.87494 10.97818  3.07475   1.000 10.38000 ? 62  TRP A N   1 
ATOM   477 C  CA  . TRP A 1 63 ? -11.56425 9.62907   2.61242   1.000 9.73000  ? 62  TRP A CA  1 
ATOM   478 C  C   . TRP A 1 63 ? -11.99798 9.48301   1.15653   1.000 10.62000 ? 62  TRP A C   1 
ATOM   479 O  O   . TRP A 1 63 ? -12.94706 10.13393  0.71300   1.000 11.15000 ? 62  TRP A O   1 
ATOM   480 C  CB  . TRP A 1 63 ? -12.36024 8.61447   3.44200   1.000 11.88000 ? 62  TRP A CB  1 
ATOM   481 C  CG  . TRP A 1 63 ? -11.95602 8.49306   4.87963   1.000 10.60000 ? 62  TRP A CG  1 
ATOM   482 C  CD1 . TRP A 1 63 ? -12.36651 9.27503   5.92326   1.000 12.04000 ? 62  TRP A CD1 1 
ATOM   483 C  CD2 . TRP A 1 63 ? -11.07237 7.51970   5.43294   1.000 10.72000 ? 62  TRP A CD2 1 
ATOM   484 N  NE1 . TRP A 1 63 ? -11.79124 8.84322   7.09809   1.000 10.83000 ? 62  TRP A NE1 1 
ATOM   485 C  CE2 . TRP A 1 63 ? -10.98044 7.77380   6.81638   1.000 11.04000 ? 62  TRP A CE2 1 
ATOM   486 C  CE3 . TRP A 1 63 ? -10.33198 6.46577   4.88660   1.000 11.60000 ? 62  TRP A CE3 1 
ATOM   487 C  CZ2 . TRP A 1 63 ? -10.18652 7.00191   7.66713   1.000 14.08000 ? 62  TRP A CZ2 1 
ATOM   488 C  CZ3 . TRP A 1 63 ? -9.54861  5.69875   5.73182   1.000 11.30000 ? 62  TRP A CZ3 1 
ATOM   489 C  CH2 . TRP A 1 63 ? -9.47134  5.97942   7.10304   1.000 12.94000 ? 62  TRP A CH2 1 
ATOM   490 N  N   . GLN A 1 64 ? -11.31737 8.60868   0.41017   1.000 9.93000  ? 63  GLN A N   1 
ATOM   491 C  CA  . GLN A 1 64 ? -11.72081 8.26848   -0.95460  1.000 8.98000  ? 63  GLN A CA  1 
ATOM   492 C  C   . GLN A 1 64 ? -11.55747 6.77361   -1.19010  1.000 9.97000  ? 63  GLN A C   1 
ATOM   493 O  O   . GLN A 1 64 ? -10.60152 6.16608   -0.69602  1.000 10.77000 ? 63  GLN A O   1 
ATOM   494 C  CB  . GLN A 1 64 ? -10.90617 9.03111   -2.01011  1.000 10.38000 ? 63  GLN A CB  1 
ATOM   495 C  CG  . GLN A 1 64 ? -11.00232 10.54430  -1.91186  1.000 10.50000 ? 63  GLN A CG  1 
ATOM   496 C  CD  . GLN A 1 64 ? -10.29808 11.26115  -3.06071  1.000 10.03000 ? 63  GLN A CD  1 
ATOM   497 O  OE1 . GLN A 1 64 ? -10.14853 10.72201  -4.16018  1.000 12.30000 ? 63  GLN A OE1 1 
ATOM   498 N  NE2 . GLN A 1 64 ? -9.87876  12.48848  -2.81079  1.000 12.05000 ? 63  GLN A NE2 1 
ATOM   499 N  N   . VAL A 1 65 ? -12.49047 6.19074   -1.94204  1.000 9.99000  ? 64  VAL A N   1 
ATOM   500 C  CA  . VAL A 1 65 ? -12.52812 4.75308   -2.20052  1.000 9.39000  ? 64  VAL A CA  1 
ATOM   501 C  C   . VAL A 1 65 ? -11.78526 4.45994   -3.49928  1.000 9.82000  ? 64  VAL A C   1 
ATOM   502 O  O   . VAL A 1 65 ? -12.22805 4.86529   -4.57773  1.000 10.35000 ? 64  VAL A O   1 
ATOM   503 C  CB  . VAL A 1 65 ? -13.97982 4.25695   -2.29337  1.000 9.93000  ? 64  VAL A CB  1 
ATOM   504 C  CG1 . VAL A 1 65 ? -14.01610 2.82204   -2.81233  1.000 12.77000 ? 64  VAL A CG1 1 
ATOM   505 C  CG2 . VAL A 1 65 ? -14.67772 4.36301   -0.94259  1.000 12.55000 ? 64  VAL A CG2 1 
ATOM   506 N  N   . TYR A 1 66 ? -10.68527 3.71021   -3.39901  1.000 9.81000  ? 65  TYR A N   1 
ATOM   507 C  CA  . TYR A 1 66 ? -9.82221  3.36405   -4.52647  1.000 10.44000 ? 65  TYR A CA  1 
ATOM   508 C  C   . TYR A 1 66 ? -10.01765 1.88887   -4.86009  1.000 10.66000 ? 65  TYR A C   1 
ATOM   509 O  O   . TYR A 1 66 ? -9.58228  1.01007   -4.10108  1.000 10.90000 ? 65  TYR A O   1 
ATOM   510 C  CB  . TYR A 1 66 ? -8.36816  3.63010   -4.14810  1.000 10.83000 ? 65  TYR A CB  1 
ATOM   511 C  CG  . TYR A 1 66 ? -7.97378  5.09281   -4.19840  1.000 10.33000 ? 65  TYR A CG  1 
ATOM   512 C  CD1 . TYR A 1 66 ? -8.16945  5.93087   -3.10971  1.000 10.55000 ? 65  TYR A CD1 1 
ATOM   513 C  CD2 . TYR A 1 66 ? -7.39000  5.62960   -5.34320  1.000 13.29000 ? 65  TYR A CD2 1 
ATOM   514 C  CE1 . TYR A 1 66 ? -7.77657  7.27303   -3.15782  1.000 11.66000 ? 65  TYR A CE1 1 
ATOM   515 C  CE2 . TYR A 1 66 ? -7.00746  6.96341   -5.39952  1.000 12.90000 ? 65  TYR A CE2 1 
ATOM   516 C  CZ  . TYR A 1 66 ? -7.20130  7.76936   -4.30484  1.000 11.97000 ? 65  TYR A CZ  1 
ATOM   517 O  OH  . TYR A 1 66 ? -6.81454  9.09310   -4.36379  1.000 14.34000 ? 65  TYR A OH  1 
ATOM   518 N  N   . GLU A 1 67 ? -10.67084 1.61751   -5.98491  1.000 11.84000 ? 66  GLU A N   1 
ATOM   519 C  CA  . GLU A 1 67 ? -10.92754 0.25299   -6.41631  1.000 10.55000 ? 66  GLU A CA  1 
ATOM   520 C  C   . GLU A 1 67 ? -9.82868  -0.23255  -7.35674  1.000 11.50000 ? 66  GLU A C   1 
ATOM   521 O  O   . GLU A 1 67 ? -8.86970  0.47656   -7.65898  1.000 11.71000 ? 66  GLU A O   1 
ATOM   522 C  CB  . GLU A 1 67 ? -12.33169 0.15247   -7.00677  1.000 13.87000 ? 66  GLU A CB  1 
ATOM   523 C  CG  . GLU A 1 67 ? -13.36218 0.62110   -5.99786  1.000 17.49000 ? 66  GLU A CG  1 
ATOM   524 C  CD  . GLU A 1 67 ? -14.77671 0.27406   -6.34339  1.000 23.27000 ? 66  GLU A CD  1 
ATOM   525 O  OE1 . GLU A 1 67 ? -15.58236 0.16501   -5.39238  1.000 17.09000 ? 66  GLU A OE1 1 
ATOM   526 O  OE2 . GLU A 1 67 ? -15.09090 0.13392   -7.54379  1.000 22.51000 ? 66  GLU A OE2 1 
ATOM   527 N  N   . ALA A 1 68 ? -9.95895  -1.47335  -7.82137  1.000 12.60000 ? 67  ALA A N   1 
ATOM   528 C  CA  . ALA A 1 68 ? -8.87658  -2.09821  -8.56828  1.000 11.83000 ? 67  ALA A CA  1 
ATOM   529 C  C   . ALA A 1 68 ? -8.51790  -1.26757  -9.79288  1.000 13.21000 ? 67  ALA A C   1 
ATOM   530 O  O   . ALA A 1 68 ? -9.39418  -0.76340  -10.50651 1.000 14.26000 ? 67  ALA A O   1 
ATOM   531 C  CB  . ALA A 1 68 ? -9.28176  -3.51052  -8.99494  1.000 14.94000 ? 67  ALA A CB  1 
ATOM   532 N  N   . GLY A 1 69 ? -7.21649  -1.10807  -10.01587 1.000 11.47000 ? 68  GLY A N   1 
ATOM   533 C  CA  . GLY A 1 69 ? -6.67524  -0.33727  -11.10651 1.000 13.65000 ? 68  GLY A CA  1 
ATOM   534 C  C   . GLY A 1 69 ? -6.28804  1.07515   -10.73140 1.000 14.24000 ? 68  GLY A C   1 
ATOM   535 O  O   . GLY A 1 69 ? -5.55317  1.72542   -11.48276 1.000 16.88000 ? 68  GLY A O   1 
ATOM   536 N  N   A SER A 1 70 ? -6.75077  1.56075   -9.58432  0.260 11.57000 ? 69  SER A N   1 
ATOM   537 N  N   B SER A 1 70 ? -6.74754  1.56650   -9.58742  0.740 11.07000 ? 69  SER A N   1 
ATOM   538 C  CA  A SER A 1 70 ? -6.48627  2.92961   -9.18619  0.260 12.72000 ? 69  SER A CA  1 
ATOM   539 C  CA  B SER A 1 70 ? -6.49036  2.94967   -9.22337  0.740 12.40000 ? 69  SER A CA  1 
ATOM   540 C  C   A SER A 1 70 ? -5.08036  3.06349   -8.61214  0.260 12.78000 ? 69  SER A C   1 
ATOM   541 C  C   B SER A 1 70 ? -5.13504  3.08429   -8.53852  0.740 12.52000 ? 69  SER A C   1 
ATOM   542 O  O   A SER A 1 70 ? -4.43951  2.08499   -8.21601  0.260 13.26000 ? 69  SER A O   1 
ATOM   543 O  O   B SER A 1 70 ? -4.58939  2.12527   -7.98489  0.740 13.18000 ? 69  SER A O   1 
ATOM   544 C  CB  A SER A 1 70 ? -7.52166  3.39961   -8.16565  0.260 16.53000 ? 69  SER A CB  1 
ATOM   545 C  CB  B SER A 1 70 ? -7.60550  3.51641   -8.33896  0.740 17.57000 ? 69  SER A CB  1 
ATOM   546 O  OG  A SER A 1 70 ? -8.81913  3.35710   -8.72830  0.260 18.15000 ? 69  SER A OG  1 
ATOM   547 O  OG  B SER A 1 70 ? -7.69140  2.83175   -7.10758  0.740 18.28000 ? 69  SER A OG  1 
ATOM   548 N  N   . VAL A 1 71 ? -4.60152  4.30376   -8.58182  1.000 13.67000 ? 70  VAL A N   1 
ATOM   549 C  CA  . VAL A 1 71 ? -3.26610  4.63141   -8.09730  1.000 13.96000 ? 70  VAL A CA  1 
ATOM   550 C  C   . VAL A 1 71 ? -3.35492  5.89509   -7.25855  1.000 14.31000 ? 70  VAL A C   1 
ATOM   551 O  O   . VAL A 1 71 ? -4.03527  6.85764   -7.63764  1.000 14.74000 ? 70  VAL A O   1 
ATOM   552 C  CB  . VAL A 1 71 ? -2.29589  4.86814   -9.26774  1.000 13.95000 ? 70  VAL A CB  1 
ATOM   553 C  CG1 . VAL A 1 71 ? -0.90764  5.24692   -8.74559  1.000 18.00000 ? 70  VAL A CG1 1 
ATOM   554 C  CG2 . VAL A 1 71 ? -2.21748  3.65582   -10.16782 1.000 16.62000 ? 70  VAL A CG2 1 
ATOM   555 N  N   . PHE A 1 72 ? -2.66210  5.90578   -6.12079  1.000 11.32000 ? 71  PHE A N   1 
ATOM   556 C  CA  . PHE A 1 72 ? -2.56947  7.12211   -5.33100  1.000 12.14000 ? 71  PHE A CA  1 
ATOM   557 C  C   . PHE A 1 72 ? -1.15495  7.28188   -4.80366  1.000 12.77000 ? 71  PHE A C   1 
ATOM   558 O  O   . PHE A 1 72 ? -0.37054  6.32976   -4.76360  1.000 12.21000 ? 71  PHE A O   1 
ATOM   559 C  CB  . PHE A 1 72 ? -3.62091  7.18417   -4.21373  1.000 13.39000 ? 71  PHE A CB  1 
ATOM   560 C  CG  . PHE A 1 72 ? -3.49542  6.09514   -3.18575  1.000 12.79000 ? 71  PHE A CG  1 
ATOM   561 C  CD1 . PHE A 1 72 ? -4.17173  4.88886   -3.33858  1.000 13.86000 ? 71  PHE A CD1 1 
ATOM   562 C  CD2 . PHE A 1 72 ? -2.74324  6.29102   -2.04459  1.000 13.51000 ? 71  PHE A CD2 1 
ATOM   563 C  CE1 . PHE A 1 72 ? -4.06627  3.89289   -2.38567  1.000 15.70000 ? 71  PHE A CE1 1 
ATOM   564 C  CE2 . PHE A 1 72 ? -2.63974  5.29873   -1.08270  1.000 14.69000 ? 71  PHE A CE2 1 
ATOM   565 C  CZ  . PHE A 1 72 ? -3.30677  4.09832   -1.26053  1.000 13.89000 ? 71  PHE A CZ  1 
ATOM   566 N  N   . ASN A 1 73 ? -0.83213  8.50417   -4.40595  1.000 12.99000 ? 72  ASN A N   1 
ATOM   567 C  CA  . ASN A 1 73 ? 0.49061   8.85344   -3.90746  1.000 12.37000 ? 72  ASN A CA  1 
ATOM   568 C  C   . ASN A 1 73 ? 0.38556   9.37107   -2.48141  1.000 13.98000 ? 72  ASN A C   1 
ATOM   569 O  O   . ASN A 1 73 ? -0.54071  10.11925  -2.14995  1.000 13.84000 ? 72  ASN A O   1 
ATOM   570 C  CB  . ASN A 1 73 ? 1.13300   9.91779   -4.79903  1.000 13.66000 ? 72  ASN A CB  1 
ATOM   571 C  CG  . ASN A 1 73 ? 1.71497   9.32649   -6.05398  1.000 15.26000 ? 72  ASN A CG  1 
ATOM   572 O  OD1 . ASN A 1 73 ? 2.85677   8.86170   -6.06210  1.000 19.53000 ? 72  ASN A OD1 1 
ATOM   573 N  ND2 . ASN A 1 73 ? 0.93369   9.31290   -7.11626  1.000 15.55000 ? 72  ASN A ND2 1 
ATOM   574 N  N   . VAL A 1 74 ? 1.32711   8.95559   -1.63999  1.000 13.21000 ? 73  VAL A N   1 
ATOM   575 C  CA  . VAL A 1 74 ? 1.42512   9.39654   -0.25372  1.000 13.09000 ? 73  VAL A CA  1 
ATOM   576 C  C   . VAL A 1 74 ? 2.72063   10.17819  -0.11042  1.000 13.27000 ? 73  VAL A C   1 
ATOM   577 O  O   . VAL A 1 74 ? 3.76879   9.70251   -0.55180  1.000 13.62000 ? 73  VAL A O   1 
ATOM   578 C  CB  . VAL A 1 74 ? 1.42478   8.22061   0.74073   1.000 13.53000 ? 73  VAL A CB  1 
ATOM   579 C  CG1 . VAL A 1 74 ? 1.37427   8.74769   2.16372   1.000 15.68000 ? 73  VAL A CG1 1 
ATOM   580 C  CG2 . VAL A 1 74 ? 0.27520   7.25413   0.46524   1.000 14.76000 ? 73  VAL A CG2 1 
ATOM   581 N  N   . PRO A 1 75 ? 2.71562   11.35284  0.51385   1.000 14.54000 ? 74  PRO A N   1 
ATOM   582 C  CA  . PRO A 1 75 ? 3.97201   12.08195  0.71656   1.000 15.47000 ? 74  PRO A CA  1 
ATOM   583 C  C   . PRO A 1 75 ? 4.91276   11.33327  1.64648   1.000 13.40000 ? 74  PRO A C   1 
ATOM   584 O  O   . PRO A 1 75 ? 4.51668   10.44926  2.40964   1.000 15.12000 ? 74  PRO A O   1 
ATOM   585 C  CB  . PRO A 1 75 ? 3.52216   13.40127  1.35932   1.000 18.75000 ? 74  PRO A CB  1 
ATOM   586 C  CG  . PRO A 1 75 ? 2.09292   13.53744  0.99429   1.000 22.46000 ? 74  PRO A CG  1 
ATOM   587 C  CD  . PRO A 1 75 ? 1.54612   12.14111  0.93618   1.000 17.59000 ? 74  PRO A CD  1 
ATOM   588 N  N   . GLY A 1 76 ? 6.18523   11.72231  1.57793   1.000 15.29000 ? 75  GLY A N   1 
ATOM   589 C  CA  . GLY A 1 76 ? 7.16804   11.16927  2.48121   1.000 14.75000 ? 75  GLY A CA  1 
ATOM   590 C  C   . GLY A 1 76 ? 6.99681   11.68439  3.89746   1.000 16.79000 ? 75  GLY A C   1 
ATOM   591 O  O   . GLY A 1 76 ? 6.33649   12.69647  4.14944   1.000 16.82000 ? 75  GLY A O   1 
ATOM   592 N  N   . HIS A 1 77 ? 7.60707   10.95503  4.83508   1.000 14.96000 ? 76  HIS A N   1 
ATOM   593 C  CA  . HIS A 1 77 ? 7.63193   11.31333  6.25557   1.000 17.19000 ? 76  HIS A CA  1 
ATOM   594 C  C   . HIS A 1 77 ? 6.24685   11.69289  6.76516   1.000 18.16000 ? 76  HIS A C   1 
ATOM   595 O  O   . HIS A 1 77 ? 6.05274   12.71519  7.43012   1.000 18.26000 ? 76  HIS A O   1 
ATOM   596 C  CB  . HIS A 1 77 ? 8.67291   12.39573  6.53614   1.000 20.63000 ? 76  HIS A CB  1 
ATOM   597 C  CG  . HIS A 1 77 ? 10.04243  12.02508  6.06660   1.000 23.21000 ? 76  HIS A CG  1 
ATOM   598 N  ND1 . HIS A 1 77 ? 10.77112  11.00723  6.64116   1.000 31.47000 ? 76  HIS A ND1 1 
ATOM   599 C  CD2 . HIS A 1 77 ? 10.80025  12.50841  5.05418   1.000 29.17000 ? 76  HIS A CD2 1 
ATOM   600 C  CE1 . HIS A 1 77 ? 11.92709  10.88804  6.01191   1.000 28.35000 ? 76  HIS A CE1 1 
ATOM   601 N  NE2 . HIS A 1 77 ? 11.96989  11.78818  5.04635   1.000 30.42000 ? 76  HIS A NE2 1 
ATOM   602 N  N   . SER A 1 78 ? 5.27470   10.84097  6.45166   1.000 15.95000 ? 77  SER A N   1 
ATOM   603 C  CA  . SER A 1 78 ? 3.87511   11.14507  6.69091   1.000 15.64000 ? 77  SER A CA  1 
ATOM   604 C  C   . SER A 1 78 ? 3.16237   9.90320   7.20459   1.000 15.08000 ? 77  SER A C   1 
ATOM   605 O  O   . SER A 1 78 ? 3.66050   8.77897   7.11349   1.000 21.77000 ? 77  SER A O   1 
ATOM   606 C  CB  . SER A 1 78 ? 3.18788   11.59625  5.39692   1.000 21.22000 ? 77  SER A CB  1 
ATOM   607 O  OG  . SER A 1 78 ? 3.65104   12.86811  4.98654   1.000 22.60000 ? 77  SER A OG  1 
ATOM   608 N  N   . GLU A 1 79 ? 1.96209   10.11112  7.71823   1.000 15.70000 ? 78  GLU A N   1 
ATOM   609 C  CA  . GLU A 1 79 ? 1.09625   9.03977   8.17779   1.000 16.24000 ? 78  GLU A CA  1 
ATOM   610 C  C   . GLU A 1 79 ? -0.13788  9.02657   7.28605   1.000 17.56000 ? 78  GLU A C   1 
ATOM   611 O  O   . GLU A 1 79 ? -0.67543  10.08764  6.95137   1.000 22.15000 ? 78  GLU A O   1 
ATOM   612 C  CB  . GLU A 1 79 ? 0.66800   9.33466   9.61100   1.000 20.26000 ? 78  GLU A CB  1 
ATOM   613 C  CG  . GLU A 1 79 ? 0.21831   8.14019   10.40444  1.000 31.07000 ? 78  GLU A CG  1 
ATOM   614 C  CD  . GLU A 1 79 ? 0.02176   8.47304   11.87157  1.000 33.98000 ? 78  GLU A CD  1 
ATOM   615 O  OE1 . GLU A 1 79 ? -0.86819  9.29127   12.17738  1.000 39.91000 ? 78  GLU A OE1 1 
ATOM   616 O  OE2 . GLU A 1 79 ? 0.75934   7.92124   12.71422  1.000 37.60000 ? 78  GLU A OE2 1 
ATOM   617 N  N   . PHE A 1 80 ? -0.57060  7.83696   6.86812   1.000 13.79000 ? 79  PHE A N   1 
ATOM   618 C  CA  . PHE A 1 80 ? -1.83490  7.69811   6.15350   1.000 15.17000 ? 79  PHE A CA  1 
ATOM   619 C  C   . PHE A 1 80 ? -2.62280  6.52965   6.72721   1.000 12.54000 ? 79  PHE A C   1 
ATOM   620 O  O   . PHE A 1 80 ? -2.09752  5.71073   7.48574   1.000 14.61000 ? 79  PHE A O   1 
ATOM   621 C  CB  . PHE A 1 80 ? -1.67113  7.63160   4.62293   1.000 13.78000 ? 79  PHE A CB  1 
ATOM   622 C  CG  . PHE A 1 80 ? -1.05668  6.35062   4.09758   1.000 14.48000 ? 79  PHE A CG  1 
ATOM   623 C  CD1 . PHE A 1 80 ? 0.30371   6.10527   4.22902   1.000 15.04000 ? 79  PHE A CD1 1 
ATOM   624 C  CD2 . PHE A 1 80 ? -1.83043  5.41973   3.41415   1.000 15.88000 ? 79  PHE A CD2 1 
ATOM   625 C  CE1 . PHE A 1 80 ? 0.86837   4.94479   3.71600   1.000 15.49000 ? 79  PHE A CE1 1 
ATOM   626 C  CE2 . PHE A 1 80 ? -1.26739  4.25844   2.90278   1.000 15.28000 ? 79  PHE A CE2 1 
ATOM   627 C  CZ  . PHE A 1 80 ? 0.08431   4.01939   3.06337   1.000 15.37000 ? 79  PHE A CZ  1 
ATOM   628 N  N   . HIS A 1 81 ? -3.91163  6.47547   6.39469   1.000 11.79000 ? 80  HIS A N   1 
ATOM   629 C  CA  . HIS A 1 81 ? -4.80588  5.48429   6.97501   1.000 10.28000 ? 80  HIS A CA  1 
ATOM   630 C  C   . HIS A 1 81 ? -5.55071  4.75550   5.87076   1.000 12.10000 ? 80  HIS A C   1 
ATOM   631 O  O   . HIS A 1 81 ? -5.94703  5.36359   4.87235   1.000 11.53000 ? 80  HIS A O   1 
ATOM   632 C  CB  . HIS A 1 81 ? -5.81630  6.13939   7.92147   1.000 12.54000 ? 80  HIS A CB  1 
ATOM   633 C  CG  . HIS A 1 81 ? -5.18561  6.79269   9.10994   1.000 13.95000 ? 80  HIS A CG  1 
ATOM   634 N  ND1 . HIS A 1 81 ? -4.65811  8.06532   9.06693   1.000 17.06000 ? 80  HIS A ND1 1 
ATOM   635 C  CD2 . HIS A 1 81 ? -4.98391  6.34326   10.37026  1.000 19.72000 ? 80  HIS A CD2 1 
ATOM   636 C  CE1 . HIS A 1 81 ? -4.16622  8.37482   10.25538  1.000 16.39000 ? 80  HIS A CE1 1 
ATOM   637 N  NE2 . HIS A 1 81 ? -4.35480  7.34894   11.06438  1.000 20.17000 ? 80  HIS A NE2 1 
ATOM   638 N  N   . LEU A 1 82 ? -5.74093  3.45202   6.05987   1.000 11.42000 ? 81  LEU A N   1 
ATOM   639 C  CA  . LEU A 1 82 ? -6.47551  2.61389   5.12344   1.000 10.66000 ? 81  LEU A CA  1 
ATOM   640 C  C   . LEU A 1 82 ? -7.56455  1.84052   5.84547   1.000 11.90000 ? 81  LEU A C   1 
ATOM   641 O  O   . LEU A 1 82 ? -7.42264  1.47702   7.01667   1.000 12.37000 ? 81  LEU A O   1 
ATOM   642 C  CB  . LEU A 1 82 ? -5.55091  1.59997   4.45138   1.000 11.45000 ? 81  LEU A CB  1 
ATOM   643 C  CG  . LEU A 1 82 ? -4.40180  2.16122   3.62618   1.000 10.65000 ? 81  LEU A CG  1 
ATOM   644 C  CD1 . LEU A 1 82 ? -3.58910  1.01906   3.02970   1.000 13.34000 ? 81  LEU A CD1 1 
ATOM   645 C  CD2 . LEU A 1 82 ? -4.91433  3.08784   2.52330   1.000 12.88000 ? 81  LEU A CD2 1 
ATOM   646 N  N   . GLN A 1 83 ? -8.65584  1.57629   5.13217   1.000 10.76000 ? 82  GLN A N   1 
ATOM   647 C  CA  . GLN A 1 83 ? -9.66377  0.62731   5.58349   1.000 10.84000 ? 82  GLN A CA  1 
ATOM   648 C  C   . GLN A 1 83 ? -9.87710  -0.38823  4.47339   1.000 10.56000 ? 82  GLN A C   1 
ATOM   649 O  O   . GLN A 1 83 ? -9.89268  -0.02480  3.29215   1.000 12.19000 ? 82  GLN A O   1 
ATOM   650 C  CB  . GLN A 1 83 ? -10.99616 1.31581   5.89803   1.000 11.02000 ? 82  GLN A CB  1 
ATOM   651 C  CG  . GLN A 1 83 ? -10.87686 2.41270   6.93712   1.000 12.20000 ? 82  GLN A CG  1 
ATOM   652 C  CD  . GLN A 1 83 ? -12.14243 3.22676   7.06257   1.000 12.76000 ? 82  GLN A CD  1 
ATOM   653 O  OE1 . GLN A 1 83 ? -13.01855 3.18952   6.19025   1.000 14.68000 ? 82  GLN A OE1 1 
ATOM   654 N  NE2 . GLN A 1 83 ? -12.24650 3.97097   8.15613   1.000 16.43000 ? 82  GLN A NE2 1 
ATOM   655 N  N   . VAL A 1 84 ? -10.03796 -1.65717  4.85752   1.000 10.40000 ? 83  VAL A N   1 
ATOM   656 C  CA  . VAL A 1 84 ? -10.10118 -2.77980  3.92750   1.000 10.92000 ? 83  VAL A CA  1 
ATOM   657 C  C   . VAL A 1 84 ? -11.33937 -3.59515  4.26351   1.000 11.32000 ? 83  VAL A C   1 
ATOM   658 O  O   . VAL A 1 84 ? -11.63806 -3.80724  5.44491   1.000 12.52000 ? 83  VAL A O   1 
ATOM   659 C  CB  . VAL A 1 84 ? -8.84277  -3.66957  4.05486   1.000 10.85000 ? 83  VAL A CB  1 
ATOM   660 C  CG1 . VAL A 1 84 ? -8.88773  -4.83971  3.05507   1.000 13.22000 ? 83  VAL A CG1 1 
ATOM   661 C  CG2 . VAL A 1 84 ? -7.57031  -2.84116  3.88687   1.000 12.09000 ? 83  VAL A CG2 1 
ATOM   662 N  N   . ALA A 1 85 ? -12.05707 -4.04530  3.22133   1.000 12.86000 ? 84  ALA A N   1 
ATOM   663 C  CA  . ALA A 1 85 ? -13.15391 -4.98325  3.37492   1.000 14.16000 ? 84  ALA A CA  1 
ATOM   664 C  C   . ALA A 1 85 ? -12.65827 -6.32202  2.85122   1.000 14.18000 ? 84  ALA A C   1 
ATOM   665 O  O   . ALA A 1 85 ? -11.94436 -7.04378  3.58022   1.000 16.03000 ? 84  ALA A O   1 
ATOM   666 C  CB  . ALA A 1 85 ? -14.42566 -4.43796  2.70754   1.000 16.15000 ? 84  ALA A CB  1 
ATOM   667 N  N   . GLU A 1 86 ? -12.96711 -6.69897  1.61761   1.000 16.68000 ? 85  GLU A N   1 
ATOM   668 C  CA  . GLU A 1 86 ? -12.46034 -7.95276  1.08970   1.000 16.06000 ? 85  GLU A CA  1 
ATOM   669 C  C   . GLU A 1 86 ? -10.93890 -7.87065  0.94936   1.000 11.31000 ? 85  GLU A C   1 
ATOM   670 O  O   . GLU A 1 86 ? -10.37611 -6.77562  0.84073   1.000 12.58000 ? 85  GLU A O   1 
ATOM   671 C  CB  . GLU A 1 86 ? -13.10608 -8.25213  -0.26296  1.000 21.43000 ? 85  GLU A CB  1 
ATOM   672 C  CG  . GLU A 1 86 ? -12.60911 -7.38244  -1.40473  1.000 24.94000 ? 85  GLU A CG  1 
ATOM   673 C  CD  . GLU A 1 86 ? -13.06712 -7.86833  -2.77600  1.000 28.23000 ? 85  GLU A CD  1 
ATOM   674 O  OE1 . GLU A 1 86 ? -13.27010 -9.08947  -2.95907  1.000 29.24000 ? 85  GLU A OE1 1 
ATOM   675 O  OE2 . GLU A 1 86 ? -13.22264 -7.01730  -3.67725  1.000 28.33000 ? 85  GLU A OE2 1 
ATOM   676 N  N   . PRO A 1 87 ? -10.24747 -9.01194  0.98685   1.000 10.46000 ? 86  PRO A N   1 
ATOM   677 C  CA  . PRO A 1 87 ? -8.78929  -8.99360  0.79906   1.000 11.51000 ? 86  PRO A CA  1 
ATOM   678 C  C   . PRO A 1 87 ? -8.41809  -8.22977  -0.45890  1.000 10.37000 ? 86  PRO A C   1 
ATOM   679 O  O   . PRO A 1 87 ? -9.05596  -8.37567  -1.50324  1.000 11.40000 ? 86  PRO A O   1 
ATOM   680 C  CB  . PRO A 1 87 ? -8.42311  -10.47766 0.68370   1.000 12.17000 ? 86  PRO A CB  1 
ATOM   681 C  CG  . PRO A 1 87 ? -9.50068  -11.16732 1.49525   1.000 14.20000 ? 86  PRO A CG  1 
ATOM   682 C  CD  . PRO A 1 87 ? -10.75619 -10.38017 1.21464   1.000 13.15000 ? 86  PRO A CD  1 
ATOM   683 N  N   . THR A 1 88 ? -7.38537  -7.39813  -0.33669  1.000 9.39000  ? 87  THR A N   1 
ATOM   684 C  CA  . THR A 1 88 ? -7.02357  -6.41420  -1.34260  1.000 9.13000  ? 87  THR A CA  1 
ATOM   685 C  C   . THR A 1 88 ? -5.52613  -6.51402  -1.59009  1.000 9.91000  ? 87  THR A C   1 
ATOM   686 O  O   . THR A 1 88 ? -4.72759  -6.43519  -0.64790  1.000 10.84000 ? 87  THR A O   1 
ATOM   687 C  CB  . THR A 1 88 ? -7.42585  -5.01933  -0.85060  1.000 9.96000  ? 87  THR A CB  1 
ATOM   688 O  OG1 . THR A 1 88 ? -8.86255  -4.95456  -0.79544  1.000 10.32000 ? 87  THR A OG1 1 
ATOM   689 C  CG2 . THR A 1 88 ? -6.90343  -3.91199  -1.77508  1.000 10.78000 ? 87  THR A CG2 1 
ATOM   690 N  N   . SER A 1 89 ? -5.14661  -6.71142  -2.84603  1.000 9.23000  ? 88  SER A N   1 
ATOM   691 C  CA  . SER A 1 89 ? -3.74379  -6.80074  -3.22429  1.000 8.95000  ? 88  SER A CA  1 
ATOM   692 C  C   . SER A 1 89 ? -3.26764  -5.48052  -3.81094  1.000 9.22000  ? 88  SER A C   1 
ATOM   693 O  O   . SER A 1 89 ? -4.05266  -4.71724  -4.38552  1.000 9.74000  ? 88  SER A O   1 
ATOM   694 C  CB  . SER A 1 89 ? -3.49833  -7.95107  -4.20939  1.000 10.03000 ? 88  SER A CB  1 
ATOM   695 O  OG  . SER A 1 89 ? -4.18396  -7.77043  -5.43926  1.000 10.84000 ? 88  SER A OG  1 
ATOM   696 N  N   . TYR A 1 90 ? -1.96977  -5.20720  -3.65627  1.000 9.22000  ? 89  TYR A N   1 
ATOM   697 C  CA  . TYR A 1 90 ? -1.44928  -3.88921  -4.00158  1.000 8.67000  ? 89  TYR A CA  1 
ATOM   698 C  C   . TYR A 1 90 ? 0.01522   -3.98458  -4.40293  1.000 9.34000  ? 89  TYR A C   1 
ATOM   699 O  O   . TYR A 1 90 ? 0.71949   -4.93700  -4.05115  1.000 9.63000  ? 89  TYR A O   1 
ATOM   700 C  CB  . TYR A 1 90 ? -1.59767  -2.90897  -2.82611  1.000 10.21000 ? 89  TYR A CB  1 
ATOM   701 C  CG  . TYR A 1 90 ? -0.80292  -3.37337  -1.61987  1.000 9.82000  ? 89  TYR A CG  1 
ATOM   702 C  CD1 . TYR A 1 90 ? -1.34258  -4.28565  -0.71686  1.000 12.49000 ? 89  TYR A CD1 1 
ATOM   703 C  CD2 . TYR A 1 90 ? 0.51632   -2.96012  -1.42196  1.000 11.86000 ? 89  TYR A CD2 1 
ATOM   704 C  CE1 . TYR A 1 90 ? -0.60284  -4.74481  0.36277   1.000 12.33000 ? 89  TYR A CE1 1 
ATOM   705 C  CE2 . TYR A 1 90 ? 1.26315   -3.42153  -0.35043  1.000 13.86000 ? 89  TYR A CE2 1 
ATOM   706 C  CZ  . TYR A 1 90 ? 0.69352   -4.31820  0.53571   1.000 11.32000 ? 89  TYR A CZ  1 
ATOM   707 O  OH  . TYR A 1 90 ? 1.42146   -4.79305  1.60815   1.000 14.83000 ? 89  TYR A OH  1 
ATOM   708 N  N   . LEU A 1 91 ? 0.46160   -2.96362  -5.13534  1.000 9.34000  ? 90  LEU A N   1 
ATOM   709 C  CA  . LEU A 1 91 ? 1.87243   -2.69159  -5.37678  1.000 9.66000  ? 90  LEU A CA  1 
ATOM   710 C  C   . LEU A 1 91 ? 2.19877   -1.36664  -4.70915  1.000 10.80000 ? 90  LEU A C   1 
ATOM   711 O  O   . LEU A 1 91 ? 1.46350   -0.38732  -4.87979  1.000 11.47000 ? 90  LEU A O   1 
ATOM   712 C  CB  . LEU A 1 91 ? 2.13353   -2.56329  -6.87652  1.000 10.67000 ? 90  LEU A CB  1 
ATOM   713 C  CG  . LEU A 1 91 ? 3.50967   -2.02827  -7.28015  1.000 12.22000 ? 90  LEU A CG  1 
ATOM   714 C  CD1 . LEU A 1 91 ? 4.58015   -3.06076  -7.04193  1.000 16.60000 ? 90  LEU A CD1 1 
ATOM   715 C  CD2 . LEU A 1 91 ? 3.51734   -1.60008  -8.74261  1.000 15.71000 ? 90  LEU A CD2 1 
ATOM   716 N  N   . CYS A 1 92 ? 3.27027   -1.33964  -3.92357  1.000 10.40000 ? 91  CYS A N   1 
ATOM   717 C  CA  . CYS A 1 92 ? 3.73951   -0.12616  -3.27125  1.000 10.72000 ? 91  CYS A CA  1 
ATOM   718 C  C   . CYS A 1 92 ? 5.16110   0.14558   -3.73634  1.000 10.69000 ? 91  CYS A C   1 
ATOM   719 O  O   . CYS A 1 92 ? 6.02253   -0.73155  -3.62982  1.000 12.61000 ? 91  CYS A O   1 
ATOM   720 C  CB  . CYS A 1 92 ? 3.74338   -0.30245  -1.75155  1.000 10.84000 ? 91  CYS A CB  1 
ATOM   721 S  SG  . CYS A 1 92 ? 4.16065   1.18912   -0.84765  1.000 15.40000 ? 91  CYS A SG  1 
ATOM   722 N  N   . ARG A 1 93 ? 5.41317   1.34546   -4.25296  1.000 10.52000 ? 92  ARG A N   1 
ATOM   723 C  CA  . ARG A 1 93 ? 6.75647   1.75035   -4.66805  1.000 9.99000  ? 92  ARG A CA  1 
ATOM   724 C  C   . ARG A 1 93 ? 7.27478   2.84527   -3.74462  1.000 11.88000 ? 92  ARG A C   1 
ATOM   725 O  O   . ARG A 1 93 ? 6.54473   3.79066   -3.42778  1.000 11.87000 ? 92  ARG A O   1 
ATOM   726 C  CB  . ARG A 1 93 ? 6.75986   2.24458   -6.11551  1.000 12.74000 ? 92  ARG A CB  1 
ATOM   727 C  CG  . ARG A 1 93 ? 6.31622   1.18247   -7.09140  1.000 13.92000 ? 92  ARG A CG  1 
ATOM   728 C  CD  . ARG A 1 93 ? 6.70585   1.48382   -8.52704  1.000 17.98000 ? 92  ARG A CD  1 
ATOM   729 N  NE  . ARG A 1 93 ? 6.18294   2.74630   -9.01492  1.000 25.46000 ? 92  ARG A NE  1 
ATOM   730 C  CZ  . ARG A 1 93 ? 6.93852   3.76653   -9.41143  1.000 21.71000 ? 92  ARG A CZ  1 
ATOM   731 N  NH1 . ARG A 1 93 ? 6.36242   4.87196   -9.85307  1.000 21.16000 ? 92  ARG A NH1 1 
ATOM   732 N  NH2 . ARG A 1 93 ? 8.26031   3.68588   -9.36041  1.000 24.03000 ? 92  ARG A NH2 1 
ATOM   733 N  N   . TYR A 1 94 ? 8.52703   2.71009   -3.30664  1.000 11.54000 ? 93  TYR A N   1 
ATOM   734 C  CA  . TYR A 1 94 ? 9.17050   3.67625   -2.41292  1.000 11.79000 ? 93  TYR A CA  1 
ATOM   735 C  C   . TYR A 1 94 ? 9.95050   4.63343   -3.29923  1.000 12.61000 ? 93  TYR A C   1 
ATOM   736 O  O   . TYR A 1 94 ? 10.98436  4.27470   -3.86620  1.000 15.34000 ? 93  TYR A O   1 
ATOM   737 C  CB  . TYR A 1 94 ? 10.04013  2.94903   -1.38397  1.000 13.32000 ? 93  TYR A CB  1 
ATOM   738 C  CG  . TYR A 1 94 ? 9.24125   1.84384   -0.74013  1.000 11.36000 ? 93  TYR A CG  1 
ATOM   739 C  CD1 . TYR A 1 94 ? 8.25949   2.13368   0.20304   1.000 12.00000 ? 93  TYR A CD1 1 
ATOM   740 C  CD2 . TYR A 1 94 ? 9.40401   0.52159   -1.13128  1.000 12.03000 ? 93  TYR A CD2 1 
ATOM   741 C  CE1 . TYR A 1 94 ? 7.47595   1.13386   0.75982   1.000 12.22000 ? 93  TYR A CE1 1 
ATOM   742 C  CE2 . TYR A 1 94 ? 8.62855   -0.48974  -0.57224  1.000 10.84000 ? 93  TYR A CE2 1 
ATOM   743 C  CZ  . TYR A 1 94 ? 7.66118   -0.17371  0.35733   1.000 11.33000 ? 93  TYR A CZ  1 
ATOM   744 O  OH  . TYR A 1 94 ? 6.88329   -1.18112  0.89106   1.000 13.45000 ? 93  TYR A OH  1 
ATOM   745 N  N   . LEU A 1 95 ? 9.42001   5.83758   -3.46855  1.000 14.47000 ? 94  LEU A N   1 
ATOM   746 C  CA  . LEU A 1 95 ? 9.89376   6.74023   -4.51196  1.000 13.48000 ? 94  LEU A CA  1 
ATOM   747 C  C   . LEU A 1 95 ? 11.14947  7.50940   -4.12341  1.000 17.58000 ? 94  LEU A C   1 
ATOM   748 O  O   . LEU A 1 95 ? 11.47730  7.65651   -2.94560  1.000 17.53000 ? 94  LEU A O   1 
ATOM   749 C  CB  . LEU A 1 95 ? 8.78814   7.72511   -4.89243  1.000 14.97000 ? 94  LEU A CB  1 
ATOM   750 C  CG  . LEU A 1 95 ? 7.47347   7.10980   -5.36855  1.000 15.67000 ? 94  LEU A CG  1 
ATOM   751 C  CD1 . LEU A 1 95 ? 6.46634   8.20960   -5.68909  1.000 17.82000 ? 94  LEU A CD1 1 
ATOM   752 C  CD2 . LEU A 1 95 ? 7.72843   6.23096   -6.57803  1.000 17.28000 ? 94  LEU A CD2 1 
ATOM   753 O  OXT . LEU A 1 95 ? 11.85559  8.01243   -5.00586  1.000 21.46000 ? 94  LEU A OXT 1 
HETATM 754 O  O   . HOH B 2 .  ? 15.94836  -14.22673 0.59935   1.000 25.55000 ? 101 HOH A O   1 
HETATM 755 O  O   . HOH B 2 .  ? -14.02335 -4.82051  -3.60812  1.000 29.34000 ? 102 HOH A O   1 
HETATM 756 O  O   . HOH B 2 .  ? 3.70126   5.67379   -11.89923 1.000 35.95000 ? 103 HOH A O   1 
HETATM 757 O  O   . HOH B 2 .  ? 3.21595   1.95984   3.54531   1.000 20.92000 ? 104 HOH A O   1 
HETATM 758 O  O   . HOH B 2 .  ? -5.67671  16.40663  7.23280   1.000 31.29000 ? 105 HOH A O   1 
HETATM 759 O  O   . HOH B 2 .  ? -2.45012  10.89358  10.85255  1.000 34.11000 ? 106 HOH A O   1 
HETATM 760 O  O   . HOH B 2 .  ? 12.85559  9.73459   -2.14887  1.000 31.85000 ? 107 HOH A O   1 
HETATM 761 O  O   . HOH B 2 .  ? -5.26594  9.93914   -6.30112  1.000 19.87000 ? 108 HOH A O   1 
HETATM 762 O  O   . HOH B 2 .  ? -17.62594 0.37428   -8.16373  1.000 17.50000 ? 109 HOH A O   1 
HETATM 763 O  O   . HOH B 2 .  ? 11.72610  -11.95718 5.46435   1.000 21.45000 ? 110 HOH A O   1 
HETATM 764 O  O   . HOH B 2 .  ? -1.13389  12.69017  -2.15177  1.000 29.56000 ? 111 HOH A O   1 
HETATM 765 O  O   . HOH B 2 .  ? 10.21804  -9.10519  6.92122   1.000 17.11000 ? 112 HOH A O   1 
HETATM 766 O  O   . HOH B 2 .  ? 10.44592  3.44587   -6.41143  1.000 20.13000 ? 113 HOH A O   1 
HETATM 767 O  O   . HOH B 2 .  ? -9.03172  18.50666  7.06883   1.000 24.33000 ? 114 HOH A O   1 
HETATM 768 O  O   . HOH B 2 .  ? 6.00378   -4.30451  2.62249   1.000 17.27000 ? 115 HOH A O   1 
HETATM 769 O  O   . HOH B 2 .  ? 13.30517  3.10879   -4.49605  1.000 18.30000 ? 116 HOH A O   1 
HETATM 770 O  O   . HOH B 2 .  ? -8.95015  -8.86036  -4.17366  1.000 12.43000 ? 117 HOH A O   1 
HETATM 771 O  O   . HOH B 2 .  ? 1.50262   2.21170   12.17721  1.000 23.61000 ? 118 HOH A O   1 
HETATM 772 O  O   . HOH B 2 .  ? -9.52342  14.12700  7.53700   1.000 15.21000 ? 119 HOH A O   1 
HETATM 773 O  O   . HOH B 2 .  ? 15.00702  -7.56304  -5.69210  1.000 14.21000 ? 120 HOH A O   1 
HETATM 774 O  O   . HOH B 2 .  ? -13.40920 -0.27967  8.43853   1.000 34.65000 ? 121 HOH A O   1 
HETATM 775 O  O   . HOH B 2 .  ? 3.48215   -3.30477  2.51545   1.000 22.66000 ? 122 HOH A O   1 
HETATM 776 O  O   . HOH B 2 .  ? 0.78630   1.43721   -11.23846 1.000 24.74000 ? 123 HOH A O   1 
HETATM 777 O  O   . HOH B 2 .  ? -15.18083 9.05414   -0.40002  1.000 13.69000 ? 124 HOH A O   1 
HETATM 778 O  O   . HOH B 2 .  ? -16.94071 16.45280  0.95079   1.000 21.06000 ? 125 HOH A O   1 
HETATM 779 O  O   . HOH B 2 .  ? -5.94282  3.10913   11.50829  1.000 21.29000 ? 126 HOH A O   1 
HETATM 780 O  O   . HOH B 2 .  ? -12.26462 -3.24176  -7.21274  1.000 18.99000 ? 127 HOH A O   1 
HETATM 781 O  O   . HOH B 2 .  ? 2.28237   4.87886   12.30859  1.000 32.21000 ? 128 HOH A O   1 
HETATM 782 O  O   . HOH B 2 .  ? 2.42280   1.54346   -7.28737  1.000 13.21000 ? 129 HOH A O   1 
HETATM 783 O  O   . HOH B 2 .  ? 11.48011  7.56701   -7.69277  1.000 29.72000 ? 130 HOH A O   1 
HETATM 784 O  O   . HOH B 2 .  ? -12.03991 -1.45064  -10.80260 1.000 27.68000 ? 131 HOH A O   1 
HETATM 785 O  O   . HOH B 2 .  ? 16.95063  -2.19024  -8.39231  1.000 24.69000 ? 132 HOH A O   1 
HETATM 786 O  O   . HOH B 2 .  ? 17.43737  -14.45555 -5.31119  1.000 26.90000 ? 133 HOH A O   1 
HETATM 787 O  O   . HOH B 2 .  ? -14.87162 6.97976   1.48161   1.000 12.36000 ? 134 HOH A O   1 
HETATM 788 O  O   . HOH B 2 .  ? -9.57934  -6.43755  11.34849  1.000 33.53000 ? 135 HOH A O   1 
HETATM 789 O  O   . HOH B 2 .  ? -11.96996 3.94958   -7.17099  1.000 13.47000 ? 136 HOH A O   1 
HETATM 790 O  O   . HOH B 2 .  ? -11.56304 -4.13657  0.44850   1.000 12.29000 ? 137 HOH A O   1 
HETATM 791 O  O   . HOH B 2 .  ? 8.28584   4.98911   2.67786   1.000 13.66000 ? 138 HOH A O   1 
HETATM 792 O  O   . HOH B 2 .  ? -7.53441  12.33411  2.36773   1.000 14.19000 ? 139 HOH A O   1 
HETATM 793 O  O   . HOH B 2 .  ? 7.28874   1.82932   -12.28786 1.000 30.75000 ? 140 HOH A O   1 
HETATM 794 O  O   . HOH B 2 .  ? -1.31847  10.93506  -7.28030  1.000 26.91000 ? 141 HOH A O   1 
HETATM 795 O  O   . HOH B 2 .  ? -4.26513  10.03302  7.13739   1.000 20.34000 ? 142 HOH A O   1 
HETATM 796 O  O   . HOH B 2 .  ? 7.57214   -2.42545  -14.73221 1.000 18.86000 ? 143 HOH A O   1 
HETATM 797 O  O   . HOH B 2 .  ? 6.56553   2.72854   5.09460   1.000 13.83000 ? 144 HOH A O   1 
HETATM 798 O  O   . HOH B 2 .  ? -10.46382 1.91000   -10.45800 1.000 27.36000 ? 145 HOH A O   1 
HETATM 799 O  O   . HOH B 2 .  ? 15.07474  2.22320   -10.46452 1.000 26.39000 ? 146 HOH A O   1 
HETATM 800 O  O   . HOH B 2 .  ? -15.62902 15.60480  4.67617   1.000 20.01000 ? 147 HOH A O   1 
HETATM 801 O  O   . HOH B 2 .  ? -9.70875  -9.47815  9.29857   1.000 21.66000 ? 148 HOH A O   1 
HETATM 802 O  O   . HOH B 2 .  ? 7.43098   -6.64832  10.27895  1.000 15.18000 ? 149 HOH A O   1 
HETATM 803 O  O   . HOH B 2 .  ? -9.67593  13.79088  -0.19730  1.000 12.94000 ? 150 HOH A O   1 
HETATM 804 O  O   . HOH B 2 .  ? 3.97175   8.25875   -8.58305  1.000 26.66000 ? 151 HOH A O   1 
HETATM 805 O  O   . HOH B 2 .  ? -14.68685 7.75411   -2.73946  1.000 13.01000 ? 152 HOH A O   1 
HETATM 806 O  O   . HOH B 2 .  ? 13.69092  4.05989   4.07288   1.000 18.28000 ? 153 HOH A O   1 
HETATM 807 O  O   . HOH B 2 .  ? -2.83200  8.81234   -9.30818  1.000 29.22000 ? 154 HOH A O   1 
HETATM 808 O  O   . HOH B 2 .  ? 10.18592  2.69064   -14.98961 1.000 40.67000 ? 155 HOH A O   1 
HETATM 809 O  O   . HOH B 2 .  ? 2.70174   -16.50600 6.04182   1.000 16.87000 ? 156 HOH A O   1 
HETATM 810 O  O   . HOH B 2 .  ? 16.30566  -4.63932  -12.29780 1.000 24.25000 ? 157 HOH A O   1 
HETATM 811 O  O   . HOH B 2 .  ? 1.47675   8.10268   -9.64406  1.000 27.20000 ? 158 HOH A O   1 
HETATM 812 O  O   . HOH B 2 .  ? 3.42634   2.08958   -11.27199 1.000 24.42000 ? 159 HOH A O   1 
HETATM 813 O  O   . HOH B 2 .  ? -4.20706  -11.63127 12.95422  1.000 34.99000 ? 160 HOH A O   1 
HETATM 814 O  O   . HOH B 2 .  ? -10.75774 -9.78911  4.48859   1.000 18.43000 ? 161 HOH A O   1 
HETATM 815 O  O   . HOH B 2 .  ? -5.69246  -4.14068  -11.50727 1.000 21.43000 ? 162 HOH A O   1 
HETATM 816 O  O   . HOH B 2 .  ? -10.50730 5.66952   -8.79659  1.000 16.18000 ? 163 HOH A O   1 
HETATM 817 O  O   . HOH B 2 .  ? -0.01905  -15.00160 9.96489   1.000 24.69000 ? 164 HOH A O   1 
HETATM 818 O  O   . HOH B 2 .  ? 6.85723   8.97839   9.13395   1.000 29.76000 ? 165 HOH A O   1 
HETATM 819 O  O   . HOH B 2 .  ? -13.22809 -10.70044 6.14626   1.000 33.31000 ? 166 HOH A O   1 
HETATM 820 O  O   . HOH B 2 .  ? 9.51064   8.09494   8.62960   1.000 28.00000 ? 167 HOH A O   1 
HETATM 821 O  O   . HOH B 2 .  ? -8.41889  -7.06261  -10.11241 1.000 22.07000 ? 168 HOH A O   1 
HETATM 822 O  O   . HOH B 2 .  ? -13.06380 -2.60265  7.66135   1.000 30.52000 ? 169 HOH A O   1 
HETATM 823 O  O   . HOH B 2 .  ? -3.47111  4.82825   14.73996  1.000 34.40000 ? 170 HOH A O   1 
HETATM 824 O  O   . HOH B 2 .  ? -2.76574  10.52257  -5.19056  1.000 15.47000 ? 171 HOH A O   1 
HETATM 825 O  O   . HOH B 2 .  ? -4.31552  -1.88916  12.82329  1.000 31.46000 ? 172 HOH A O   1 
HETATM 826 O  O   . HOH B 2 .  ? -4.15125  -12.96658 8.34676   1.000 31.35000 ? 173 HOH A O   1 
HETATM 827 O  O   . HOH B 2 .  ? 3.59272   -16.35576 10.16753  1.000 44.50000 ? 174 HOH A O   1 
HETATM 828 O  O   . HOH B 2 .  ? -6.72917  13.95151  6.65806   1.000 19.11000 ? 175 HOH A O   1 
HETATM 829 O  O   . HOH B 2 .  ? 6.92426   14.03973  -0.05970  1.000 26.14000 ? 176 HOH A O   1 
HETATM 830 O  O   . HOH B 2 .  ? 8.17644   -9.73890  8.57929   1.000 17.39000 ? 177 HOH A O   1 
HETATM 831 O  O   . HOH B 2 .  ? -7.57311  3.39387   9.24291   1.000 15.76000 ? 178 HOH A O   1 
HETATM 832 O  O   . HOH B 2 .  ? -6.10106  6.22637   -10.23676 1.000 21.31000 ? 179 HOH A O   1 
HETATM 833 O  O   . HOH B 2 .  ? 18.49212  -12.45015 -9.20319  1.000 26.30000 ? 180 HOH A O   1 
HETATM 834 O  O   . HOH B 2 .  ? 13.77697  5.22378   -3.98275  1.000 30.58000 ? 181 HOH A O   1 
HETATM 835 O  O   . HOH B 2 .  ? -10.09922 3.98704   10.19248  1.000 17.84000 ? 182 HOH A O   1 
HETATM 836 O  O   . HOH B 2 .  ? -7.77644  9.74987   -0.44412  1.000 20.47000 ? 183 HOH A O   1 
HETATM 837 O  O   . HOH B 2 .  ? 20.65162  -12.08756 -4.84522  1.000 30.80000 ? 184 HOH A O   1 
HETATM 838 O  O   . HOH B 2 .  ? 1.42582   12.92872  8.53966   1.000 25.42000 ? 185 HOH A O   1 
HETATM 839 O  O   . HOH B 2 .  ? 2.83986   -7.42164  14.08646  1.000 29.21000 ? 186 HOH A O   1 
HETATM 840 O  O   . HOH B 2 .  ? 10.95029  11.43945  2.08709   1.000 30.46000 ? 187 HOH A O   1 
HETATM 841 O  O   . HOH B 2 .  ? 4.76135   -8.39539  12.30063  1.000 29.95000 ? 188 HOH A O   1 
HETATM 842 O  O   . HOH B 2 .  ? 16.34896  -13.40399 -1.81902  1.000 19.97000 ? 189 HOH A O   1 
HETATM 843 O  O   . HOH B 2 .  ? -2.88547  0.55249   12.73600  1.000 22.42000 ? 190 HOH A O   1 
HETATM 844 O  O   . HOH B 2 .  ? -3.82475  7.10469   14.02466  1.000 36.24000 ? 191 HOH A O   1 
HETATM 845 O  O   . HOH B 2 .  ? 4.25991   9.80891   -3.54966  1.000 20.86000 ? 192 HOH A O   1 
HETATM 846 O  O   . HOH B 2 .  ? -14.69253 3.29085   10.86428  1.000 39.08000 ? 193 HOH A O   1 
HETATM 847 O  O   . HOH B 2 .  ? -3.43605  -0.07350  -12.77428 1.000 31.17000 ? 194 HOH A O   1 
HETATM 848 O  O   . HOH B 2 .  ? 3.53002   -4.35996  12.08660  1.000 21.85000 ? 195 HOH A O   1 
HETATM 849 O  O   . HOH B 2 .  ? -7.93061  -3.80820  12.05410  1.000 27.41000 ? 196 HOH A O   1 
HETATM 850 O  O   . HOH B 2 .  ? 2.90713   -9.47904  11.90092  1.000 30.36000 ? 197 HOH A O   1 
HETATM 851 O  O   . HOH B 2 .  ? -5.10605  -3.98987  12.93259  1.000 40.72000 ? 198 HOH A O   1 
HETATM 852 O  O   . HOH B 2 .  ? 7.27287   -13.89369 6.46595   1.000 32.93000 ? 199 HOH A O   1 
HETATM 853 O  O   . HOH B 2 .  ? -3.88929  -2.49354  -11.14075 1.000 26.92000 ? 200 HOH A O   1 
HETATM 854 O  O   . HOH B 2 .  ? -8.62069  5.60181   -10.99429 1.000 25.31000 ? 201 HOH A O   1 
HETATM 855 O  O   . HOH B 2 .  ? 12.64119  -15.12031 4.76992   1.000 36.77000 ? 202 HOH A O   1 
HETATM 856 O  O   . HOH B 2 .  ? 16.03992  0.95476   -6.28712  1.000 28.84000 ? 203 HOH A O   1 
HETATM 857 O  O   . HOH B 2 .  ? 20.94065  -8.51530  -5.02123  1.000 29.37000 ? 204 HOH A O   1 
HETATM 858 O  O   . HOH B 2 .  ? -1.50805  13.97868  1.17044   1.000 29.77000 ? 205 HOH A O   1 
HETATM 859 O  O   . HOH B 2 .  ? -6.49463  18.18789  5.63579   1.000 32.06000 ? 206 HOH A O   1 
HETATM 860 O  O   . HOH B 2 .  ? 11.81559  8.10369   8.16403   1.000 33.72000 ? 207 HOH A O   1 
HETATM 861 O  O   . HOH B 2 .  ? -8.99723  3.04050   -12.21375 1.000 34.07000 ? 208 HOH A O   1 
HETATM 862 O  O   . HOH B 2 .  ? 19.06342  -13.00499 -2.35674  1.000 19.48000 ? 209 HOH A O   1 
HETATM 863 O  O   . HOH B 2 .  ? -7.22641  12.55237  -0.48187  1.000 15.64000 ? 210 HOH A O   1 
HETATM 864 O  O   . HOH B 2 .  ? -4.71518  -6.09417  -12.25042 1.000 31.65000 ? 211 HOH A O   1 
HETATM 865 O  O   . HOH B 2 .  ? 13.84886  8.86628   4.39092   1.000 31.73000 ? 212 HOH A O   1 
HETATM 866 O  O   . HOH B 2 .  ? -13.72522 -10.07665 4.00813   1.000 34.27000 ? 213 HOH A O   1 
HETATM 867 O  O   . HOH B 2 .  ? 8.17164   -12.63721 8.12143   1.000 29.31000 ? 214 HOH A O   1 
HETATM 868 O  O   . HOH B 2 .  ? 16.67971  0.74458   -8.85237  1.000 29.15000 ? 215 HOH A O   1 
HETATM 869 O  O   . HOH B 2 .  ? -12.06209 -8.82189  10.55193  1.000 33.07000 ? 216 HOH A O   1 
HETATM 870 O  O   . HOH B 2 .  ? 5.41538   0.23880   -11.56744 1.000 23.48000 ? 217 HOH A O   1 
HETATM 871 O  O   . HOH B 2 .  ? 5.08915   9.89204   10.30578  1.000 36.15000 ? 218 HOH A O   1 
HETATM 872 O  O   . HOH B 2 .  ? 11.54272  4.91064   -8.20416  1.000 29.74000 ? 219 HOH A O   1 
HETATM 873 O  O   . HOH B 2 .  ? 17.61602  -4.23538  -10.28059 1.000 31.60000 ? 220 HOH A O   1 
HETATM 874 O  O   . HOH B 2 .  ? -8.07499  -3.51658  -12.78898 1.000 31.55000 ? 221 HOH A O   1 
HETATM 875 O  O   . HOH B 2 .  ? -13.90473 -4.14610  -1.03563  1.000 20.34000 ? 222 HOH A O   1 
HETATM 876 O  O   . HOH B 2 .  ? -8.01496  8.46345   11.19220  1.000 34.31000 ? 223 HOH A O   1 
HETATM 877 O  O   . HOH B 2 .  ? 14.67431  6.42474   5.40191   1.000 21.77000 ? 224 HOH A O   1 
HETATM 878 O  O   . HOH B 2 .  ? 3.17349   12.87612  10.20751  1.000 35.26000 ? 225 HOH A O   1 
HETATM 879 O  O   . HOH B 2 .  ? 14.09283  4.02541   -9.47725  1.000 35.63000 ? 226 HOH A O   1 
HETATM 880 O  O   . HOH B 2 .  ? 8.53816   -8.86658  11.18290  1.000 26.81000 ? 227 HOH A O   1 
HETATM 881 O  O   . HOH B 2 .  ? -5.24837  12.26478  8.21800   1.000 21.82000 ? 228 HOH A O   1 
HETATM 882 O  O   . HOH B 2 .  ? -7.15882  4.54990   13.44422  1.000 38.41000 ? 229 HOH A O   1 
HETATM 883 O  O   . HOH B 2 .  ? -3.44342  13.88930  9.58239   1.000 36.99000 ? 230 HOH A O   1 
HETATM 884 O  O   . HOH B 2 .  ? 9.83420   13.75891  2.19575   1.000 36.27000 ? 231 HOH A O   1 
HETATM 885 O  O   . HOH B 2 .  ? -6.31315  11.52008  10.55285  1.000 31.77000 ? 232 HOH A O   1 
HETATM 886 O  O   . HOH B 2 .  ? -0.56445  1.17012   14.20418  1.000 36.38000 ? 233 HOH A O   1 
HETATM 887 O  O   . HOH B 2 .  ? 19.53645  -1.02640  -7.25067  1.000 37.04000 ? 234 HOH A O   1 
HETATM 888 O  O   . HOH B 2 .  ? 7.81928   -1.43788  -17.22183 1.000 26.14000 ? 235 HOH A O   1 
HETATM 889 O  O   . HOH B 2 .  ? 12.79281  10.54475  0.81455   1.000 32.59000 ? 236 HOH A O   1 
HETATM 890 O  O   . HOH B 2 .  ? 0.81850   0.56603   2.59472   1.000 25.77000 ? 237 HOH A O   1 
HETATM 891 O  O   . HOH B 2 .  ? -0.84772  8.19449   -10.95341 1.000 31.12000 ? 238 HOH A O   1 
HETATM 892 O  O   . HOH B 2 .  ? 18.66151  -15.53489 -7.02888  1.000 34.67000 ? 239 HOH A O   1 
HETATM 893 O  O   . HOH B 2 .  ? -4.29952  6.62136   -12.33119 1.000 36.16000 ? 240 HOH A O   1 
HETATM 894 O  O   . HOH B 2 .  ? 5.95193   11.71113  -4.65895  1.000 29.66000 ? 241 HOH A O   1 
HETATM 895 O  O   . HOH B 2 .  ? 10.31336  -0.58013  -17.84441 1.000 30.95000 ? 242 HOH A O   1 
HETATM 896 O  O   . HOH B 2 .  ? 6.52229   -4.43994  11.70988  1.000 20.02000 ? 243 HOH A O   1 
HETATM 897 O  O   . HOH B 2 .  ? -9.36763  16.48855  8.74393   1.000 28.62000 ? 244 HOH A O   1 
HETATM 898 O  O   . HOH B 2 .  ? -1.34859  1.20515   -13.23325 1.000 33.04000 ? 245 HOH A O   1 
HETATM 899 O  O   . HOH B 2 .  ? -9.59952  -5.59694  -12.19008 1.000 34.36000 ? 246 HOH A O   1 
HETATM 900 O  O   . HOH B 2 .  ? -10.03206 6.63437   11.29981  1.000 28.12000 ? 247 HOH A O   1 
HETATM 901 O  O   . HOH B 2 .  ? -12.13554 -4.49979  -11.54584 1.000 34.23000 ? 248 HOH A O   1 
HETATM 902 O  O   . HOH B 2 .  ? 18.06070  5.53434   -5.65485  1.000 38.00000 ? 249 HOH A O   1 
HETATM 903 O  O   . HOH B 2 .  ? -2.18726  -1.94712  -12.56146 1.000 35.88000 ? 250 HOH A O   1 
HETATM 904 O  O   . HOH B 2 .  ? 7.34074   -4.34500  14.16104  1.000 30.10000 ? 251 HOH A O   1 
# 
